data_8IAV
#
_entry.id   8IAV
#
_cell.length_a   217.032
_cell.length_b   86.789
_cell.length_c   129.857
_cell.angle_alpha   90.00
_cell.angle_beta   103.22
_cell.angle_gamma   90.00
#
_symmetry.space_group_name_H-M   'C 1 2 1'
#
loop_
_entity.id
_entity.type
_entity.pdbx_description
1 polymer 'Pyruvate kinase'
2 non-polymer 1,6-di-O-phosphono-beta-D-fructofuranose
3 water water
#
_entity_poly.entity_id   1
_entity_poly.type   'polypeptide(L)'
_entity_poly.pdbx_seq_one_letter_code
;MGSSHHHHHHSSGLVPRGSHMNKRVKIVATLGPAVEIRGGKKFGEDGYWGEKLDVEASAKNIAKLIEAGANTFRFNFSHG
DHQEQGERMATVKLAEKIAGKKVGFLLDTKGPEIRTELFEGEAKEYSYKTGEKIRVATKQGIKSTREVIALNVAGALDIY
DDVEVGRQVLVDDGKLGLRVVAKDDATREFEVEVENDGIIAKQKGVNIPNTKIPFPALAERDNDDIRFGLEQGINFIAIS
FVRTAKDVNEVRAICEETGNGHVQLFAKIENQQGIDNLDEIIEAADGIMIARGDMGIEVPFEMVPVYQKMIIKKVNAAGK
VVITATNMLETMTEKPRATRSEVSDVFNAVIDGTDATMLSGESANGKYPLESVTTMATIDKNAQALLNEYGRLDSDSFER
NSKTEVMASAVKDATSSMDIKLVVTLTKTGHTARLISKYRPNADILALTFDELTERGLMLNWGVIPMLTDAPSSTDDMFE
IAERKAVEAGLVESGDDIVIVAGVPVGEAVRTNTMRIRTVR
;
_entity_poly.pdbx_strand_id   A,B,C,D
#
loop_
_chem_comp.id
_chem_comp.type
_chem_comp.name
_chem_comp.formula
FBP D-saccharide, beta linking 1,6-di-O-phosphono-beta-D-fructofuranose 'C6 H14 O12 P2'
#
# COMPACT_ATOMS: atom_id res chain seq x y z
N MET A 21 -0.13 -29.03 -15.55
CA MET A 21 -0.98 -28.13 -14.71
C MET A 21 -1.83 -28.96 -13.74
N ASN A 22 -1.36 -29.13 -12.51
CA ASN A 22 -2.14 -29.88 -11.49
C ASN A 22 -3.26 -28.98 -10.96
N LYS A 23 -4.48 -29.48 -10.97
CA LYS A 23 -5.61 -28.77 -10.33
C LYS A 23 -5.34 -28.70 -8.82
N ARG A 24 -5.17 -27.49 -8.30
CA ARG A 24 -4.88 -27.31 -6.85
C ARG A 24 -6.18 -27.19 -6.04
N VAL A 25 -7.30 -26.91 -6.67
CA VAL A 25 -8.60 -26.81 -5.94
C VAL A 25 -9.25 -28.18 -5.99
N LYS A 26 -9.40 -28.81 -4.84
CA LYS A 26 -9.95 -30.17 -4.80
C LYS A 26 -11.45 -30.12 -5.02
N ILE A 27 -11.97 -31.27 -5.44
CA ILE A 27 -13.39 -31.49 -5.83
C ILE A 27 -13.99 -32.53 -4.89
N VAL A 28 -15.27 -32.37 -4.58
CA VAL A 28 -16.05 -33.37 -3.84
C VAL A 28 -17.17 -33.77 -4.80
N ALA A 29 -17.19 -35.02 -5.26
CA ALA A 29 -18.24 -35.53 -6.17
C ALA A 29 -19.13 -36.51 -5.41
N THR A 30 -20.40 -36.18 -5.28
CA THR A 30 -21.38 -37.07 -4.65
C THR A 30 -21.58 -38.28 -5.53
N LEU A 31 -21.60 -39.47 -4.94
CA LEU A 31 -21.87 -40.69 -5.72
C LEU A 31 -23.33 -41.08 -5.61
N GLY A 32 -23.80 -41.85 -6.60
CA GLY A 32 -25.21 -42.21 -6.69
C GLY A 32 -25.47 -43.10 -7.90
N PRO A 33 -26.76 -43.39 -8.17
CA PRO A 33 -27.10 -44.31 -9.25
C PRO A 33 -26.60 -43.89 -10.63
N ALA A 34 -26.29 -42.61 -10.84
CA ALA A 34 -26.00 -42.08 -12.19
C ALA A 34 -24.76 -42.76 -12.78
N VAL A 35 -23.80 -43.13 -11.97
CA VAL A 35 -22.57 -43.77 -12.50
C VAL A 35 -22.69 -45.29 -12.43
N GLU A 36 -23.74 -45.80 -11.77
CA GLU A 36 -23.84 -47.23 -11.40
C GLU A 36 -24.52 -48.02 -12.51
N ILE A 37 -23.84 -49.05 -13.01
CA ILE A 37 -24.41 -49.94 -14.06
C ILE A 37 -25.15 -51.10 -13.38
N ARG A 38 -26.38 -51.35 -13.81
CA ARG A 38 -27.18 -52.49 -13.30
C ARG A 38 -27.62 -53.33 -14.49
N GLY A 39 -26.78 -54.28 -14.90
CA GLY A 39 -27.06 -55.20 -16.02
C GLY A 39 -27.06 -54.50 -17.37
N GLY A 40 -25.90 -53.98 -17.78
CA GLY A 40 -25.73 -53.29 -19.08
C GLY A 40 -26.49 -51.98 -19.16
N LYS A 41 -27.46 -51.75 -18.27
CA LYS A 41 -28.35 -50.57 -18.34
C LYS A 41 -27.77 -49.41 -17.52
N LYS A 42 -27.85 -48.22 -18.09
CA LYS A 42 -27.46 -46.96 -17.42
C LYS A 42 -28.64 -46.47 -16.57
N PHE A 43 -28.40 -45.46 -15.75
CA PHE A 43 -29.44 -44.96 -14.81
C PHE A 43 -30.60 -44.38 -15.62
N GLY A 44 -31.81 -44.88 -15.36
CA GLY A 44 -33.05 -44.34 -15.94
C GLY A 44 -33.61 -45.21 -17.05
N GLU A 45 -32.76 -45.99 -17.73
CA GLU A 45 -33.25 -46.96 -18.75
C GLU A 45 -34.30 -47.86 -18.09
N ASP A 46 -35.42 -48.08 -18.77
CA ASP A 46 -36.63 -48.69 -18.17
C ASP A 46 -36.32 -50.10 -17.66
N GLY A 47 -36.54 -50.31 -16.37
CA GLY A 47 -36.23 -51.58 -15.69
C GLY A 47 -34.79 -51.61 -15.23
N TYR A 48 -34.32 -50.53 -14.61
CA TYR A 48 -32.91 -50.42 -14.15
C TYR A 48 -32.79 -50.82 -12.68
N TRP A 49 -33.82 -50.57 -11.87
CA TRP A 49 -33.80 -50.89 -10.43
C TRP A 49 -34.12 -52.37 -10.25
N GLY A 50 -34.02 -52.88 -9.02
CA GLY A 50 -34.15 -54.32 -8.74
C GLY A 50 -33.47 -55.14 -9.83
N GLU A 51 -32.19 -54.87 -10.05
CA GLU A 51 -31.32 -55.63 -10.99
C GLU A 51 -30.04 -56.02 -10.26
N LYS A 52 -29.00 -56.40 -11.00
CA LYS A 52 -27.72 -56.80 -10.34
C LYS A 52 -26.66 -55.71 -10.49
N LEU A 53 -26.22 -55.10 -9.39
CA LEU A 53 -25.13 -54.09 -9.51
C LEU A 53 -23.93 -54.75 -10.21
N ASP A 54 -23.60 -54.28 -11.41
CA ASP A 54 -22.39 -54.72 -12.14
C ASP A 54 -21.20 -53.97 -11.56
N VAL A 55 -20.67 -54.47 -10.45
CA VAL A 55 -19.74 -53.66 -9.61
C VAL A 55 -18.47 -53.36 -10.39
N GLU A 56 -17.95 -54.29 -11.18
CA GLU A 56 -16.67 -54.02 -11.86
C GLU A 56 -16.91 -53.04 -13.02
N ALA A 57 -18.10 -53.04 -13.60
CA ALA A 57 -18.44 -52.05 -14.65
C ALA A 57 -18.58 -50.68 -13.98
N SER A 58 -19.38 -50.59 -12.91
CA SER A 58 -19.57 -49.35 -12.13
C SER A 58 -18.22 -48.85 -11.62
N ALA A 59 -17.27 -49.73 -11.33
CA ALA A 59 -15.98 -49.35 -10.71
C ALA A 59 -15.13 -48.56 -11.72
N LYS A 60 -15.20 -48.84 -13.01
CA LYS A 60 -14.36 -48.08 -13.97
C LYS A 60 -15.14 -46.86 -14.50
N ASN A 61 -16.46 -46.82 -14.32
CA ASN A 61 -17.21 -45.55 -14.41
C ASN A 61 -16.70 -44.60 -13.32
N ILE A 62 -16.80 -45.03 -12.08
CA ILE A 62 -16.27 -44.26 -10.93
C ILE A 62 -14.80 -43.95 -11.18
N ALA A 63 -14.03 -44.91 -11.69
CA ALA A 63 -12.57 -44.75 -11.85
C ALA A 63 -12.28 -43.58 -12.80
N LYS A 64 -13.22 -43.23 -13.65
CA LYS A 64 -12.94 -42.16 -14.64
C LYS A 64 -13.26 -40.80 -14.02
N LEU A 65 -14.31 -40.71 -13.21
CA LEU A 65 -14.50 -39.52 -12.34
C LEU A 65 -13.19 -39.22 -11.60
N ILE A 66 -12.49 -40.26 -11.11
CA ILE A 66 -11.26 -40.06 -10.32
C ILE A 66 -10.19 -39.38 -11.20
N GLU A 67 -10.02 -39.87 -12.42
CA GLU A 67 -9.01 -39.31 -13.36
C GLU A 67 -9.41 -37.86 -13.73
N ALA A 68 -10.70 -37.61 -13.91
CA ALA A 68 -11.20 -36.28 -14.33
C ALA A 68 -11.04 -35.25 -13.21
N GLY A 69 -10.65 -35.65 -12.00
CA GLY A 69 -10.23 -34.70 -10.94
C GLY A 69 -11.04 -34.80 -9.67
N ALA A 70 -11.97 -35.74 -9.55
CA ALA A 70 -12.67 -36.00 -8.26
C ALA A 70 -11.62 -36.37 -7.22
N ASN A 71 -11.56 -35.66 -6.12
CA ASN A 71 -10.55 -35.93 -5.07
C ASN A 71 -11.14 -36.65 -3.88
N THR A 72 -12.46 -36.68 -3.77
CA THR A 72 -13.13 -37.31 -2.62
C THR A 72 -14.56 -37.57 -3.03
N PHE A 73 -15.12 -38.67 -2.57
CA PHE A 73 -16.51 -39.04 -2.89
C PHE A 73 -17.40 -38.83 -1.67
N ARG A 74 -18.51 -38.17 -1.90
CA ARG A 74 -19.54 -37.90 -0.87
C ARG A 74 -20.64 -38.93 -0.98
N PHE A 75 -20.95 -39.60 0.13
CA PHE A 75 -22.04 -40.59 0.24
C PHE A 75 -23.16 -39.95 1.06
N ASN A 76 -24.19 -39.46 0.39
CA ASN A 76 -25.20 -38.61 1.06
C ASN A 76 -26.22 -39.50 1.78
N PHE A 77 -26.04 -39.68 3.08
CA PHE A 77 -26.83 -40.65 3.87
C PHE A 77 -28.27 -40.17 4.09
N SER A 78 -28.82 -39.33 3.23
CA SER A 78 -30.26 -38.97 3.27
C SER A 78 -31.02 -39.67 2.14
N HIS A 79 -30.31 -40.24 1.15
CA HIS A 79 -30.95 -40.89 -0.03
C HIS A 79 -30.33 -42.26 -0.26
N GLY A 80 -30.15 -43.03 0.80
CA GLY A 80 -29.63 -44.39 0.69
C GLY A 80 -29.72 -45.16 1.99
N ASP A 81 -30.01 -46.45 1.90
CA ASP A 81 -29.99 -47.35 3.09
C ASP A 81 -28.54 -47.75 3.37
N HIS A 82 -28.31 -48.27 4.57
CA HIS A 82 -26.96 -48.65 5.02
C HIS A 82 -26.34 -49.70 4.09
N GLN A 83 -27.12 -50.55 3.43
CA GLN A 83 -26.49 -51.60 2.59
C GLN A 83 -26.00 -50.98 1.28
N GLU A 84 -26.83 -50.14 0.67
CA GLU A 84 -26.45 -49.50 -0.62
C GLU A 84 -25.24 -48.61 -0.38
N GLN A 85 -25.24 -47.83 0.71
CA GLN A 85 -24.06 -47.00 1.04
C GLN A 85 -22.85 -47.92 1.21
N GLY A 86 -23.01 -49.00 1.97
CA GLY A 86 -21.91 -49.96 2.21
C GLY A 86 -21.39 -50.54 0.90
N GLU A 87 -22.28 -50.79 -0.06
CA GLU A 87 -21.86 -51.44 -1.32
C GLU A 87 -21.08 -50.45 -2.18
N ARG A 88 -21.60 -49.23 -2.30
CA ARG A 88 -20.96 -48.16 -3.12
C ARG A 88 -19.54 -47.91 -2.61
N MET A 89 -19.37 -47.80 -1.30
CA MET A 89 -18.03 -47.56 -0.71
C MET A 89 -17.11 -48.70 -1.15
N ALA A 90 -17.63 -49.92 -1.25
CA ALA A 90 -16.85 -51.07 -1.77
C ALA A 90 -16.40 -50.76 -3.20
N THR A 91 -17.34 -50.40 -4.07
CA THR A 91 -17.07 -50.12 -5.49
C THR A 91 -15.99 -49.04 -5.62
N VAL A 92 -15.98 -48.06 -4.71
CA VAL A 92 -14.98 -46.96 -4.78
C VAL A 92 -13.61 -47.52 -4.40
N LYS A 93 -13.55 -48.43 -3.44
CA LYS A 93 -12.25 -49.01 -3.05
C LYS A 93 -11.67 -49.77 -4.25
N LEU A 94 -12.54 -50.33 -5.08
CA LEU A 94 -12.07 -50.96 -6.35
C LEU A 94 -11.57 -49.86 -7.27
N ALA A 95 -12.43 -48.86 -7.54
CA ALA A 95 -12.16 -47.80 -8.54
C ALA A 95 -10.75 -47.23 -8.34
N GLU A 96 -10.33 -47.05 -7.10
CA GLU A 96 -8.95 -46.57 -6.81
C GLU A 96 -7.94 -47.45 -7.55
N LYS A 97 -8.13 -48.77 -7.51
CA LYS A 97 -7.10 -49.71 -8.02
C LYS A 97 -7.09 -49.65 -9.54
N ILE A 98 -8.25 -49.49 -10.18
CA ILE A 98 -8.26 -49.20 -11.63
C ILE A 98 -7.48 -47.91 -11.86
N ALA A 99 -7.85 -46.83 -11.18
CA ALA A 99 -7.32 -45.48 -11.44
C ALA A 99 -5.86 -45.35 -11.00
N GLY A 100 -5.40 -46.15 -10.04
CA GLY A 100 -4.03 -46.01 -9.50
C GLY A 100 -3.85 -44.71 -8.75
N LYS A 101 -4.96 -44.14 -8.27
CA LYS A 101 -5.01 -42.91 -7.44
C LYS A 101 -6.02 -43.17 -6.34
N LYS A 102 -5.74 -42.75 -5.12
CA LYS A 102 -6.73 -42.91 -4.02
C LYS A 102 -7.45 -41.60 -3.71
N VAL A 103 -8.66 -41.72 -3.18
CA VAL A 103 -9.52 -40.57 -2.83
C VAL A 103 -10.01 -40.74 -1.39
N GLY A 104 -10.47 -39.64 -0.81
CA GLY A 104 -11.09 -39.65 0.51
C GLY A 104 -12.55 -40.06 0.45
N PHE A 105 -13.03 -40.62 1.56
CA PHE A 105 -14.44 -41.03 1.72
C PHE A 105 -15.14 -40.07 2.69
N LEU A 106 -16.25 -39.50 2.23
CA LEU A 106 -17.01 -38.49 2.98
C LEU A 106 -18.43 -39.00 3.21
N LEU A 107 -18.87 -38.99 4.46
CA LEU A 107 -20.26 -39.31 4.84
C LEU A 107 -21.02 -38.02 5.13
N ASP A 108 -22.11 -37.79 4.44
CA ASP A 108 -22.99 -36.64 4.72
C ASP A 108 -24.18 -37.13 5.55
N THR A 109 -24.26 -36.69 6.79
CA THR A 109 -25.32 -37.11 7.72
C THR A 109 -26.68 -36.59 7.25
N LYS A 110 -27.74 -37.26 7.69
CA LYS A 110 -29.13 -36.84 7.38
C LYS A 110 -29.42 -35.54 8.12
N GLY A 111 -29.12 -35.49 9.41
CA GLY A 111 -29.30 -34.29 10.23
C GLY A 111 -30.74 -34.10 10.67
N PRO A 112 -30.98 -33.13 11.58
CA PRO A 112 -32.33 -32.69 11.91
C PRO A 112 -33.08 -32.28 10.65
N GLU A 113 -34.38 -32.51 10.64
CA GLU A 113 -35.21 -32.45 9.41
C GLU A 113 -36.69 -32.40 9.75
N ILE A 114 -37.46 -31.78 8.87
CA ILE A 114 -38.95 -31.82 8.87
C ILE A 114 -39.44 -31.92 7.43
N ARG A 115 -40.43 -32.75 7.17
CA ARG A 115 -41.04 -32.84 5.81
C ARG A 115 -42.55 -32.97 5.95
N THR A 116 -43.24 -32.78 4.83
CA THR A 116 -44.71 -32.83 4.72
C THR A 116 -45.17 -34.29 4.80
N LEU A 151 -46.82 -32.84 9.68
CA LEU A 151 -45.38 -32.88 9.32
C LEU A 151 -44.71 -34.11 9.94
N ASN A 152 -43.77 -34.69 9.21
CA ASN A 152 -42.80 -35.65 9.77
C ASN A 152 -41.59 -34.86 10.29
N VAL A 153 -41.25 -35.06 11.55
CA VAL A 153 -40.03 -34.43 12.14
C VAL A 153 -39.09 -35.54 12.61
N ALA A 154 -37.80 -35.23 12.59
CA ALA A 154 -36.74 -36.17 13.05
C ALA A 154 -36.75 -36.22 14.58
N GLY A 155 -36.65 -37.45 15.12
CA GLY A 155 -36.79 -37.70 16.56
C GLY A 155 -38.23 -37.49 17.02
N ALA A 156 -39.19 -37.50 16.09
CA ALA A 156 -40.64 -37.29 16.33
C ALA A 156 -40.87 -36.20 17.40
N LEU A 157 -40.05 -35.16 17.42
CA LEU A 157 -40.15 -34.09 18.44
C LEU A 157 -41.46 -33.30 18.27
N ASP A 158 -41.89 -32.69 19.36
CA ASP A 158 -42.99 -31.69 19.33
C ASP A 158 -42.36 -30.30 19.41
N ILE A 159 -42.41 -29.57 18.31
CA ILE A 159 -41.74 -28.25 18.12
C ILE A 159 -42.60 -27.11 18.69
N TYR A 160 -43.87 -27.41 18.96
CA TYR A 160 -45.01 -26.48 19.27
C TYR A 160 -44.65 -25.38 20.29
N ASP A 161 -43.86 -25.67 21.32
CA ASP A 161 -43.62 -24.73 22.45
C ASP A 161 -42.41 -23.83 22.19
N ASP A 162 -41.89 -23.72 20.96
CA ASP A 162 -40.72 -22.82 20.69
C ASP A 162 -40.77 -22.16 19.31
N VAL A 163 -41.69 -22.55 18.43
CA VAL A 163 -42.03 -21.74 17.25
C VAL A 163 -42.96 -20.61 17.73
N GLU A 164 -42.41 -19.42 17.96
CA GLU A 164 -43.18 -18.23 18.35
C GLU A 164 -44.08 -17.79 17.17
N VAL A 165 -44.69 -16.62 17.28
CA VAL A 165 -45.67 -16.15 16.26
C VAL A 165 -45.06 -14.95 15.56
N GLY A 166 -45.22 -14.87 14.24
CA GLY A 166 -44.41 -13.99 13.39
C GLY A 166 -43.21 -14.70 12.78
N ARG A 167 -43.02 -16.00 13.08
CA ARG A 167 -42.03 -16.86 12.40
C ARG A 167 -42.59 -17.33 11.06
N GLN A 168 -41.71 -17.80 10.19
CA GLN A 168 -42.13 -18.30 8.86
C GLN A 168 -42.17 -19.83 8.89
N VAL A 169 -42.80 -20.41 7.90
CA VAL A 169 -42.78 -21.87 7.68
C VAL A 169 -42.73 -22.08 6.18
N LEU A 170 -41.62 -22.58 5.69
CA LEU A 170 -41.45 -22.75 4.22
C LEU A 170 -41.71 -24.19 3.83
N VAL A 171 -42.02 -24.38 2.56
CA VAL A 171 -42.37 -25.72 2.05
C VAL A 171 -41.71 -25.92 0.69
N ASP A 172 -41.17 -27.13 0.49
CA ASP A 172 -40.56 -27.57 -0.79
C ASP A 172 -39.50 -26.55 -1.23
N ASP A 173 -38.25 -26.76 -0.81
CA ASP A 173 -37.11 -25.96 -1.31
C ASP A 173 -37.34 -24.47 -1.01
N GLY A 174 -38.23 -24.16 -0.07
CA GLY A 174 -38.55 -22.77 0.33
C GLY A 174 -39.25 -21.99 -0.78
N LYS A 175 -40.28 -22.58 -1.39
CA LYS A 175 -41.02 -21.96 -2.52
C LYS A 175 -42.40 -21.46 -2.05
N LEU A 176 -42.88 -21.89 -0.90
CA LEU A 176 -44.21 -21.48 -0.38
C LEU A 176 -44.11 -21.13 1.11
N GLY A 177 -44.64 -19.97 1.48
CA GLY A 177 -44.49 -19.41 2.83
C GLY A 177 -45.78 -19.52 3.63
N LEU A 178 -45.64 -19.72 4.94
CA LEU A 178 -46.81 -19.83 5.87
C LEU A 178 -46.48 -19.01 7.13
N ARG A 179 -47.21 -17.94 7.37
CA ARG A 179 -46.86 -17.02 8.47
C ARG A 179 -47.64 -17.36 9.74
N VAL A 180 -46.93 -17.70 10.80
CA VAL A 180 -47.60 -18.09 12.08
C VAL A 180 -48.33 -16.86 12.60
N VAL A 181 -49.64 -17.02 12.82
CA VAL A 181 -50.53 -15.93 13.31
C VAL A 181 -50.97 -16.27 14.75
N PHE A 190 -50.71 -24.68 14.58
CA PHE A 190 -50.47 -23.25 14.24
C PHE A 190 -51.48 -22.81 13.19
N GLU A 191 -52.22 -21.74 13.51
CA GLU A 191 -53.02 -21.01 12.50
C GLU A 191 -52.08 -20.09 11.71
N VAL A 192 -51.87 -20.38 10.44
CA VAL A 192 -50.87 -19.66 9.62
C VAL A 192 -51.47 -19.35 8.25
N GLU A 193 -51.20 -18.17 7.74
CA GLU A 193 -51.73 -17.69 6.44
C GLU A 193 -50.70 -17.97 5.34
N VAL A 194 -51.19 -18.28 4.15
CA VAL A 194 -50.32 -18.41 2.96
C VAL A 194 -49.87 -17.01 2.52
N GLU A 195 -48.71 -16.92 1.89
CA GLU A 195 -48.17 -15.60 1.43
C GLU A 195 -47.98 -15.56 -0.09
N ASN A 196 -47.96 -16.69 -0.77
CA ASN A 196 -47.78 -16.74 -2.25
C ASN A 196 -48.31 -18.08 -2.76
N ASP A 197 -48.35 -18.25 -4.08
CA ASP A 197 -48.93 -19.46 -4.70
C ASP A 197 -47.88 -20.57 -4.76
N GLY A 205 -39.78 -31.07 1.77
CA GLY A 205 -38.89 -30.41 2.76
C GLY A 205 -39.51 -29.18 3.39
N VAL A 206 -39.29 -28.98 4.68
CA VAL A 206 -39.92 -27.86 5.43
C VAL A 206 -38.89 -27.22 6.33
N ASN A 207 -38.69 -25.92 6.15
CA ASN A 207 -37.78 -25.11 6.98
C ASN A 207 -38.59 -24.09 7.78
N ILE A 208 -38.09 -23.72 8.95
CA ILE A 208 -38.75 -22.71 9.82
C ILE A 208 -37.66 -21.77 10.27
N PRO A 209 -37.32 -20.76 9.46
CA PRO A 209 -36.18 -19.91 9.74
C PRO A 209 -36.17 -19.29 11.15
N ASN A 210 -34.96 -18.98 11.60
CA ASN A 210 -34.71 -18.14 12.79
C ASN A 210 -35.29 -18.76 14.05
N THR A 211 -35.52 -20.07 14.07
CA THR A 211 -35.98 -20.78 15.28
C THR A 211 -34.80 -21.49 15.93
N LYS A 212 -35.00 -21.92 17.16
CA LYS A 212 -34.06 -22.79 17.91
C LYS A 212 -34.83 -24.01 18.37
N ILE A 213 -35.42 -24.73 17.41
CA ILE A 213 -36.09 -26.03 17.68
C ILE A 213 -35.09 -26.93 18.40
N PRO A 214 -35.48 -27.49 19.56
CA PRO A 214 -34.54 -28.31 20.34
C PRO A 214 -34.29 -29.68 19.69
N PHE A 215 -33.65 -29.68 18.52
CA PHE A 215 -33.15 -30.92 17.91
C PHE A 215 -31.95 -31.38 18.72
N PRO A 216 -31.93 -32.66 19.07
CA PRO A 216 -30.82 -33.16 19.87
C PRO A 216 -29.51 -32.74 19.21
N ALA A 217 -28.49 -32.44 20.02
CA ALA A 217 -27.18 -32.05 19.46
C ALA A 217 -26.76 -33.12 18.45
N LEU A 218 -27.37 -34.29 18.57
CA LEU A 218 -27.10 -35.42 17.65
C LEU A 218 -28.24 -36.40 17.85
N ALA A 219 -29.05 -36.61 16.82
CA ALA A 219 -30.20 -37.53 16.93
C ALA A 219 -29.64 -38.95 17.12
N GLU A 220 -30.41 -39.95 16.72
CA GLU A 220 -29.93 -41.35 16.87
C GLU A 220 -29.72 -41.90 15.46
N ARG A 221 -30.57 -41.51 14.53
CA ARG A 221 -30.40 -42.03 13.15
C ARG A 221 -29.05 -41.54 12.63
N ASP A 222 -28.61 -40.37 13.09
CA ASP A 222 -27.27 -39.85 12.73
C ASP A 222 -26.22 -40.66 13.48
N ASN A 223 -26.48 -40.98 14.74
CA ASN A 223 -25.52 -41.79 15.54
C ASN A 223 -25.27 -43.12 14.82
N ASP A 224 -26.33 -43.77 14.35
CA ASP A 224 -26.16 -45.10 13.68
C ASP A 224 -25.50 -44.90 12.32
N ASP A 225 -25.85 -43.85 11.58
CA ASP A 225 -25.23 -43.59 10.25
C ASP A 225 -23.71 -43.40 10.41
N ILE A 226 -23.29 -42.57 11.36
CA ILE A 226 -21.84 -42.27 11.57
C ILE A 226 -21.13 -43.58 11.96
N ARG A 227 -21.77 -44.41 12.80
CA ARG A 227 -21.09 -45.65 13.27
C ARG A 227 -20.94 -46.63 12.11
N PHE A 228 -22.00 -46.84 11.34
CA PHE A 228 -21.89 -47.74 10.18
C PHE A 228 -20.71 -47.30 9.32
N GLY A 229 -20.49 -45.99 9.23
CA GLY A 229 -19.57 -45.40 8.25
C GLY A 229 -18.15 -45.54 8.73
N LEU A 230 -17.91 -45.21 9.99
CA LEU A 230 -16.56 -45.38 10.57
C LEU A 230 -16.14 -46.84 10.39
N GLU A 231 -17.08 -47.77 10.54
CA GLU A 231 -16.77 -49.22 10.40
C GLU A 231 -16.24 -49.48 8.99
N GLN A 232 -16.98 -49.05 7.98
CA GLN A 232 -16.55 -49.18 6.56
C GLN A 232 -15.17 -48.56 6.33
N GLY A 233 -14.81 -47.53 7.09
CA GLY A 233 -13.59 -46.75 6.82
C GLY A 233 -13.89 -45.50 6.02
N ILE A 234 -14.15 -44.40 6.73
CA ILE A 234 -14.27 -43.05 6.11
C ILE A 234 -13.15 -42.16 6.62
N ASN A 235 -12.90 -41.06 5.93
CA ASN A 235 -11.85 -40.09 6.31
C ASN A 235 -12.48 -38.78 6.76
N PHE A 236 -13.66 -38.42 6.24
CA PHE A 236 -14.35 -37.17 6.60
C PHE A 236 -15.80 -37.45 6.93
N ILE A 237 -16.34 -36.71 7.88
CA ILE A 237 -17.81 -36.61 8.07
C ILE A 237 -18.19 -35.15 7.81
N ALA A 238 -19.34 -34.96 7.19
CA ALA A 238 -19.96 -33.63 7.03
C ALA A 238 -21.25 -33.65 7.83
N ILE A 239 -21.31 -32.87 8.90
CA ILE A 239 -22.44 -32.89 9.87
C ILE A 239 -23.52 -31.92 9.41
N SER A 240 -24.73 -32.39 9.23
CA SER A 240 -25.83 -31.56 8.71
C SER A 240 -26.42 -30.69 9.83
N PHE A 241 -26.77 -29.46 9.47
CA PHE A 241 -27.48 -28.51 10.36
C PHE A 241 -26.70 -28.26 11.64
N VAL A 242 -25.42 -27.94 11.53
CA VAL A 242 -24.65 -27.57 12.75
C VAL A 242 -25.14 -26.21 13.25
N ARG A 243 -25.68 -26.18 14.46
CA ARG A 243 -26.08 -24.89 15.09
C ARG A 243 -25.07 -24.44 16.12
N THR A 244 -24.36 -25.34 16.81
CA THR A 244 -23.33 -24.92 17.80
C THR A 244 -22.16 -25.90 17.77
N ALA A 245 -21.12 -25.57 18.53
CA ALA A 245 -19.98 -26.47 18.78
C ALA A 245 -20.48 -27.83 19.29
N LYS A 246 -21.59 -27.85 20.04
CA LYS A 246 -22.02 -29.09 20.71
C LYS A 246 -22.33 -30.15 19.65
N ASP A 247 -22.99 -29.76 18.56
CA ASP A 247 -23.27 -30.70 17.45
C ASP A 247 -21.94 -31.31 16.97
N VAL A 248 -20.85 -30.55 16.98
CA VAL A 248 -19.56 -31.08 16.45
C VAL A 248 -18.91 -31.97 17.50
N ASN A 249 -18.77 -31.48 18.73
CA ASN A 249 -18.00 -32.20 19.78
C ASN A 249 -18.62 -33.59 20.05
N GLU A 250 -19.92 -33.77 19.80
CA GLU A 250 -20.62 -35.06 20.04
C GLU A 250 -20.26 -36.06 18.94
N VAL A 251 -20.05 -35.62 17.72
CA VAL A 251 -19.58 -36.53 16.65
C VAL A 251 -18.08 -36.75 16.82
N ARG A 252 -17.36 -35.77 17.36
CA ARG A 252 -15.91 -35.93 17.57
C ARG A 252 -15.70 -37.01 18.63
N ALA A 253 -16.67 -37.24 19.49
CA ALA A 253 -16.50 -38.18 20.61
C ALA A 253 -16.75 -39.60 20.10
N ILE A 254 -17.81 -39.82 19.33
CA ILE A 254 -17.94 -41.07 18.56
C ILE A 254 -16.61 -41.35 17.86
N CYS A 255 -16.07 -40.35 17.16
CA CYS A 255 -14.91 -40.62 16.29
C CYS A 255 -13.75 -41.10 17.16
N GLU A 256 -13.51 -40.46 18.30
CA GLU A 256 -12.39 -40.82 19.20
C GLU A 256 -12.71 -42.12 19.94
N GLU A 257 -13.92 -42.28 20.42
CA GLU A 257 -14.34 -43.47 21.19
C GLU A 257 -14.05 -44.77 20.41
N THR A 258 -14.26 -44.77 19.11
CA THR A 258 -14.22 -46.01 18.28
C THR A 258 -12.85 -46.17 17.61
N GLY A 259 -11.83 -45.40 18.00
CA GLY A 259 -10.49 -45.54 17.41
C GLY A 259 -10.24 -44.61 16.22
N ASN A 260 -11.31 -44.10 15.61
CA ASN A 260 -11.27 -43.24 14.40
C ASN A 260 -11.00 -41.77 14.71
N GLY A 261 -10.19 -41.46 15.71
CA GLY A 261 -9.76 -40.08 16.00
C GLY A 261 -9.14 -39.39 14.80
N HIS A 262 -8.72 -40.14 13.78
CA HIS A 262 -8.11 -39.56 12.55
C HIS A 262 -9.19 -38.89 11.69
N VAL A 263 -10.45 -39.24 11.86
CA VAL A 263 -11.53 -38.72 10.99
C VAL A 263 -11.66 -37.22 11.21
N GLN A 264 -12.06 -36.52 10.16
CA GLN A 264 -12.17 -35.05 10.16
C GLN A 264 -13.59 -34.59 9.97
N LEU A 265 -13.98 -33.58 10.71
CA LEU A 265 -15.38 -33.17 10.71
C LEU A 265 -15.50 -31.85 9.94
N PHE A 266 -16.47 -31.80 9.05
CA PHE A 266 -16.85 -30.54 8.37
C PHE A 266 -18.23 -30.20 8.87
N ALA A 267 -18.35 -29.06 9.52
CA ALA A 267 -19.69 -28.59 9.91
C ALA A 267 -20.34 -27.96 8.68
N LYS A 268 -21.58 -28.32 8.43
CA LYS A 268 -22.41 -27.62 7.44
C LYS A 268 -23.12 -26.47 8.18
N ILE A 269 -22.73 -25.24 7.89
CA ILE A 269 -23.50 -24.06 8.36
C ILE A 269 -24.68 -23.90 7.39
N GLU A 270 -25.89 -24.08 7.90
CA GLU A 270 -27.13 -24.13 7.08
C GLU A 270 -28.24 -23.23 7.64
N ASN A 271 -27.99 -22.36 8.62
CA ASN A 271 -29.09 -21.58 9.20
C ASN A 271 -28.53 -20.50 10.12
N GLN A 272 -29.43 -19.68 10.66
CA GLN A 272 -29.05 -18.45 11.37
C GLN A 272 -28.26 -18.77 12.64
N GLN A 273 -28.68 -19.76 13.40
CA GLN A 273 -27.93 -20.09 14.64
C GLN A 273 -26.55 -20.62 14.28
N GLY A 274 -26.41 -21.39 13.19
CA GLY A 274 -25.10 -21.88 12.76
C GLY A 274 -24.21 -20.73 12.34
N ILE A 275 -24.79 -19.71 11.72
CA ILE A 275 -23.99 -18.54 11.28
C ILE A 275 -23.67 -17.68 12.51
N ASP A 276 -24.66 -17.38 13.35
CA ASP A 276 -24.41 -16.64 14.61
C ASP A 276 -23.26 -17.31 15.39
N ASN A 277 -23.13 -18.63 15.35
CA ASN A 277 -22.11 -19.35 16.15
C ASN A 277 -20.89 -19.74 15.31
N LEU A 278 -20.68 -19.06 14.20
CA LEU A 278 -19.65 -19.49 13.22
C LEU A 278 -18.28 -19.66 13.89
N ASP A 279 -17.83 -18.68 14.67
CA ASP A 279 -16.45 -18.75 15.23
C ASP A 279 -16.30 -20.01 16.07
N GLU A 280 -17.23 -20.27 16.97
CA GLU A 280 -17.02 -21.40 17.90
C GLU A 280 -17.09 -22.70 17.12
N ILE A 281 -17.85 -22.74 16.04
CA ILE A 281 -18.00 -23.98 15.23
C ILE A 281 -16.70 -24.28 14.50
N ILE A 282 -16.18 -23.33 13.77
CA ILE A 282 -14.84 -23.45 13.13
C ILE A 282 -13.83 -23.90 14.18
N GLU A 283 -13.95 -23.43 15.42
CA GLU A 283 -12.94 -23.78 16.46
C GLU A 283 -13.04 -25.28 16.77
N ALA A 284 -14.27 -25.81 16.79
CA ALA A 284 -14.53 -27.23 17.09
C ALA A 284 -14.19 -28.10 15.87
N ALA A 285 -14.44 -27.64 14.65
CA ALA A 285 -14.44 -28.53 13.47
C ALA A 285 -13.05 -28.56 12.83
N ASP A 286 -12.86 -29.43 11.86
CA ASP A 286 -11.65 -29.42 11.01
C ASP A 286 -11.85 -28.55 9.77
N GLY A 287 -13.11 -28.17 9.50
CA GLY A 287 -13.43 -27.14 8.51
C GLY A 287 -14.92 -27.04 8.27
N ILE A 288 -15.30 -26.32 7.23
CA ILE A 288 -16.72 -25.94 6.99
C ILE A 288 -17.14 -26.37 5.59
N MET A 289 -18.32 -26.95 5.51
CA MET A 289 -19.02 -27.16 4.23
C MET A 289 -20.14 -26.11 4.11
N ILE A 290 -19.90 -25.06 3.33
CA ILE A 290 -20.95 -24.07 2.90
C ILE A 290 -22.01 -24.81 2.09
N ALA A 291 -23.11 -25.19 2.71
CA ALA A 291 -24.19 -25.91 2.01
C ALA A 291 -25.24 -24.87 1.64
N ARG A 292 -24.95 -24.14 0.57
CA ARG A 292 -25.73 -22.92 0.19
C ARG A 292 -27.21 -23.27 -0.07
N GLY A 293 -27.53 -24.51 -0.42
CA GLY A 293 -28.94 -24.94 -0.63
C GLY A 293 -29.86 -24.52 0.51
N ASP A 294 -29.76 -25.20 1.64
CA ASP A 294 -30.64 -24.95 2.81
C ASP A 294 -30.33 -23.58 3.41
N MET A 295 -29.07 -23.19 3.46
CA MET A 295 -28.69 -21.85 3.97
C MET A 295 -29.52 -20.76 3.27
N GLY A 296 -29.78 -20.89 1.97
CA GLY A 296 -30.53 -19.87 1.20
C GLY A 296 -32.01 -19.91 1.49
N ILE A 297 -32.53 -20.99 2.04
CA ILE A 297 -33.96 -21.05 2.49
C ILE A 297 -34.06 -20.48 3.91
N GLU A 298 -33.09 -20.80 4.77
CA GLU A 298 -33.11 -20.42 6.21
C GLU A 298 -32.64 -18.98 6.45
N VAL A 299 -31.87 -18.38 5.55
CA VAL A 299 -31.42 -16.97 5.69
C VAL A 299 -31.76 -16.25 4.40
N PRO A 300 -31.80 -14.91 4.41
CA PRO A 300 -32.18 -14.17 3.20
C PRO A 300 -31.27 -14.58 2.06
N PHE A 301 -31.84 -14.99 0.93
CA PHE A 301 -31.07 -15.66 -0.16
C PHE A 301 -29.91 -14.75 -0.56
N GLU A 302 -30.16 -13.45 -0.66
CA GLU A 302 -29.14 -12.48 -1.12
C GLU A 302 -28.02 -12.27 -0.08
N MET A 303 -28.00 -12.98 1.04
CA MET A 303 -26.82 -12.96 1.96
C MET A 303 -25.86 -14.12 1.66
N VAL A 304 -26.33 -15.19 1.06
CA VAL A 304 -25.47 -16.38 0.89
C VAL A 304 -24.12 -15.99 0.29
N PRO A 305 -24.04 -15.06 -0.70
CA PRO A 305 -22.73 -14.62 -1.16
C PRO A 305 -21.85 -13.97 -0.07
N VAL A 306 -22.39 -13.01 0.65
CA VAL A 306 -21.62 -12.35 1.73
C VAL A 306 -21.13 -13.40 2.73
N TYR A 307 -21.97 -14.36 3.07
CA TYR A 307 -21.63 -15.41 4.06
C TYR A 307 -20.59 -16.37 3.48
N GLN A 308 -20.77 -16.79 2.23
CA GLN A 308 -19.75 -17.60 1.51
C GLN A 308 -18.39 -16.91 1.64
N LYS A 309 -18.31 -15.62 1.32
CA LYS A 309 -17.00 -14.92 1.28
C LYS A 309 -16.47 -14.78 2.71
N MET A 310 -17.33 -14.50 3.68
CA MET A 310 -16.87 -14.29 5.08
C MET A 310 -16.53 -15.65 5.70
N ILE A 311 -17.12 -16.75 5.23
CA ILE A 311 -16.77 -18.07 5.83
C ILE A 311 -15.46 -18.57 5.26
N ILE A 312 -15.26 -18.43 3.97
CA ILE A 312 -14.00 -18.87 3.32
C ILE A 312 -12.84 -18.13 3.98
N LYS A 313 -12.91 -16.82 4.07
CA LYS A 313 -11.81 -16.04 4.67
C LYS A 313 -11.53 -16.56 6.09
N LYS A 314 -12.57 -16.87 6.85
CA LYS A 314 -12.38 -17.24 8.27
C LYS A 314 -11.83 -18.66 8.39
N VAL A 315 -12.39 -19.61 7.65
CA VAL A 315 -11.94 -21.02 7.75
C VAL A 315 -10.48 -21.09 7.29
N ASN A 316 -10.09 -20.19 6.42
CA ASN A 316 -8.68 -20.10 5.97
C ASN A 316 -7.81 -19.46 7.06
N ALA A 317 -8.25 -18.39 7.70
CA ALA A 317 -7.45 -17.79 8.79
C ALA A 317 -7.25 -18.87 9.87
N ALA A 318 -8.17 -19.81 9.97
CA ALA A 318 -8.09 -20.91 10.96
C ALA A 318 -7.24 -22.07 10.44
N GLY A 319 -6.63 -21.96 9.27
CA GLY A 319 -5.90 -23.09 8.65
C GLY A 319 -6.73 -24.37 8.59
N LYS A 320 -8.01 -24.25 8.28
CA LYS A 320 -8.86 -25.43 8.05
C LYS A 320 -9.36 -25.46 6.61
N VAL A 321 -10.19 -26.43 6.30
CA VAL A 321 -10.61 -26.71 4.90
C VAL A 321 -12.04 -26.19 4.72
N VAL A 322 -12.28 -25.43 3.65
CA VAL A 322 -13.67 -25.08 3.25
C VAL A 322 -14.07 -25.81 1.97
N ILE A 323 -15.32 -26.27 1.93
CA ILE A 323 -15.98 -26.81 0.71
C ILE A 323 -17.14 -25.89 0.34
N THR A 324 -17.08 -25.31 -0.83
CA THR A 324 -18.26 -24.63 -1.40
C THR A 324 -19.14 -25.68 -2.08
N ALA A 325 -20.45 -25.61 -1.86
CA ALA A 325 -21.40 -26.63 -2.33
C ALA A 325 -22.73 -26.03 -2.78
N THR A 326 -23.44 -26.83 -3.58
CA THR A 326 -24.89 -26.77 -3.92
C THR A 326 -25.18 -25.91 -5.16
N ASN A 327 -25.80 -26.53 -6.17
CA ASN A 327 -26.27 -25.87 -7.42
C ASN A 327 -25.08 -25.30 -8.21
N MET A 328 -23.87 -25.81 -8.04
CA MET A 328 -22.70 -25.14 -8.67
C MET A 328 -22.72 -25.37 -10.19
N LEU A 329 -23.04 -26.57 -10.65
CA LEU A 329 -23.16 -26.89 -12.10
C LEU A 329 -24.50 -27.56 -12.35
N GLU A 330 -25.58 -27.00 -11.81
CA GLU A 330 -26.84 -27.76 -11.71
C GLU A 330 -27.45 -28.00 -13.09
N THR A 331 -27.38 -27.04 -14.00
CA THR A 331 -27.94 -27.22 -15.36
C THR A 331 -27.38 -28.49 -15.99
N MET A 332 -26.17 -28.88 -15.60
CA MET A 332 -25.52 -30.09 -16.16
C MET A 332 -26.18 -31.38 -15.65
N THR A 333 -27.12 -31.32 -14.70
CA THR A 333 -27.82 -32.53 -14.23
C THR A 333 -28.80 -33.00 -15.31
N GLU A 334 -29.26 -32.10 -16.18
CA GLU A 334 -30.11 -32.42 -17.35
C GLU A 334 -29.31 -32.21 -18.64
N LYS A 335 -29.21 -30.98 -19.10
CA LYS A 335 -28.55 -30.65 -20.38
C LYS A 335 -27.05 -30.86 -20.22
N PRO A 336 -26.32 -31.03 -21.32
CA PRO A 336 -24.89 -31.37 -21.22
C PRO A 336 -23.90 -30.19 -21.13
N ARG A 337 -24.38 -28.96 -20.99
CA ARG A 337 -23.46 -27.79 -20.89
C ARG A 337 -24.02 -26.79 -19.86
N ALA A 338 -23.14 -26.32 -18.98
CA ALA A 338 -23.51 -25.45 -17.84
C ALA A 338 -23.78 -24.02 -18.32
N THR A 339 -24.68 -23.34 -17.63
CA THR A 339 -25.02 -21.93 -17.91
C THR A 339 -23.85 -21.03 -17.52
N ARG A 340 -23.90 -19.79 -17.98
CA ARG A 340 -22.82 -18.80 -17.75
C ARG A 340 -22.72 -18.49 -16.24
N SER A 341 -23.83 -18.46 -15.52
CA SER A 341 -23.85 -18.09 -14.09
C SER A 341 -23.34 -19.26 -13.25
N GLU A 342 -23.41 -20.47 -13.77
CA GLU A 342 -22.81 -21.64 -13.09
C GLU A 342 -21.30 -21.67 -13.32
N VAL A 343 -20.85 -21.34 -14.53
CA VAL A 343 -19.41 -21.21 -14.76
C VAL A 343 -18.92 -20.04 -13.91
N SER A 344 -19.70 -18.96 -13.84
CA SER A 344 -19.35 -17.81 -12.99
C SER A 344 -19.21 -18.30 -11.54
N ASP A 345 -20.18 -19.05 -11.05
CA ASP A 345 -20.25 -19.41 -9.61
C ASP A 345 -19.02 -20.21 -9.19
N VAL A 346 -18.63 -21.21 -9.96
CA VAL A 346 -17.44 -22.04 -9.63
C VAL A 346 -16.18 -21.17 -9.69
N PHE A 347 -16.08 -20.32 -10.69
CA PHE A 347 -14.91 -19.41 -10.82
C PHE A 347 -14.79 -18.56 -9.55
N ASN A 348 -15.88 -17.94 -9.14
CA ASN A 348 -15.84 -16.96 -8.03
C ASN A 348 -15.54 -17.69 -6.72
N ALA A 349 -16.06 -18.90 -6.54
CA ALA A 349 -15.75 -19.71 -5.33
C ALA A 349 -14.24 -19.85 -5.23
N VAL A 350 -13.59 -20.21 -6.32
CA VAL A 350 -12.11 -20.39 -6.28
C VAL A 350 -11.47 -19.06 -5.92
N ILE A 351 -11.80 -17.98 -6.65
CA ILE A 351 -11.24 -16.62 -6.42
C ILE A 351 -11.52 -16.17 -4.97
N ASP A 352 -12.62 -16.64 -4.40
CA ASP A 352 -12.98 -16.35 -2.98
C ASP A 352 -11.96 -16.98 -2.03
N GLY A 353 -11.43 -18.16 -2.35
CA GLY A 353 -10.43 -18.82 -1.48
C GLY A 353 -10.72 -20.27 -1.16
N THR A 354 -11.75 -20.86 -1.74
CA THR A 354 -12.23 -22.19 -1.30
C THR A 354 -11.18 -23.27 -1.57
N ASP A 355 -11.05 -24.21 -0.63
CA ASP A 355 -10.17 -25.39 -0.83
C ASP A 355 -10.81 -26.30 -1.89
N ALA A 356 -12.14 -26.34 -1.93
CA ALA A 356 -12.87 -27.46 -2.53
C ALA A 356 -14.16 -26.95 -3.16
N THR A 357 -14.57 -27.57 -4.28
CA THR A 357 -15.88 -27.34 -4.92
C THR A 357 -16.64 -28.67 -4.94
N MET A 358 -17.93 -28.61 -4.69
CA MET A 358 -18.70 -29.87 -4.56
C MET A 358 -19.69 -30.00 -5.70
N LEU A 359 -19.96 -31.25 -6.08
CA LEU A 359 -21.13 -31.61 -6.91
C LEU A 359 -22.04 -32.47 -6.04
N SER A 360 -23.34 -32.27 -6.17
CA SER A 360 -24.34 -33.15 -5.53
C SER A 360 -25.15 -33.84 -6.63
N GLY A 361 -26.35 -33.35 -6.96
CA GLY A 361 -27.19 -34.00 -7.97
C GLY A 361 -26.45 -34.18 -9.29
N GLU A 362 -25.69 -33.17 -9.69
CA GLU A 362 -24.97 -33.15 -10.99
C GLU A 362 -24.17 -34.45 -11.17
N SER A 363 -23.66 -35.04 -10.10
CA SER A 363 -22.78 -36.23 -10.22
C SER A 363 -23.49 -37.50 -9.72
N ALA A 364 -24.56 -37.39 -8.94
CA ALA A 364 -25.15 -38.57 -8.25
C ALA A 364 -26.28 -39.21 -9.06
N ASN A 365 -27.20 -38.40 -9.57
CA ASN A 365 -28.40 -38.93 -10.28
C ASN A 365 -28.69 -38.08 -11.51
N GLY A 366 -27.65 -37.63 -12.20
CA GLY A 366 -27.76 -36.78 -13.39
C GLY A 366 -27.30 -37.51 -14.63
N LYS A 367 -27.53 -36.93 -15.79
CA LYS A 367 -27.25 -37.63 -17.06
C LYS A 367 -25.79 -37.42 -17.50
N TYR A 368 -24.99 -36.62 -16.81
CA TYR A 368 -23.59 -36.42 -17.25
C TYR A 368 -22.63 -36.28 -16.08
N PRO A 369 -22.57 -37.25 -15.16
CA PRO A 369 -21.63 -37.15 -14.05
C PRO A 369 -20.18 -36.99 -14.50
N LEU A 370 -19.72 -37.71 -15.53
CA LEU A 370 -18.30 -37.60 -15.90
C LEU A 370 -18.03 -36.20 -16.43
N GLU A 371 -18.95 -35.66 -17.22
CA GLU A 371 -18.74 -34.35 -17.89
C GLU A 371 -18.73 -33.26 -16.81
N SER A 372 -19.69 -33.29 -15.89
CA SER A 372 -19.80 -32.23 -14.85
C SER A 372 -18.50 -32.22 -14.03
N VAL A 373 -17.92 -33.37 -13.74
CA VAL A 373 -16.62 -33.42 -13.03
C VAL A 373 -15.55 -32.74 -13.89
N THR A 374 -15.48 -33.05 -15.17
CA THR A 374 -14.42 -32.50 -16.06
C THR A 374 -14.61 -30.99 -16.22
N THR A 375 -15.86 -30.55 -16.37
CA THR A 375 -16.15 -29.11 -16.49
C THR A 375 -15.68 -28.40 -15.23
N MET A 376 -16.09 -28.88 -14.06
CA MET A 376 -15.67 -28.28 -12.78
C MET A 376 -14.14 -28.19 -12.77
N ALA A 377 -13.47 -29.21 -13.31
CA ALA A 377 -11.99 -29.24 -13.21
C ALA A 377 -11.36 -28.11 -14.01
N THR A 378 -11.93 -27.76 -15.15
CA THR A 378 -11.25 -26.82 -16.06
C THR A 378 -11.53 -25.40 -15.59
N ILE A 379 -12.75 -25.13 -15.13
CA ILE A 379 -13.03 -23.84 -14.45
C ILE A 379 -12.09 -23.73 -13.25
N ASP A 380 -11.94 -24.80 -12.48
CA ASP A 380 -11.07 -24.72 -11.28
C ASP A 380 -9.62 -24.52 -11.72
N LYS A 381 -9.19 -25.20 -12.78
CA LYS A 381 -7.76 -25.13 -13.21
C LYS A 381 -7.50 -23.72 -13.73
N ASN A 382 -8.47 -23.12 -14.42
CA ASN A 382 -8.30 -21.77 -15.02
C ASN A 382 -8.38 -20.70 -13.94
N ALA A 383 -9.38 -20.81 -13.06
CA ALA A 383 -9.53 -19.87 -11.92
C ALA A 383 -8.24 -19.81 -11.11
N GLN A 384 -7.54 -20.92 -10.91
CA GLN A 384 -6.41 -20.88 -9.95
C GLN A 384 -5.28 -20.03 -10.52
N ALA A 385 -5.13 -20.03 -11.84
CA ALA A 385 -4.03 -19.30 -12.51
C ALA A 385 -4.24 -17.78 -12.36
N LEU A 386 -5.41 -17.33 -11.91
CA LEU A 386 -5.64 -15.87 -11.67
C LEU A 386 -5.80 -15.53 -10.19
N LEU A 387 -5.56 -16.45 -9.27
CA LEU A 387 -5.61 -16.12 -7.82
C LEU A 387 -4.60 -15.01 -7.49
N ASN A 388 -3.46 -14.97 -8.16
CA ASN A 388 -2.42 -13.95 -7.84
C ASN A 388 -2.95 -12.53 -8.07
N GLU A 389 -3.76 -12.31 -9.10
CA GLU A 389 -4.32 -10.96 -9.32
C GLU A 389 -5.57 -10.82 -8.46
N TYR A 390 -6.67 -11.43 -8.89
CA TYR A 390 -8.03 -11.23 -8.34
C TYR A 390 -8.20 -11.88 -6.96
N GLY A 391 -7.25 -12.72 -6.52
CA GLY A 391 -7.42 -13.57 -5.32
C GLY A 391 -7.82 -12.76 -4.11
N ARG A 392 -8.78 -13.28 -3.35
CA ARG A 392 -9.38 -12.57 -2.20
C ARG A 392 -8.61 -12.86 -0.90
N LEU A 393 -8.11 -14.08 -0.68
CA LEU A 393 -7.39 -14.34 0.59
C LEU A 393 -6.13 -13.48 0.66
N ASP A 394 -5.65 -13.23 1.85
CA ASP A 394 -4.41 -12.44 2.06
C ASP A 394 -3.63 -13.08 3.20
N SER A 395 -2.57 -13.80 2.84
CA SER A 395 -1.69 -14.50 3.82
C SER A 395 -0.72 -13.51 4.47
N ASP A 396 -0.72 -12.24 4.07
CA ASP A 396 0.22 -11.24 4.67
C ASP A 396 -0.26 -10.80 6.05
N SER A 397 -1.56 -10.64 6.26
CA SER A 397 -2.10 -10.20 7.56
C SER A 397 -2.16 -11.34 8.57
N PHE A 398 -1.77 -12.57 8.23
CA PHE A 398 -1.82 -13.68 9.22
C PHE A 398 -0.82 -13.42 10.34
N GLU A 399 -1.18 -13.83 11.52
CA GLU A 399 -0.18 -13.90 12.61
C GLU A 399 0.39 -15.30 12.61
N ARG A 400 1.71 -15.39 12.64
CA ARG A 400 2.40 -16.70 12.65
C ARG A 400 2.52 -17.13 14.10
N ASN A 401 1.64 -18.05 14.50
CA ASN A 401 1.42 -18.45 15.92
C ASN A 401 2.34 -19.61 16.30
N SER A 402 3.17 -20.12 15.39
CA SER A 402 4.06 -21.25 15.73
C SER A 402 5.20 -21.28 14.74
N LYS A 403 6.24 -22.03 15.09
CA LYS A 403 7.48 -22.10 14.27
C LYS A 403 7.17 -22.82 12.96
N THR A 404 6.26 -23.79 12.97
CA THR A 404 5.86 -24.41 11.69
C THR A 404 5.20 -23.36 10.80
N GLU A 405 4.36 -22.48 11.35
CA GLU A 405 3.73 -21.42 10.50
C GLU A 405 4.83 -20.52 9.97
N VAL A 406 5.86 -20.21 10.75
CA VAL A 406 6.85 -19.27 10.21
C VAL A 406 7.55 -19.98 9.04
N MET A 407 7.65 -21.29 9.11
CA MET A 407 8.25 -22.07 8.00
C MET A 407 7.28 -22.06 6.81
N ALA A 408 6.01 -22.33 7.06
CA ALA A 408 4.92 -22.10 6.07
C ALA A 408 5.07 -20.71 5.43
N SER A 409 5.26 -19.68 6.24
CA SER A 409 5.38 -18.30 5.73
C SER A 409 6.60 -18.22 4.80
N ALA A 410 7.69 -18.87 5.15
CA ALA A 410 8.97 -18.69 4.42
C ALA A 410 8.92 -19.50 3.11
N VAL A 411 8.31 -20.68 3.14
CA VAL A 411 8.01 -21.43 1.89
C VAL A 411 7.26 -20.50 0.93
N LYS A 412 6.21 -19.85 1.42
CA LYS A 412 5.31 -19.04 0.56
C LYS A 412 6.11 -17.87 0.00
N ASP A 413 7.00 -17.30 0.81
CA ASP A 413 7.86 -16.17 0.37
C ASP A 413 8.77 -16.65 -0.76
N ALA A 414 9.31 -17.87 -0.64
CA ALA A 414 10.26 -18.43 -1.63
C ALA A 414 9.53 -18.62 -2.95
N THR A 415 8.34 -19.22 -2.92
CA THR A 415 7.56 -19.44 -4.15
C THR A 415 7.10 -18.11 -4.75
N SER A 416 7.41 -16.97 -4.14
CA SER A 416 7.03 -15.62 -4.66
C SER A 416 8.23 -14.92 -5.28
N SER A 417 9.44 -15.26 -4.85
CA SER A 417 10.71 -14.65 -5.31
C SER A 417 11.18 -15.33 -6.60
N MET A 418 11.04 -16.65 -6.70
CA MET A 418 11.32 -17.38 -7.95
C MET A 418 10.12 -18.22 -8.32
N ASP A 419 10.21 -18.76 -9.53
CA ASP A 419 9.42 -19.91 -10.01
C ASP A 419 9.76 -21.14 -9.17
N ILE A 420 8.75 -21.73 -8.55
CA ILE A 420 8.90 -23.02 -7.83
C ILE A 420 7.88 -23.98 -8.43
N LYS A 421 8.34 -25.10 -8.95
CA LYS A 421 7.38 -26.01 -9.63
C LYS A 421 6.71 -26.87 -8.55
N LEU A 422 7.34 -27.06 -7.41
CA LEU A 422 6.78 -27.93 -6.38
C LEU A 422 7.36 -27.58 -5.02
N VAL A 423 6.49 -27.58 -4.03
CA VAL A 423 6.87 -27.65 -2.59
C VAL A 423 6.68 -29.10 -2.14
N VAL A 424 7.64 -29.58 -1.38
CA VAL A 424 7.60 -30.94 -0.77
C VAL A 424 7.67 -30.76 0.74
N THR A 425 6.88 -31.54 1.46
CA THR A 425 6.98 -31.59 2.92
C THR A 425 6.97 -33.05 3.39
N LEU A 426 7.95 -33.40 4.22
CA LEU A 426 7.95 -34.69 4.94
C LEU A 426 7.16 -34.51 6.24
N THR A 427 5.94 -35.01 6.25
CA THR A 427 4.97 -34.68 7.32
C THR A 427 4.51 -35.99 7.95
N LYS A 428 4.54 -36.09 9.27
CA LYS A 428 4.04 -37.32 9.93
C LYS A 428 2.51 -37.25 10.04
N THR A 429 1.98 -36.07 10.33
CA THR A 429 0.56 -35.90 10.68
C THR A 429 -0.18 -35.05 9.66
N GLY A 430 0.53 -34.37 8.77
CA GLY A 430 -0.11 -33.49 7.77
C GLY A 430 -0.11 -32.04 8.22
N HIS A 431 0.32 -31.78 9.46
CA HIS A 431 0.35 -30.40 10.01
C HIS A 431 1.04 -29.47 9.02
N THR A 432 2.32 -29.71 8.76
CA THR A 432 3.11 -28.88 7.84
C THR A 432 2.38 -28.75 6.51
N ALA A 433 1.75 -29.80 6.05
CA ALA A 433 1.02 -29.74 4.76
C ALA A 433 -0.13 -28.73 4.90
N ARG A 434 -0.92 -28.82 5.97
CA ARG A 434 -2.04 -27.88 6.19
C ARG A 434 -1.53 -26.45 6.28
N LEU A 435 -0.49 -26.21 7.06
CA LEU A 435 0.05 -24.84 7.25
C LEU A 435 0.62 -24.31 5.93
N ILE A 436 1.26 -25.14 5.13
CA ILE A 436 1.74 -24.64 3.83
C ILE A 436 0.52 -24.26 3.00
N SER A 437 -0.50 -25.10 2.96
CA SER A 437 -1.61 -24.83 2.01
C SER A 437 -2.49 -23.69 2.53
N LYS A 438 -2.46 -23.43 3.84
CA LYS A 438 -3.08 -22.21 4.40
C LYS A 438 -2.53 -20.99 3.65
N TYR A 439 -1.23 -20.96 3.41
CA TYR A 439 -0.57 -19.74 2.88
C TYR A 439 -0.70 -19.64 1.37
N ARG A 440 -1.28 -20.65 0.73
CA ARG A 440 -1.59 -20.63 -0.73
C ARG A 440 -0.35 -20.19 -1.48
N PRO A 441 0.72 -21.02 -1.50
CA PRO A 441 1.89 -20.70 -2.30
C PRO A 441 1.57 -20.88 -3.80
N ASN A 442 2.38 -20.30 -4.66
CA ASN A 442 2.11 -20.46 -6.10
C ASN A 442 2.92 -21.64 -6.63
N ALA A 443 2.82 -22.78 -5.95
CA ALA A 443 3.32 -24.06 -6.47
C ALA A 443 2.36 -25.15 -6.03
N ASP A 444 2.63 -26.37 -6.45
CA ASP A 444 1.91 -27.52 -5.91
C ASP A 444 2.57 -27.97 -4.61
N ILE A 445 1.81 -28.71 -3.83
CA ILE A 445 2.32 -29.21 -2.53
C ILE A 445 2.30 -30.72 -2.56
N LEU A 446 3.47 -31.32 -2.50
CA LEU A 446 3.56 -32.78 -2.37
C LEU A 446 3.76 -33.07 -0.89
N ALA A 447 2.77 -33.72 -0.29
CA ALA A 447 2.85 -34.21 1.10
C ALA A 447 3.30 -35.68 1.05
N LEU A 448 4.51 -35.93 1.54
CA LEU A 448 4.99 -37.32 1.76
C LEU A 448 4.70 -37.66 3.21
N THR A 449 3.69 -38.51 3.42
CA THR A 449 3.31 -39.00 4.76
C THR A 449 3.44 -40.52 4.81
N PHE A 450 3.36 -41.08 6.02
CA PHE A 450 3.82 -42.46 6.29
C PHE A 450 2.66 -43.35 6.70
N ASP A 451 1.44 -43.05 6.26
CA ASP A 451 0.31 -44.01 6.39
C ASP A 451 -0.86 -43.52 5.55
N GLU A 452 -1.72 -44.45 5.14
CA GLU A 452 -2.87 -44.14 4.26
C GLU A 452 -3.91 -43.31 4.99
N LEU A 453 -3.97 -43.31 6.32
CA LEU A 453 -5.03 -42.51 7.01
C LEU A 453 -4.67 -41.03 6.91
N THR A 454 -3.43 -40.67 7.17
CA THR A 454 -3.08 -39.23 7.11
C THR A 454 -2.95 -38.82 5.65
N GLU A 455 -2.56 -39.74 4.76
CA GLU A 455 -2.50 -39.46 3.30
C GLU A 455 -3.91 -39.09 2.83
N ARG A 456 -4.88 -39.98 3.03
CA ARG A 456 -6.26 -39.72 2.55
C ARG A 456 -6.82 -38.46 3.22
N GLY A 457 -6.56 -38.27 4.51
CA GLY A 457 -7.09 -37.11 5.26
C GLY A 457 -6.63 -35.77 4.69
N LEU A 458 -5.60 -35.75 3.84
CA LEU A 458 -5.09 -34.48 3.28
C LEU A 458 -5.77 -34.13 1.97
N MET A 459 -6.72 -34.93 1.51
CA MET A 459 -7.04 -34.90 0.07
C MET A 459 -8.01 -33.79 -0.33
N LEU A 460 -8.62 -33.07 0.61
CA LEU A 460 -9.45 -31.88 0.29
C LEU A 460 -8.71 -30.59 0.72
N ASN A 461 -7.42 -30.67 1.05
CA ASN A 461 -6.66 -29.44 1.34
C ASN A 461 -6.19 -28.83 0.03
N TRP A 462 -6.27 -27.51 -0.07
CA TRP A 462 -5.88 -26.76 -1.27
C TRP A 462 -4.44 -27.11 -1.67
N GLY A 463 -4.28 -27.50 -2.95
CA GLY A 463 -2.98 -27.64 -3.61
C GLY A 463 -2.13 -28.77 -3.07
N VAL A 464 -2.70 -29.68 -2.27
CA VAL A 464 -1.92 -30.77 -1.61
C VAL A 464 -2.08 -32.04 -2.44
N ILE A 465 -0.95 -32.62 -2.82
CA ILE A 465 -0.90 -33.97 -3.45
C ILE A 465 -0.34 -34.91 -2.40
N PRO A 466 -1.18 -35.74 -1.77
CA PRO A 466 -0.67 -36.71 -0.80
C PRO A 466 -0.07 -37.96 -1.48
N MET A 467 1.04 -38.41 -0.92
CA MET A 467 1.75 -39.59 -1.43
C MET A 467 2.38 -40.33 -0.25
N LEU A 468 2.11 -41.62 -0.18
CA LEU A 468 2.61 -42.47 0.94
C LEU A 468 4.04 -42.90 0.63
N THR A 469 4.90 -42.80 1.62
CA THR A 469 6.29 -43.29 1.50
C THR A 469 6.77 -43.83 2.84
N ASP A 470 7.84 -44.61 2.77
CA ASP A 470 8.47 -45.21 3.97
C ASP A 470 8.88 -44.10 4.92
N ALA A 471 8.59 -44.28 6.20
CA ALA A 471 9.06 -43.32 7.22
C ALA A 471 10.57 -43.25 7.13
N PRO A 472 11.17 -42.07 6.93
CA PRO A 472 12.63 -41.98 6.80
C PRO A 472 13.31 -42.39 8.11
N SER A 473 14.49 -42.98 7.95
CA SER A 473 15.38 -43.34 9.07
C SER A 473 16.29 -42.16 9.40
N SER A 474 16.85 -42.18 10.60
CA SER A 474 17.81 -41.17 11.10
C SER A 474 19.13 -41.26 10.31
N THR A 475 19.28 -42.25 9.44
CA THR A 475 20.43 -42.36 8.50
C THR A 475 19.91 -42.35 7.06
N ASP A 476 19.31 -41.22 6.66
CA ASP A 476 18.64 -41.04 5.35
C ASP A 476 18.72 -39.56 4.96
N ASP A 477 18.95 -39.26 3.69
CA ASP A 477 18.74 -37.89 3.20
C ASP A 477 17.27 -37.79 2.78
N MET A 478 16.46 -37.20 3.64
CA MET A 478 15.03 -36.96 3.35
C MET A 478 14.93 -36.02 2.14
N PHE A 479 15.91 -35.15 1.94
CA PHE A 479 15.93 -34.23 0.77
C PHE A 479 16.13 -35.03 -0.50
N GLU A 480 16.87 -36.13 -0.45
CA GLU A 480 16.95 -36.96 -1.68
C GLU A 480 15.68 -37.81 -1.79
N ILE A 481 15.19 -38.33 -0.67
CA ILE A 481 13.88 -39.05 -0.71
C ILE A 481 12.87 -38.14 -1.40
N ALA A 482 12.86 -36.88 -1.00
CA ALA A 482 11.85 -35.90 -1.46
C ALA A 482 11.96 -35.74 -2.99
N GLU A 483 13.17 -35.59 -3.50
CA GLU A 483 13.33 -35.41 -4.97
C GLU A 483 12.89 -36.70 -5.65
N ARG A 484 13.32 -37.85 -5.16
CA ARG A 484 13.09 -39.15 -5.84
C ARG A 484 11.57 -39.37 -5.98
N LYS A 485 10.83 -39.18 -4.88
CA LYS A 485 9.35 -39.36 -4.89
C LYS A 485 8.73 -38.37 -5.86
N ALA A 486 9.18 -37.11 -5.87
CA ALA A 486 8.61 -36.09 -6.78
C ALA A 486 8.83 -36.52 -8.24
N VAL A 487 10.01 -37.03 -8.58
CA VAL A 487 10.28 -37.46 -9.98
C VAL A 487 9.44 -38.70 -10.30
N GLU A 488 9.35 -39.64 -9.35
CA GLU A 488 8.49 -40.83 -9.51
C GLU A 488 7.07 -40.40 -9.85
N ALA A 489 6.50 -39.47 -9.09
CA ALA A 489 5.10 -39.03 -9.27
C ALA A 489 4.92 -38.41 -10.67
N GLY A 490 5.99 -37.91 -11.28
CA GLY A 490 5.91 -37.24 -12.59
C GLY A 490 5.53 -35.78 -12.45
N LEU A 491 5.96 -35.15 -11.37
CA LEU A 491 5.65 -33.72 -11.14
C LEU A 491 6.85 -32.85 -11.47
N VAL A 492 8.06 -33.34 -11.26
CA VAL A 492 9.27 -32.54 -11.58
C VAL A 492 9.94 -33.18 -12.79
N GLU A 493 10.75 -32.36 -13.45
CA GLU A 493 11.86 -32.85 -14.28
C GLU A 493 13.12 -32.12 -13.86
N SER A 494 14.24 -32.48 -14.47
CA SER A 494 15.57 -31.98 -14.06
C SER A 494 15.71 -30.52 -14.49
N GLY A 495 16.41 -29.74 -13.66
CA GLY A 495 16.51 -28.28 -13.85
C GLY A 495 15.40 -27.53 -13.13
N ASP A 496 14.32 -28.23 -12.74
CA ASP A 496 13.23 -27.62 -11.95
C ASP A 496 13.72 -27.29 -10.54
N ASP A 497 13.12 -26.27 -9.96
CA ASP A 497 13.46 -25.80 -8.59
C ASP A 497 12.32 -26.22 -7.67
N ILE A 498 12.67 -26.82 -6.53
CA ILE A 498 11.66 -27.24 -5.55
C ILE A 498 12.09 -26.76 -4.17
N VAL A 499 11.10 -26.52 -3.32
CA VAL A 499 11.34 -26.20 -1.89
C VAL A 499 11.01 -27.46 -1.12
N ILE A 500 11.95 -27.91 -0.30
CA ILE A 500 11.75 -29.10 0.57
C ILE A 500 11.84 -28.67 2.02
N VAL A 501 11.04 -29.29 2.84
CA VAL A 501 10.82 -28.87 4.23
C VAL A 501 10.76 -30.15 5.06
N ALA A 502 11.42 -30.17 6.21
CA ALA A 502 11.38 -31.33 7.11
C ALA A 502 11.92 -30.94 8.48
N GLY A 503 11.72 -31.83 9.45
CA GLY A 503 12.43 -31.73 10.74
C GLY A 503 13.68 -32.59 10.74
N VAL A 504 14.86 -31.98 10.71
CA VAL A 504 16.13 -32.76 10.69
C VAL A 504 16.90 -32.38 11.95
N PRO A 505 17.63 -33.33 12.56
CA PRO A 505 17.70 -34.71 12.08
C PRO A 505 16.46 -35.49 12.53
N VAL A 506 16.12 -36.52 11.77
CA VAL A 506 14.99 -37.41 12.14
C VAL A 506 15.21 -37.93 13.56
N GLY A 507 14.12 -38.18 14.27
CA GLY A 507 14.12 -38.70 15.64
C GLY A 507 14.77 -37.76 16.65
N GLU A 508 15.14 -36.55 16.26
CA GLU A 508 15.68 -35.57 17.25
C GLU A 508 14.94 -34.23 17.10
N ALA A 509 14.60 -33.84 15.88
CA ALA A 509 13.82 -32.62 15.60
C ALA A 509 12.40 -32.80 16.12
N VAL A 510 11.89 -31.79 16.80
CA VAL A 510 10.55 -31.82 17.47
C VAL A 510 9.45 -31.34 16.52
N ARG A 511 9.82 -30.77 15.37
CA ARG A 511 8.89 -29.99 14.51
C ARG A 511 9.62 -29.72 13.20
N THR A 512 8.86 -29.49 12.14
CA THR A 512 9.45 -29.01 10.88
C THR A 512 10.32 -27.78 11.18
N ASN A 513 11.62 -27.89 10.93
CA ASN A 513 12.57 -26.83 11.33
C ASN A 513 13.55 -26.45 10.23
N THR A 514 13.54 -27.13 9.07
CA THR A 514 14.47 -26.77 7.96
C THR A 514 13.71 -26.67 6.64
N MET A 515 14.02 -25.62 5.90
CA MET A 515 13.63 -25.53 4.49
C MET A 515 14.89 -25.54 3.63
N ARG A 516 14.76 -26.11 2.44
CA ARG A 516 15.88 -26.13 1.48
C ARG A 516 15.33 -25.92 0.07
N ILE A 517 16.05 -25.15 -0.73
CA ILE A 517 15.74 -24.98 -2.16
C ILE A 517 16.75 -25.82 -2.92
N ARG A 518 16.27 -26.64 -3.84
CA ARG A 518 17.10 -27.68 -4.47
C ARG A 518 16.71 -27.80 -5.93
N THR A 519 17.72 -27.93 -6.79
CA THR A 519 17.49 -28.15 -8.23
C THR A 519 17.44 -29.64 -8.52
N VAL A 520 16.41 -30.07 -9.23
CA VAL A 520 16.17 -31.52 -9.50
C VAL A 520 17.34 -32.07 -10.33
N MET B 21 -34.06 2.72 0.60
CA MET B 21 -32.66 2.66 0.04
C MET B 21 -32.71 2.38 -1.47
N ASN B 22 -31.98 3.17 -2.28
CA ASN B 22 -32.12 3.20 -3.77
C ASN B 22 -31.15 2.23 -4.45
N LYS B 23 -31.67 1.48 -5.40
CA LYS B 23 -30.86 0.52 -6.19
C LYS B 23 -29.94 1.35 -7.09
N ARG B 24 -28.63 1.22 -6.92
CA ARG B 24 -27.65 1.95 -7.75
C ARG B 24 -27.37 1.20 -9.05
N VAL B 25 -27.31 -0.13 -9.02
CA VAL B 25 -27.06 -0.95 -10.22
C VAL B 25 -28.33 -1.01 -11.05
N LYS B 26 -28.23 -0.77 -12.33
CA LYS B 26 -29.48 -0.68 -13.11
C LYS B 26 -29.83 -2.05 -13.70
N ILE B 27 -31.12 -2.23 -13.93
CA ILE B 27 -31.66 -3.50 -14.49
C ILE B 27 -32.15 -3.19 -15.89
N VAL B 28 -31.64 -3.94 -16.85
CA VAL B 28 -32.19 -3.96 -18.22
C VAL B 28 -33.03 -5.22 -18.34
N ALA B 29 -34.34 -5.06 -18.53
CA ALA B 29 -35.31 -6.17 -18.70
C ALA B 29 -35.69 -6.32 -20.18
N THR B 30 -35.48 -7.51 -20.75
CA THR B 30 -35.85 -7.78 -22.16
C THR B 30 -37.35 -7.99 -22.25
N LEU B 31 -38.01 -7.24 -23.12
CA LEU B 31 -39.48 -7.37 -23.28
C LEU B 31 -39.86 -8.47 -24.26
N GLY B 32 -41.08 -8.95 -24.08
CA GLY B 32 -41.60 -10.05 -24.91
C GLY B 32 -42.98 -10.49 -24.43
N PRO B 33 -43.42 -11.68 -24.88
CA PRO B 33 -44.79 -12.13 -24.64
C PRO B 33 -45.15 -12.30 -23.16
N ALA B 34 -44.19 -12.65 -22.30
CA ALA B 34 -44.49 -13.18 -20.94
C ALA B 34 -45.34 -12.18 -20.14
N VAL B 35 -45.32 -10.90 -20.49
CA VAL B 35 -46.13 -9.88 -19.77
C VAL B 35 -47.31 -9.43 -20.64
N GLU B 36 -47.30 -9.76 -21.93
CA GLU B 36 -48.31 -9.27 -22.90
C GLU B 36 -49.57 -10.14 -22.84
N ILE B 37 -50.68 -9.56 -22.37
CA ILE B 37 -51.96 -10.27 -22.20
C ILE B 37 -52.80 -10.10 -23.47
N ARG B 38 -53.06 -11.19 -24.16
CA ARG B 38 -53.78 -11.17 -25.46
C ARG B 38 -55.17 -11.78 -25.27
N GLY B 39 -56.20 -10.94 -25.35
CA GLY B 39 -57.60 -11.37 -25.23
C GLY B 39 -57.89 -11.99 -23.87
N GLY B 40 -57.31 -11.43 -22.81
CA GLY B 40 -57.55 -11.87 -21.42
C GLY B 40 -56.70 -13.09 -21.06
N LYS B 41 -56.11 -13.76 -22.05
CA LYS B 41 -55.35 -15.01 -21.78
C LYS B 41 -53.85 -14.70 -21.68
N LYS B 42 -53.21 -15.29 -20.67
CA LYS B 42 -51.75 -15.12 -20.40
C LYS B 42 -50.93 -15.84 -21.47
N PHE B 43 -49.61 -15.68 -21.44
CA PHE B 43 -48.68 -16.35 -22.39
C PHE B 43 -48.57 -17.83 -22.01
N GLY B 44 -48.88 -18.70 -22.98
CA GLY B 44 -48.86 -20.17 -22.83
C GLY B 44 -50.21 -20.74 -22.43
N GLU B 45 -51.32 -20.03 -22.71
CA GLU B 45 -52.69 -20.53 -22.48
C GLU B 45 -53.34 -20.96 -23.80
N ASP B 54 -54.08 -6.99 -26.16
CA ASP B 54 -54.75 -6.08 -25.19
C ASP B 54 -53.64 -5.26 -24.52
N VAL B 55 -53.45 -4.02 -24.92
CA VAL B 55 -52.27 -3.24 -24.44
C VAL B 55 -52.54 -2.66 -23.05
N GLU B 56 -53.78 -2.34 -22.70
CA GLU B 56 -54.04 -1.76 -21.36
C GLU B 56 -53.74 -2.82 -20.29
N ALA B 57 -54.04 -4.09 -20.55
CA ALA B 57 -53.69 -5.18 -19.62
C ALA B 57 -52.16 -5.28 -19.53
N SER B 58 -51.49 -5.36 -20.67
CA SER B 58 -50.01 -5.50 -20.73
C SER B 58 -49.33 -4.23 -20.20
N ALA B 59 -50.00 -3.08 -20.18
CA ALA B 59 -49.39 -1.84 -19.65
C ALA B 59 -49.39 -1.90 -18.12
N LYS B 60 -50.46 -2.37 -17.51
CA LYS B 60 -50.48 -2.50 -16.03
C LYS B 60 -49.42 -3.52 -15.61
N ASN B 61 -49.12 -4.49 -16.46
CA ASN B 61 -48.06 -5.48 -16.15
C ASN B 61 -46.71 -4.80 -16.19
N ILE B 62 -46.37 -4.21 -17.33
CA ILE B 62 -45.06 -3.54 -17.50
C ILE B 62 -44.89 -2.46 -16.43
N ALA B 63 -45.97 -1.82 -16.01
CA ALA B 63 -45.89 -0.84 -14.90
C ALA B 63 -45.31 -1.50 -13.65
N LYS B 64 -45.46 -2.82 -13.49
CA LYS B 64 -45.00 -3.48 -12.25
C LYS B 64 -43.51 -3.84 -12.36
N LEU B 65 -43.04 -4.25 -13.54
CA LEU B 65 -41.58 -4.38 -13.78
C LEU B 65 -40.90 -3.06 -13.43
N ILE B 66 -41.50 -1.94 -13.79
CA ILE B 66 -40.87 -0.60 -13.60
C ILE B 66 -40.75 -0.30 -12.11
N GLU B 67 -41.79 -0.54 -11.33
CA GLU B 67 -41.70 -0.28 -9.88
C GLU B 67 -40.81 -1.34 -9.25
N ALA B 68 -40.68 -2.49 -9.89
CA ALA B 68 -39.85 -3.58 -9.34
C ALA B 68 -38.35 -3.26 -9.51
N GLY B 69 -37.99 -2.34 -10.41
CA GLY B 69 -36.60 -1.85 -10.52
C GLY B 69 -36.04 -1.99 -11.92
N ALA B 70 -36.88 -2.29 -12.90
CA ALA B 70 -36.50 -2.18 -14.32
C ALA B 70 -36.21 -0.70 -14.59
N ASN B 71 -34.98 -0.43 -15.01
CA ASN B 71 -34.60 0.94 -15.43
C ASN B 71 -34.72 1.08 -16.95
N THR B 72 -34.65 -0.01 -17.70
CA THR B 72 -34.62 0.09 -19.16
C THR B 72 -35.15 -1.19 -19.78
N PHE B 73 -36.09 -1.06 -20.69
CA PHE B 73 -36.62 -2.21 -21.47
C PHE B 73 -35.80 -2.41 -22.73
N ARG B 74 -35.52 -3.68 -23.00
CA ARG B 74 -34.80 -4.12 -24.21
C ARG B 74 -35.80 -4.67 -25.20
N PHE B 75 -35.65 -4.29 -26.47
CA PHE B 75 -36.46 -4.83 -27.59
C PHE B 75 -35.52 -5.61 -28.50
N ASN B 76 -35.44 -6.92 -28.32
CA ASN B 76 -34.56 -7.75 -29.18
C ASN B 76 -35.24 -7.90 -30.55
N PHE B 77 -34.70 -7.20 -31.54
CA PHE B 77 -35.20 -7.25 -32.94
C PHE B 77 -34.84 -8.57 -33.60
N SER B 78 -34.03 -9.42 -32.97
CA SER B 78 -33.63 -10.74 -33.54
C SER B 78 -34.83 -11.70 -33.59
N HIS B 79 -35.87 -11.48 -32.79
CA HIS B 79 -37.09 -12.33 -32.79
C HIS B 79 -38.31 -11.42 -32.77
N GLY B 80 -38.82 -11.07 -33.94
CA GLY B 80 -40.00 -10.21 -34.07
C GLY B 80 -39.99 -9.45 -35.37
N ASP B 81 -41.18 -9.05 -35.82
CA ASP B 81 -41.32 -8.22 -37.05
C ASP B 81 -41.47 -6.75 -36.63
N HIS B 82 -41.53 -5.85 -37.62
CA HIS B 82 -41.63 -4.39 -37.36
C HIS B 82 -43.02 -4.02 -36.86
N GLN B 83 -44.05 -4.79 -37.19
CA GLN B 83 -45.41 -4.58 -36.62
C GLN B 83 -45.38 -4.80 -35.10
N GLU B 84 -44.65 -5.80 -34.64
CA GLU B 84 -44.65 -6.24 -33.21
C GLU B 84 -43.90 -5.20 -32.36
N GLN B 85 -42.66 -4.88 -32.73
CA GLN B 85 -41.81 -3.95 -31.94
C GLN B 85 -42.54 -2.60 -31.80
N GLY B 86 -43.08 -2.06 -32.89
CA GLY B 86 -43.83 -0.80 -32.84
C GLY B 86 -44.91 -0.86 -31.79
N GLU B 87 -45.60 -2.00 -31.68
CA GLU B 87 -46.77 -2.09 -30.79
C GLU B 87 -46.36 -2.25 -29.34
N ARG B 88 -45.25 -2.94 -29.06
CA ARG B 88 -44.78 -3.07 -27.65
C ARG B 88 -44.31 -1.70 -27.16
N MET B 89 -43.43 -1.03 -27.90
CA MET B 89 -42.94 0.33 -27.52
C MET B 89 -44.15 1.24 -27.28
N ALA B 90 -45.25 1.00 -27.97
CA ALA B 90 -46.52 1.66 -27.63
C ALA B 90 -46.84 1.35 -26.16
N THR B 91 -46.78 0.08 -25.77
CA THR B 91 -47.33 -0.38 -24.47
C THR B 91 -46.52 0.20 -23.30
N VAL B 92 -45.23 0.35 -23.45
CA VAL B 92 -44.39 0.80 -22.29
C VAL B 92 -44.56 2.31 -22.11
N LYS B 93 -44.81 3.05 -23.18
CA LYS B 93 -45.04 4.50 -23.05
C LYS B 93 -46.25 4.73 -22.14
N LEU B 94 -47.27 3.88 -22.24
CA LEU B 94 -48.44 3.95 -21.31
C LEU B 94 -47.98 3.50 -19.93
N ALA B 95 -47.15 2.46 -19.87
CA ALA B 95 -46.68 1.89 -18.58
C ALA B 95 -46.01 2.97 -17.74
N GLU B 96 -45.24 3.87 -18.38
CA GLU B 96 -44.58 4.98 -17.65
C GLU B 96 -45.65 5.89 -17.03
N LYS B 97 -46.73 6.13 -17.77
CA LYS B 97 -47.83 7.01 -17.28
C LYS B 97 -48.44 6.37 -16.03
N ILE B 98 -48.76 5.08 -16.11
CA ILE B 98 -49.29 4.34 -14.93
C ILE B 98 -48.26 4.41 -13.81
N ALA B 99 -47.00 4.07 -14.13
CA ALA B 99 -45.94 3.83 -13.13
C ALA B 99 -45.53 5.15 -12.46
N GLY B 100 -45.62 6.27 -13.17
CA GLY B 100 -45.17 7.56 -12.63
C GLY B 100 -43.66 7.68 -12.67
N LYS B 101 -42.98 6.74 -13.35
CA LYS B 101 -41.51 6.77 -13.53
C LYS B 101 -41.20 6.50 -14.99
N LYS B 102 -40.13 7.11 -15.48
CA LYS B 102 -39.68 6.85 -16.86
C LYS B 102 -38.59 5.80 -16.84
N VAL B 103 -38.36 5.24 -18.02
CA VAL B 103 -37.33 4.20 -18.26
C VAL B 103 -36.73 4.51 -19.62
N GLY B 104 -35.63 3.85 -19.92
CA GLY B 104 -35.01 3.93 -21.25
C GLY B 104 -35.55 2.86 -22.18
N PHE B 105 -35.32 3.05 -23.48
CA PHE B 105 -35.76 2.15 -24.57
C PHE B 105 -34.52 1.67 -25.31
N LEU B 106 -34.37 0.36 -25.41
CA LEU B 106 -33.12 -0.23 -25.95
C LEU B 106 -33.47 -1.13 -27.13
N LEU B 107 -32.76 -0.96 -28.25
CA LEU B 107 -32.97 -1.79 -29.47
C LEU B 107 -31.79 -2.72 -29.60
N ASP B 108 -32.07 -4.01 -29.52
CA ASP B 108 -31.04 -5.04 -29.75
C ASP B 108 -31.08 -5.42 -31.23
N THR B 109 -30.07 -5.03 -31.99
CA THR B 109 -29.93 -5.48 -33.40
C THR B 109 -29.76 -7.00 -33.43
N LYS B 110 -30.00 -7.62 -34.58
CA LYS B 110 -29.73 -9.06 -34.75
C LYS B 110 -28.36 -9.22 -35.41
N GLY B 111 -28.06 -8.34 -36.37
CA GLY B 111 -26.73 -8.25 -37.01
C GLY B 111 -26.33 -9.55 -37.69
N PRO B 112 -25.01 -9.77 -38.01
CA PRO B 112 -24.57 -11.01 -38.59
C PRO B 112 -25.19 -12.23 -37.92
N GLU B 113 -25.24 -13.33 -38.67
CA GLU B 113 -25.94 -14.57 -38.27
C GLU B 113 -25.70 -15.62 -39.35
N ILE B 114 -26.08 -16.87 -39.10
CA ILE B 114 -25.92 -17.98 -40.08
C ILE B 114 -26.91 -19.10 -39.72
N TYR B 128 -26.54 -37.18 -35.64
CA TYR B 128 -25.13 -37.49 -35.90
C TYR B 128 -24.41 -37.75 -34.58
N LYS B 129 -23.49 -38.72 -34.58
CA LYS B 129 -22.76 -39.09 -33.35
C LYS B 129 -21.27 -39.30 -33.66
N THR B 130 -20.48 -39.26 -32.59
CA THR B 130 -19.02 -39.01 -32.61
C THR B 130 -18.34 -39.81 -33.72
N GLY B 131 -18.08 -39.20 -34.86
CA GLY B 131 -17.12 -39.77 -35.82
C GLY B 131 -17.63 -39.72 -37.24
N GLU B 132 -18.92 -39.53 -37.43
CA GLU B 132 -19.51 -39.51 -38.79
C GLU B 132 -18.76 -38.48 -39.63
N LYS B 133 -18.47 -38.80 -40.87
CA LYS B 133 -17.74 -37.87 -41.76
C LYS B 133 -18.68 -37.34 -42.83
N ILE B 134 -18.64 -36.03 -42.97
CA ILE B 134 -19.75 -35.23 -43.56
C ILE B 134 -19.12 -33.98 -44.18
N ARG B 135 -19.76 -33.40 -45.17
CA ARG B 135 -19.26 -32.14 -45.79
C ARG B 135 -20.32 -31.03 -45.66
N VAL B 136 -19.92 -29.80 -46.02
CA VAL B 136 -20.83 -28.62 -46.06
C VAL B 136 -20.28 -27.59 -47.02
N ALA B 137 -21.14 -26.67 -47.48
CA ALA B 137 -20.92 -25.88 -48.71
C ALA B 137 -21.10 -24.38 -48.47
N THR B 138 -20.08 -23.59 -48.81
CA THR B 138 -20.08 -22.11 -48.81
C THR B 138 -21.36 -21.62 -49.53
N ASP B 161 -13.10 -18.90 -47.77
CA ASP B 161 -11.70 -18.37 -47.81
C ASP B 161 -11.26 -17.89 -46.42
N ASP B 162 -12.17 -17.77 -45.47
CA ASP B 162 -11.83 -17.24 -44.13
C ASP B 162 -11.74 -18.36 -43.10
N VAL B 163 -11.88 -19.61 -43.53
CA VAL B 163 -11.94 -20.76 -42.57
C VAL B 163 -10.74 -21.66 -42.81
N GLU B 164 -9.76 -21.57 -41.92
CA GLU B 164 -8.59 -22.47 -41.89
C GLU B 164 -9.07 -23.92 -41.77
N VAL B 165 -8.45 -24.82 -42.52
CA VAL B 165 -8.62 -26.28 -42.30
C VAL B 165 -8.03 -26.55 -40.91
N GLY B 166 -8.89 -26.62 -39.91
CA GLY B 166 -8.47 -26.72 -38.51
C GLY B 166 -9.53 -26.09 -37.64
N ARG B 167 -10.30 -25.18 -38.23
CA ARG B 167 -11.41 -24.50 -37.53
C ARG B 167 -12.44 -25.52 -37.05
N GLN B 168 -13.28 -25.08 -36.14
CA GLN B 168 -14.49 -25.82 -35.72
C GLN B 168 -15.72 -25.15 -36.32
N VAL B 169 -16.73 -25.94 -36.62
CA VAL B 169 -18.09 -25.42 -36.93
C VAL B 169 -19.02 -25.97 -35.86
N LEU B 170 -19.97 -25.14 -35.44
CA LEU B 170 -20.94 -25.56 -34.39
C LEU B 170 -22.34 -25.21 -34.86
N VAL B 171 -23.18 -26.24 -34.92
CA VAL B 171 -24.61 -26.07 -35.28
C VAL B 171 -25.43 -26.25 -34.01
N ASP B 172 -26.55 -25.54 -33.96
CA ASP B 172 -27.44 -25.41 -32.77
C ASP B 172 -26.63 -25.03 -31.50
N ASP B 173 -26.55 -23.72 -31.24
CA ASP B 173 -26.09 -23.11 -29.97
C ASP B 173 -24.81 -23.77 -29.44
N GLY B 174 -23.91 -24.16 -30.34
CA GLY B 174 -22.56 -24.62 -29.95
C GLY B 174 -22.59 -25.93 -29.20
N LYS B 175 -23.53 -26.82 -29.53
CA LYS B 175 -23.61 -28.15 -28.87
C LYS B 175 -23.08 -29.26 -29.78
N LEU B 176 -23.27 -29.16 -31.09
CA LEU B 176 -22.76 -30.17 -32.05
C LEU B 176 -21.47 -29.68 -32.70
N GLY B 177 -20.41 -30.48 -32.67
CA GLY B 177 -19.04 -30.07 -33.07
C GLY B 177 -18.55 -30.66 -34.38
N LEU B 178 -18.41 -29.83 -35.43
CA LEU B 178 -17.89 -30.25 -36.76
C LEU B 178 -16.47 -29.69 -36.94
N ARG B 179 -15.45 -30.50 -36.67
CA ARG B 179 -14.04 -30.09 -36.81
C ARG B 179 -13.61 -30.30 -38.25
N VAL B 180 -13.56 -29.23 -39.03
CA VAL B 180 -13.24 -29.28 -40.48
C VAL B 180 -11.85 -29.91 -40.66
N VAL B 181 -11.71 -30.78 -41.66
CA VAL B 181 -10.46 -31.54 -41.89
C VAL B 181 -10.00 -31.44 -43.34
N ALA B 182 -10.74 -30.75 -44.21
CA ALA B 182 -10.35 -30.52 -45.62
C ALA B 182 -11.36 -29.55 -46.27
N GLU B 191 -14.84 -30.50 -45.73
CA GLU B 191 -15.13 -31.84 -45.13
C GLU B 191 -14.94 -31.74 -43.63
N VAL B 192 -15.94 -32.16 -42.88
CA VAL B 192 -15.94 -32.05 -41.39
C VAL B 192 -16.18 -33.42 -40.79
N GLU B 193 -15.94 -33.54 -39.50
CA GLU B 193 -16.24 -34.79 -38.75
C GLU B 193 -16.92 -34.41 -37.44
N VAL B 194 -17.94 -35.17 -37.07
CA VAL B 194 -18.68 -34.93 -35.80
C VAL B 194 -17.76 -35.23 -34.62
N GLU B 195 -17.81 -34.39 -33.59
CA GLU B 195 -16.95 -34.52 -32.38
C GLU B 195 -17.73 -35.01 -31.17
N ASN B 196 -19.02 -34.67 -31.07
CA ASN B 196 -19.87 -35.20 -29.98
C ASN B 196 -21.27 -35.39 -30.52
N ASP B 197 -22.06 -36.19 -29.80
CA ASP B 197 -23.44 -36.58 -30.20
C ASP B 197 -24.35 -35.36 -30.21
N GLN B 203 -32.36 -24.57 -40.80
CA GLN B 203 -32.40 -23.14 -40.38
C GLN B 203 -32.01 -23.04 -38.90
N LYS B 204 -30.78 -23.45 -38.59
CA LYS B 204 -30.21 -23.33 -37.23
C LYS B 204 -29.07 -22.32 -37.25
N GLY B 205 -28.82 -21.71 -36.10
CA GLY B 205 -27.72 -20.74 -35.93
C GLY B 205 -26.38 -21.44 -35.87
N VAL B 206 -25.41 -20.96 -36.64
CA VAL B 206 -24.07 -21.57 -36.70
C VAL B 206 -23.01 -20.53 -36.29
N ASN B 207 -22.03 -20.98 -35.53
CA ASN B 207 -20.85 -20.18 -35.14
C ASN B 207 -19.58 -20.86 -35.65
N ILE B 208 -18.56 -20.07 -35.97
CA ILE B 208 -17.23 -20.60 -36.39
C ILE B 208 -16.18 -19.84 -35.60
N PRO B 209 -15.85 -20.30 -34.39
CA PRO B 209 -14.95 -19.54 -33.51
C PRO B 209 -13.59 -19.21 -34.14
N ASN B 210 -13.08 -18.02 -33.81
CA ASN B 210 -11.74 -17.51 -34.19
C ASN B 210 -11.65 -17.34 -35.72
N THR B 211 -12.64 -16.73 -36.34
CA THR B 211 -12.60 -16.42 -37.79
C THR B 211 -12.95 -14.95 -38.01
N LYS B 212 -12.20 -14.28 -38.88
CA LYS B 212 -12.50 -12.87 -39.25
C LYS B 212 -13.31 -12.90 -40.55
N ILE B 213 -14.57 -13.28 -40.43
CA ILE B 213 -15.51 -13.36 -41.58
C ILE B 213 -16.08 -11.97 -41.80
N PRO B 214 -16.05 -11.43 -43.04
CA PRO B 214 -16.40 -10.03 -43.28
C PRO B 214 -17.92 -9.85 -43.38
N PHE B 215 -18.61 -10.08 -42.28
CA PHE B 215 -20.01 -9.64 -42.18
C PHE B 215 -19.99 -8.13 -42.37
N PRO B 216 -21.02 -7.58 -43.05
CA PRO B 216 -21.07 -6.14 -43.28
C PRO B 216 -21.00 -5.42 -41.93
N ALA B 217 -20.04 -4.52 -41.80
CA ALA B 217 -19.95 -3.61 -40.62
C ALA B 217 -21.35 -3.05 -40.37
N LEU B 218 -22.05 -2.69 -41.44
CA LEU B 218 -23.46 -2.28 -41.36
C LEU B 218 -24.27 -3.16 -42.32
N ALA B 219 -24.91 -4.20 -41.79
CA ALA B 219 -25.77 -5.06 -42.63
C ALA B 219 -27.00 -4.26 -43.05
N GLU B 220 -27.82 -4.82 -43.93
CA GLU B 220 -29.02 -4.09 -44.41
C GLU B 220 -30.23 -4.54 -43.59
N ARG B 221 -30.29 -5.81 -43.19
CA ARG B 221 -31.38 -6.29 -42.32
C ARG B 221 -31.41 -5.41 -41.06
N ASP B 222 -30.24 -5.02 -40.59
CA ASP B 222 -30.08 -4.16 -39.37
C ASP B 222 -30.37 -2.71 -39.73
N ASN B 223 -29.75 -2.21 -40.81
CA ASN B 223 -29.88 -0.80 -41.24
C ASN B 223 -31.35 -0.39 -41.23
N ASP B 224 -32.23 -1.26 -41.72
CA ASP B 224 -33.67 -0.94 -41.78
C ASP B 224 -34.26 -0.93 -40.36
N ASP B 225 -33.81 -1.84 -39.50
CA ASP B 225 -34.39 -1.99 -38.13
C ASP B 225 -34.05 -0.75 -37.30
N ILE B 226 -32.78 -0.37 -37.29
CA ILE B 226 -32.28 0.80 -36.52
C ILE B 226 -33.08 2.05 -36.91
N ARG B 227 -33.17 2.36 -38.20
CA ARG B 227 -33.97 3.50 -38.69
C ARG B 227 -35.41 3.35 -38.19
N PHE B 228 -35.96 2.14 -38.26
CA PHE B 228 -37.33 1.89 -37.76
C PHE B 228 -37.40 2.24 -36.28
N GLY B 229 -36.34 1.92 -35.53
CA GLY B 229 -36.31 2.18 -34.07
C GLY B 229 -36.24 3.66 -33.75
N LEU B 230 -35.20 4.34 -34.25
CA LEU B 230 -35.02 5.80 -34.03
C LEU B 230 -36.32 6.53 -34.40
N GLU B 231 -37.03 6.03 -35.41
CA GLU B 231 -38.39 6.53 -35.75
C GLU B 231 -39.24 6.58 -34.48
N GLN B 232 -39.42 5.43 -33.83
CA GLN B 232 -40.37 5.27 -32.70
C GLN B 232 -39.90 6.08 -31.49
N GLY B 233 -38.60 6.35 -31.36
CA GLY B 233 -38.06 7.03 -30.18
C GLY B 233 -37.36 6.05 -29.27
N ILE B 234 -36.05 5.93 -29.42
CA ILE B 234 -35.24 5.02 -28.58
C ILE B 234 -34.00 5.74 -28.08
N ASN B 235 -33.51 5.30 -26.94
CA ASN B 235 -32.39 5.98 -26.23
C ASN B 235 -31.11 5.20 -26.44
N PHE B 236 -31.18 3.88 -26.57
CA PHE B 236 -29.98 3.04 -26.76
C PHE B 236 -30.18 2.11 -27.95
N ILE B 237 -29.05 1.73 -28.53
CA ILE B 237 -28.95 0.62 -29.50
C ILE B 237 -27.84 -0.30 -29.00
N ALA B 238 -28.12 -1.59 -28.90
CA ALA B 238 -27.12 -2.62 -28.62
C ALA B 238 -26.74 -3.31 -29.94
N ILE B 239 -25.50 -3.10 -30.38
CA ILE B 239 -25.04 -3.59 -31.70
C ILE B 239 -24.53 -5.02 -31.50
N SER B 240 -25.30 -5.99 -31.97
CA SER B 240 -24.90 -7.43 -31.92
C SER B 240 -23.63 -7.68 -32.72
N PHE B 241 -22.73 -8.49 -32.17
CA PHE B 241 -21.57 -9.06 -32.89
C PHE B 241 -20.64 -7.96 -33.41
N VAL B 242 -20.31 -7.03 -32.54
CA VAL B 242 -19.25 -6.02 -32.85
C VAL B 242 -17.91 -6.72 -32.79
N ARG B 243 -17.00 -6.36 -33.69
CA ARG B 243 -15.62 -6.91 -33.69
C ARG B 243 -14.57 -5.88 -34.12
N THR B 244 -14.96 -4.76 -34.73
CA THR B 244 -14.05 -3.63 -35.00
C THR B 244 -14.77 -2.33 -34.71
N ALA B 245 -14.02 -1.24 -34.56
CA ALA B 245 -14.60 0.11 -34.34
C ALA B 245 -15.53 0.44 -35.52
N LYS B 246 -15.24 -0.09 -36.70
CA LYS B 246 -16.04 0.16 -37.92
C LYS B 246 -17.50 -0.24 -37.67
N ASP B 247 -17.73 -1.34 -36.97
CA ASP B 247 -19.10 -1.88 -36.76
C ASP B 247 -19.93 -0.89 -35.93
N VAL B 248 -19.29 -0.16 -35.01
CA VAL B 248 -20.02 0.86 -34.21
C VAL B 248 -20.14 2.14 -35.04
N ASN B 249 -19.02 2.62 -35.59
CA ASN B 249 -18.98 3.95 -36.25
C ASN B 249 -20.09 4.05 -37.31
N GLU B 250 -20.38 2.96 -38.02
CA GLU B 250 -21.36 3.07 -39.11
C GLU B 250 -22.77 3.10 -38.56
N VAL B 251 -23.00 2.51 -37.40
CA VAL B 251 -24.30 2.73 -36.71
C VAL B 251 -24.33 4.16 -36.14
N ARG B 252 -23.18 4.70 -35.75
CA ARG B 252 -23.15 6.11 -35.28
C ARG B 252 -23.27 7.05 -36.48
N ALA B 253 -22.89 6.61 -37.67
CA ALA B 253 -23.17 7.39 -38.89
C ALA B 253 -24.68 7.56 -39.04
N ILE B 254 -25.45 6.49 -38.81
CA ILE B 254 -26.93 6.56 -39.02
C ILE B 254 -27.57 7.49 -37.98
N CYS B 255 -27.05 7.55 -36.76
CA CYS B 255 -27.76 8.27 -35.66
C CYS B 255 -27.63 9.78 -35.84
N GLU B 256 -26.44 10.27 -36.21
CA GLU B 256 -26.15 11.72 -36.40
C GLU B 256 -26.52 12.15 -37.82
N GLU B 257 -27.04 11.25 -38.65
CA GLU B 257 -27.57 11.58 -39.99
C GLU B 257 -29.10 11.69 -39.94
N THR B 258 -29.74 10.98 -39.01
CA THR B 258 -31.19 11.12 -38.74
C THR B 258 -31.44 12.23 -37.72
N GLY B 259 -30.38 12.91 -37.27
CA GLY B 259 -30.45 13.87 -36.15
C GLY B 259 -30.93 13.22 -34.86
N ASN B 260 -30.37 12.06 -34.49
CA ASN B 260 -30.48 11.51 -33.11
C ASN B 260 -29.06 11.22 -32.60
N GLY B 261 -28.21 12.23 -32.56
CA GLY B 261 -26.89 12.12 -31.92
C GLY B 261 -27.05 11.68 -30.48
N HIS B 262 -28.20 12.01 -29.89
CA HIS B 262 -28.56 11.70 -28.48
C HIS B 262 -28.56 10.19 -28.20
N VAL B 263 -28.70 9.35 -29.22
CA VAL B 263 -28.82 7.89 -29.00
C VAL B 263 -27.45 7.33 -28.61
N GLN B 264 -27.43 6.49 -27.59
CA GLN B 264 -26.19 5.85 -27.10
C GLN B 264 -26.08 4.41 -27.61
N LEU B 265 -24.86 4.00 -27.89
CA LEU B 265 -24.55 2.75 -28.60
C LEU B 265 -23.80 1.78 -27.69
N PHE B 266 -24.42 0.64 -27.41
CA PHE B 266 -23.77 -0.48 -26.71
C PHE B 266 -23.24 -1.43 -27.77
N ALA B 267 -21.97 -1.79 -27.63
CA ALA B 267 -21.30 -2.76 -28.51
C ALA B 267 -21.31 -4.11 -27.82
N LYS B 268 -22.27 -4.96 -28.14
CA LYS B 268 -22.22 -6.38 -27.71
C LYS B 268 -20.91 -7.02 -28.18
N ILE B 269 -20.10 -7.50 -27.23
CA ILE B 269 -18.89 -8.29 -27.51
C ILE B 269 -19.32 -9.76 -27.49
N GLU B 270 -18.95 -10.52 -28.50
CA GLU B 270 -19.52 -11.88 -28.64
C GLU B 270 -18.51 -12.87 -29.19
N ASN B 271 -17.26 -12.49 -29.41
CA ASN B 271 -16.35 -13.40 -30.16
C ASN B 271 -14.93 -12.92 -29.94
N GLN B 272 -13.96 -13.67 -30.43
CA GLN B 272 -12.54 -13.38 -30.15
C GLN B 272 -12.17 -12.04 -30.78
N GLN B 273 -12.69 -11.75 -31.98
CA GLN B 273 -12.30 -10.52 -32.72
C GLN B 273 -12.75 -9.29 -31.92
N GLY B 274 -13.99 -9.31 -31.41
CA GLY B 274 -14.45 -8.28 -30.46
C GLY B 274 -13.46 -8.13 -29.32
N ILE B 275 -13.10 -9.22 -28.67
CA ILE B 275 -12.23 -9.17 -27.47
C ILE B 275 -10.85 -8.67 -27.89
N ASP B 276 -10.38 -9.05 -29.07
CA ASP B 276 -9.04 -8.62 -29.52
C ASP B 276 -9.04 -7.11 -29.80
N ASN B 277 -10.18 -6.54 -30.15
CA ASN B 277 -10.26 -5.12 -30.55
C ASN B 277 -11.04 -4.32 -29.51
N LEU B 278 -11.07 -4.79 -28.28
CA LEU B 278 -12.02 -4.25 -27.28
C LEU B 278 -11.68 -2.78 -27.01
N ASP B 279 -10.40 -2.42 -27.05
CA ASP B 279 -9.98 -1.04 -26.74
C ASP B 279 -10.56 -0.09 -27.79
N GLU B 280 -10.38 -0.37 -29.07
CA GLU B 280 -10.89 0.55 -30.11
C GLU B 280 -12.43 0.53 -30.09
N ILE B 281 -13.04 -0.55 -29.65
CA ILE B 281 -14.52 -0.62 -29.61
C ILE B 281 -15.02 0.21 -28.44
N ILE B 282 -14.37 0.08 -27.30
CA ILE B 282 -14.66 0.96 -26.14
C ILE B 282 -14.59 2.41 -26.61
N GLU B 283 -13.52 2.76 -27.32
CA GLU B 283 -13.28 4.16 -27.74
C GLU B 283 -14.43 4.62 -28.65
N ALA B 284 -14.78 3.83 -29.66
CA ALA B 284 -15.87 4.15 -30.59
C ALA B 284 -17.22 4.15 -29.85
N ALA B 285 -17.45 3.17 -28.98
CA ALA B 285 -18.78 2.93 -28.39
C ALA B 285 -19.02 3.81 -27.17
N ASP B 286 -20.26 3.85 -26.73
CA ASP B 286 -20.69 4.49 -25.45
C ASP B 286 -20.68 3.49 -24.29
N GLY B 287 -20.36 2.22 -24.54
CA GLY B 287 -20.55 1.17 -23.54
C GLY B 287 -20.61 -0.21 -24.16
N ILE B 288 -20.31 -1.21 -23.35
CA ILE B 288 -20.25 -2.63 -23.79
C ILE B 288 -21.43 -3.38 -23.22
N MET B 289 -22.09 -4.19 -24.05
CA MET B 289 -23.01 -5.22 -23.54
C MET B 289 -22.22 -6.52 -23.47
N ILE B 290 -22.00 -7.07 -22.28
CA ILE B 290 -21.19 -8.31 -22.17
C ILE B 290 -22.09 -9.48 -22.52
N ALA B 291 -22.03 -9.91 -23.77
CA ALA B 291 -23.01 -10.86 -24.33
C ALA B 291 -22.46 -12.26 -24.11
N ARG B 292 -22.91 -12.93 -23.05
CA ARG B 292 -22.17 -14.10 -22.50
C ARG B 292 -22.60 -15.39 -23.22
N GLY B 293 -23.85 -15.44 -23.67
CA GLY B 293 -24.35 -16.51 -24.57
C GLY B 293 -23.38 -16.81 -25.70
N ASP B 294 -23.48 -16.08 -26.81
CA ASP B 294 -22.56 -16.25 -27.96
C ASP B 294 -21.11 -16.32 -27.46
N MET B 295 -20.73 -15.39 -26.58
CA MET B 295 -19.31 -15.30 -26.13
C MET B 295 -18.88 -16.61 -25.48
N GLY B 296 -19.80 -17.35 -24.86
CA GLY B 296 -19.47 -18.64 -24.23
C GLY B 296 -19.13 -19.70 -25.27
N ILE B 297 -19.82 -19.67 -26.41
CA ILE B 297 -19.53 -20.59 -27.55
C ILE B 297 -18.22 -20.14 -28.20
N GLU B 298 -18.09 -18.86 -28.50
CA GLU B 298 -17.02 -18.36 -29.41
C GLU B 298 -15.65 -18.38 -28.71
N VAL B 299 -15.59 -18.07 -27.42
CA VAL B 299 -14.33 -18.24 -26.66
C VAL B 299 -14.55 -19.42 -25.72
N PRO B 300 -13.48 -20.04 -25.19
CA PRO B 300 -13.63 -21.15 -24.27
C PRO B 300 -14.48 -20.80 -23.04
N PHE B 301 -15.54 -21.58 -22.81
CA PHE B 301 -16.61 -21.28 -21.82
C PHE B 301 -16.02 -20.86 -20.47
N GLU B 302 -14.80 -21.30 -20.13
CA GLU B 302 -14.20 -21.02 -18.79
C GLU B 302 -13.38 -19.75 -18.82
N MET B 303 -13.39 -18.99 -19.90
CA MET B 303 -12.67 -17.69 -19.86
C MET B 303 -13.64 -16.52 -19.80
N VAL B 304 -14.93 -16.77 -19.94
CA VAL B 304 -15.86 -15.61 -19.90
C VAL B 304 -15.90 -15.02 -18.49
N PRO B 305 -15.78 -15.78 -17.37
CA PRO B 305 -15.52 -15.12 -16.08
C PRO B 305 -14.32 -14.17 -16.14
N VAL B 306 -13.23 -14.57 -16.79
CA VAL B 306 -11.99 -13.75 -16.85
C VAL B 306 -12.26 -12.51 -17.69
N TYR B 307 -12.96 -12.68 -18.79
CA TYR B 307 -13.24 -11.58 -19.73
C TYR B 307 -14.22 -10.61 -19.08
N GLN B 308 -15.12 -11.14 -18.27
CA GLN B 308 -16.16 -10.30 -17.66
C GLN B 308 -15.51 -9.34 -16.66
N LYS B 309 -14.50 -9.80 -15.94
CA LYS B 309 -13.82 -8.93 -14.96
C LYS B 309 -13.02 -7.86 -15.71
N MET B 310 -12.38 -8.21 -16.81
CA MET B 310 -11.44 -7.26 -17.46
C MET B 310 -12.20 -6.28 -18.36
N ILE B 311 -13.39 -6.64 -18.82
CA ILE B 311 -14.20 -5.69 -19.63
C ILE B 311 -14.88 -4.69 -18.70
N ILE B 312 -15.39 -5.14 -17.57
CA ILE B 312 -16.08 -4.19 -16.66
C ILE B 312 -15.04 -3.17 -16.20
N LYS B 313 -13.84 -3.63 -15.83
CA LYS B 313 -12.77 -2.70 -15.36
C LYS B 313 -12.46 -1.66 -16.43
N LYS B 314 -12.14 -2.09 -17.64
CA LYS B 314 -11.73 -1.20 -18.74
C LYS B 314 -12.87 -0.23 -19.11
N VAL B 315 -14.07 -0.73 -19.39
CA VAL B 315 -15.19 0.19 -19.70
C VAL B 315 -15.25 1.27 -18.63
N ASN B 316 -15.34 0.87 -17.38
CA ASN B 316 -15.42 1.84 -16.26
C ASN B 316 -14.28 2.85 -16.37
N ALA B 317 -13.04 2.40 -16.49
CA ALA B 317 -11.89 3.29 -16.72
C ALA B 317 -12.14 4.24 -17.89
N ALA B 318 -12.91 3.85 -18.90
CA ALA B 318 -13.15 4.76 -20.05
C ALA B 318 -14.39 5.62 -19.82
N GLY B 319 -14.83 5.79 -18.57
CA GLY B 319 -16.01 6.60 -18.23
C GLY B 319 -17.28 6.17 -18.94
N LYS B 320 -17.40 4.90 -19.32
CA LYS B 320 -18.58 4.37 -20.05
C LYS B 320 -19.40 3.42 -19.18
N VAL B 321 -20.36 2.73 -19.81
CA VAL B 321 -21.42 1.93 -19.13
C VAL B 321 -21.31 0.48 -19.58
N VAL B 322 -21.29 -0.45 -18.65
CA VAL B 322 -21.19 -1.87 -19.03
C VAL B 322 -22.42 -2.59 -18.51
N ILE B 323 -23.11 -3.28 -19.42
CA ILE B 323 -24.23 -4.16 -19.04
C ILE B 323 -23.66 -5.58 -18.98
N THR B 324 -24.10 -6.34 -17.99
CA THR B 324 -23.69 -7.75 -17.82
C THR B 324 -24.93 -8.58 -18.09
N ALA B 325 -24.89 -9.48 -19.05
CA ALA B 325 -26.12 -10.00 -19.70
C ALA B 325 -26.14 -11.53 -19.88
N THR B 326 -27.37 -12.04 -20.03
CA THR B 326 -27.77 -13.43 -20.44
C THR B 326 -27.47 -14.46 -19.35
N ASN B 327 -28.47 -15.29 -19.05
CA ASN B 327 -28.40 -16.46 -18.13
C ASN B 327 -28.28 -16.05 -16.66
N MET B 328 -28.72 -14.85 -16.29
CA MET B 328 -28.41 -14.38 -14.93
C MET B 328 -29.33 -15.03 -13.90
N LEU B 329 -30.64 -14.95 -14.07
CA LEU B 329 -31.57 -15.67 -13.17
C LEU B 329 -32.26 -16.73 -14.01
N GLU B 330 -31.46 -17.46 -14.80
CA GLU B 330 -31.89 -18.41 -15.85
C GLU B 330 -33.06 -19.29 -15.38
N THR B 331 -32.86 -20.19 -14.43
CA THR B 331 -33.91 -21.16 -14.02
C THR B 331 -35.17 -20.44 -13.55
N MET B 332 -35.12 -19.13 -13.28
CA MET B 332 -36.37 -18.37 -12.98
C MET B 332 -37.22 -18.19 -14.23
N THR B 333 -36.81 -18.66 -15.41
CA THR B 333 -37.73 -18.72 -16.57
C THR B 333 -38.84 -19.73 -16.28
N GLU B 334 -38.53 -20.82 -15.55
CA GLU B 334 -39.47 -21.95 -15.33
C GLU B 334 -39.87 -22.09 -13.86
N LYS B 335 -39.02 -21.74 -12.90
CA LYS B 335 -39.33 -22.00 -11.47
C LYS B 335 -39.37 -20.68 -10.72
N PRO B 336 -40.13 -20.59 -9.61
CA PRO B 336 -40.31 -19.31 -8.91
C PRO B 336 -39.07 -18.79 -8.17
N ARG B 337 -38.07 -19.64 -7.96
CA ARG B 337 -36.87 -19.22 -7.17
C ARG B 337 -35.61 -19.51 -7.97
N ALA B 338 -34.57 -18.73 -7.71
CA ALA B 338 -33.29 -18.79 -8.45
C ALA B 338 -32.35 -19.80 -7.80
N THR B 339 -31.44 -20.34 -8.58
CA THR B 339 -30.40 -21.25 -8.06
C THR B 339 -29.37 -20.44 -7.28
N ARG B 340 -28.56 -21.11 -6.48
CA ARG B 340 -27.59 -20.36 -5.67
C ARG B 340 -26.38 -19.98 -6.51
N SER B 341 -26.20 -20.58 -7.67
CA SER B 341 -25.18 -20.12 -8.66
C SER B 341 -25.70 -18.84 -9.32
N GLU B 342 -26.98 -18.80 -9.65
CA GLU B 342 -27.58 -17.59 -10.25
C GLU B 342 -27.46 -16.40 -9.29
N VAL B 343 -27.91 -16.57 -8.05
CA VAL B 343 -27.82 -15.45 -7.08
C VAL B 343 -26.36 -15.02 -6.99
N SER B 344 -25.47 -15.99 -6.91
CA SER B 344 -24.02 -15.68 -6.74
C SER B 344 -23.57 -14.83 -7.92
N ASP B 345 -24.13 -15.08 -9.09
CA ASP B 345 -23.56 -14.53 -10.35
C ASP B 345 -24.00 -13.07 -10.53
N VAL B 346 -25.28 -12.79 -10.33
CA VAL B 346 -25.73 -11.38 -10.21
C VAL B 346 -24.89 -10.69 -9.13
N PHE B 347 -24.74 -11.32 -7.96
CA PHE B 347 -23.97 -10.74 -6.84
C PHE B 347 -22.56 -10.41 -7.30
N ASN B 348 -21.90 -11.31 -8.02
CA ASN B 348 -20.48 -11.03 -8.32
C ASN B 348 -20.38 -10.01 -9.44
N ALA B 349 -21.39 -9.91 -10.31
CA ALA B 349 -21.37 -8.92 -11.41
C ALA B 349 -21.30 -7.52 -10.79
N VAL B 350 -22.12 -7.29 -9.77
CA VAL B 350 -22.05 -6.03 -8.99
C VAL B 350 -20.63 -5.87 -8.43
N ILE B 351 -20.09 -6.86 -7.72
CA ILE B 351 -18.78 -6.64 -7.05
C ILE B 351 -17.71 -6.36 -8.10
N ASP B 352 -17.79 -6.98 -9.28
CA ASP B 352 -16.79 -6.74 -10.35
C ASP B 352 -16.89 -5.30 -10.87
N GLY B 353 -18.10 -4.73 -10.86
CA GLY B 353 -18.27 -3.29 -11.12
C GLY B 353 -19.32 -2.98 -12.17
N THR B 354 -20.23 -3.90 -12.47
CA THR B 354 -21.15 -3.70 -13.60
C THR B 354 -21.95 -2.43 -13.34
N ASP B 355 -22.32 -1.77 -14.41
CA ASP B 355 -23.24 -0.62 -14.35
C ASP B 355 -24.64 -1.21 -14.29
N ALA B 356 -24.93 -2.12 -15.20
CA ALA B 356 -26.23 -2.79 -15.25
C ALA B 356 -26.03 -4.31 -15.26
N THR B 357 -27.11 -4.97 -14.86
CA THR B 357 -27.37 -6.42 -15.02
C THR B 357 -28.61 -6.54 -15.92
N MET B 358 -28.68 -7.61 -16.68
CA MET B 358 -29.75 -7.79 -17.68
C MET B 358 -30.51 -9.09 -17.47
N LEU B 359 -31.82 -9.03 -17.64
CA LEU B 359 -32.65 -10.23 -17.82
C LEU B 359 -33.00 -10.34 -19.29
N SER B 360 -32.75 -11.50 -19.89
CA SER B 360 -33.15 -11.82 -21.28
C SER B 360 -34.44 -12.65 -21.30
N GLY B 361 -34.31 -13.93 -21.64
CA GLY B 361 -35.46 -14.86 -21.61
C GLY B 361 -36.27 -14.71 -20.33
N GLU B 362 -35.58 -14.60 -19.20
CA GLU B 362 -36.19 -14.60 -17.83
C GLU B 362 -37.44 -13.70 -17.78
N SER B 363 -37.45 -12.59 -18.52
CA SER B 363 -38.56 -11.61 -18.49
C SER B 363 -39.26 -11.55 -19.84
N ALA B 364 -38.56 -11.85 -20.93
CA ALA B 364 -39.17 -11.89 -22.28
C ALA B 364 -40.27 -12.97 -22.32
N ASN B 365 -39.89 -14.24 -22.12
CA ASN B 365 -40.83 -15.38 -22.29
C ASN B 365 -40.56 -16.41 -21.18
N GLY B 366 -41.31 -16.30 -20.09
CA GLY B 366 -41.03 -17.03 -18.85
C GLY B 366 -42.17 -16.88 -17.89
N LYS B 367 -42.24 -17.76 -16.91
CA LYS B 367 -43.46 -17.88 -16.08
C LYS B 367 -43.47 -16.85 -14.95
N TYR B 368 -42.36 -16.20 -14.61
CA TYR B 368 -42.35 -15.33 -13.40
C TYR B 368 -41.67 -14.00 -13.66
N PRO B 369 -42.10 -13.22 -14.66
CA PRO B 369 -41.24 -12.13 -15.14
C PRO B 369 -40.97 -11.12 -14.02
N LEU B 370 -42.01 -10.67 -13.34
CA LEU B 370 -41.89 -9.69 -12.24
C LEU B 370 -41.04 -10.25 -11.10
N GLU B 371 -41.17 -11.54 -10.76
CA GLU B 371 -40.36 -12.16 -9.68
C GLU B 371 -38.89 -12.19 -10.10
N SER B 372 -38.61 -12.27 -11.40
CA SER B 372 -37.21 -12.19 -11.89
C SER B 372 -36.65 -10.78 -11.66
N VAL B 373 -37.44 -9.76 -11.97
CA VAL B 373 -36.97 -8.35 -11.79
C VAL B 373 -36.81 -8.10 -10.30
N THR B 374 -37.80 -8.48 -9.50
CA THR B 374 -37.76 -8.24 -8.04
C THR B 374 -36.53 -8.95 -7.43
N THR B 375 -36.23 -10.16 -7.89
CA THR B 375 -35.13 -10.92 -7.26
C THR B 375 -33.80 -10.21 -7.59
N MET B 376 -33.58 -9.91 -8.87
CA MET B 376 -32.36 -9.18 -9.29
C MET B 376 -32.26 -7.85 -8.52
N ALA B 377 -33.35 -7.13 -8.36
CA ALA B 377 -33.30 -5.84 -7.63
C ALA B 377 -32.90 -6.09 -6.18
N THR B 378 -33.46 -7.11 -5.53
CA THR B 378 -33.08 -7.46 -4.15
C THR B 378 -31.60 -7.84 -4.12
N ILE B 379 -31.14 -8.68 -5.02
CA ILE B 379 -29.71 -9.09 -5.04
C ILE B 379 -28.85 -7.84 -5.30
N ASP B 380 -29.13 -7.12 -6.37
CA ASP B 380 -28.34 -5.92 -6.74
C ASP B 380 -28.21 -5.00 -5.51
N LYS B 381 -29.32 -4.74 -4.83
CA LYS B 381 -29.34 -3.77 -3.71
C LYS B 381 -28.39 -4.23 -2.60
N ASN B 382 -28.40 -5.51 -2.25
CA ASN B 382 -27.47 -6.02 -1.20
C ASN B 382 -26.02 -5.81 -1.65
N ALA B 383 -25.64 -6.28 -2.84
CA ALA B 383 -24.23 -6.34 -3.26
C ALA B 383 -23.63 -4.93 -3.24
N GLN B 384 -24.42 -3.90 -3.48
CA GLN B 384 -23.86 -2.53 -3.45
C GLN B 384 -23.52 -2.12 -2.01
N ALA B 385 -24.13 -2.71 -0.99
CA ALA B 385 -23.76 -2.38 0.40
C ALA B 385 -22.33 -2.88 0.69
N LEU B 386 -21.77 -3.74 -0.16
CA LEU B 386 -20.43 -4.33 0.10
C LEU B 386 -19.39 -3.84 -0.89
N LEU B 387 -19.72 -2.91 -1.76
CA LEU B 387 -18.73 -2.44 -2.75
C LEU B 387 -17.52 -1.83 -2.05
N ASN B 388 -17.65 -1.30 -0.84
CA ASN B 388 -16.48 -0.70 -0.12
C ASN B 388 -15.54 -1.80 0.32
N GLU B 389 -16.05 -2.80 1.03
CA GLU B 389 -15.24 -3.96 1.48
C GLU B 389 -14.66 -4.67 0.25
N TYR B 390 -15.51 -5.23 -0.61
CA TYR B 390 -15.13 -6.24 -1.62
C TYR B 390 -14.86 -5.63 -3.01
N GLY B 391 -15.32 -4.42 -3.29
CA GLY B 391 -15.49 -3.94 -4.67
C GLY B 391 -14.17 -3.87 -5.42
N ARG B 392 -14.22 -4.07 -6.73
CA ARG B 392 -12.99 -4.28 -7.52
C ARG B 392 -12.55 -3.00 -8.26
N LEU B 393 -13.48 -2.15 -8.67
CA LEU B 393 -13.11 -0.85 -9.28
C LEU B 393 -12.33 -0.02 -8.27
N ASP B 394 -11.47 0.83 -8.77
CA ASP B 394 -10.54 1.57 -7.91
C ASP B 394 -10.27 2.91 -8.57
N SER B 395 -10.95 3.96 -8.11
CA SER B 395 -10.89 5.29 -8.76
C SER B 395 -9.54 5.96 -8.49
N ASP B 396 -8.78 5.53 -7.50
CA ASP B 396 -7.52 6.25 -7.16
C ASP B 396 -6.49 6.05 -8.28
N SER B 397 -6.59 5.02 -9.10
CA SER B 397 -5.61 4.81 -10.19
C SER B 397 -5.95 5.65 -11.41
N PHE B 398 -7.20 6.03 -11.62
CA PHE B 398 -7.62 6.82 -12.80
C PHE B 398 -6.76 8.07 -12.91
N GLU B 399 -6.57 8.56 -14.13
CA GLU B 399 -5.88 9.85 -14.37
C GLU B 399 -6.97 10.86 -14.70
N ARG B 400 -7.05 11.97 -14.00
CA ARG B 400 -8.15 12.92 -14.26
C ARG B 400 -7.79 13.62 -15.57
N ASN B 401 -8.54 13.40 -16.65
CA ASN B 401 -8.14 13.93 -17.99
C ASN B 401 -8.84 15.25 -18.30
N SER B 402 -9.82 15.69 -17.53
CA SER B 402 -10.46 16.99 -17.78
C SER B 402 -10.88 17.64 -16.48
N LYS B 403 -10.99 18.96 -16.49
CA LYS B 403 -11.39 19.73 -15.29
C LYS B 403 -12.70 19.20 -14.73
N THR B 404 -13.61 18.71 -15.56
CA THR B 404 -14.84 18.07 -15.04
C THR B 404 -14.47 16.82 -14.25
N GLU B 405 -13.46 16.06 -14.69
CA GLU B 405 -13.04 14.86 -13.93
C GLU B 405 -12.46 15.25 -12.58
N VAL B 406 -11.65 16.30 -12.52
CA VAL B 406 -10.94 16.45 -11.23
C VAL B 406 -12.00 16.91 -10.24
N MET B 407 -13.10 17.43 -10.75
CA MET B 407 -14.16 17.78 -9.82
C MET B 407 -15.01 16.55 -9.50
N ALA B 408 -15.14 15.61 -10.42
CA ALA B 408 -15.80 14.32 -10.12
C ALA B 408 -15.02 13.60 -9.04
N SER B 409 -13.72 13.42 -9.25
CA SER B 409 -12.76 12.95 -8.21
C SER B 409 -13.01 13.70 -6.90
N ALA B 410 -13.09 15.02 -6.92
CA ALA B 410 -13.16 15.82 -5.67
C ALA B 410 -14.47 15.54 -4.96
N VAL B 411 -15.54 15.30 -5.71
CA VAL B 411 -16.84 14.86 -5.14
C VAL B 411 -16.68 13.53 -4.43
N LYS B 412 -16.07 12.54 -5.10
CA LYS B 412 -15.85 11.22 -4.44
C LYS B 412 -15.11 11.41 -3.11
N ASP B 413 -14.10 12.28 -3.10
CA ASP B 413 -13.33 12.64 -1.88
C ASP B 413 -14.30 13.06 -0.77
N ALA B 414 -15.14 14.04 -1.08
CA ALA B 414 -16.14 14.59 -0.14
C ALA B 414 -16.97 13.46 0.47
N THR B 415 -17.38 12.49 -0.36
CA THR B 415 -18.30 11.43 0.11
C THR B 415 -17.52 10.44 0.98
N SER B 416 -16.20 10.47 0.90
CA SER B 416 -15.29 9.55 1.65
C SER B 416 -14.98 10.18 3.00
N SER B 417 -15.02 11.49 3.03
CA SER B 417 -14.61 12.35 4.16
C SER B 417 -15.77 12.49 5.15
N MET B 418 -17.00 12.35 4.70
CA MET B 418 -18.12 12.53 5.63
C MET B 418 -19.32 11.80 5.05
N ASP B 419 -20.38 11.76 5.85
CA ASP B 419 -21.61 11.03 5.51
C ASP B 419 -22.42 11.94 4.60
N ILE B 420 -22.41 11.63 3.31
CA ILE B 420 -23.12 12.40 2.27
C ILE B 420 -24.26 11.54 1.74
N LYS B 421 -25.47 12.08 1.70
CA LYS B 421 -26.68 11.29 1.37
C LYS B 421 -26.87 11.23 -0.14
N LEU B 422 -26.50 12.29 -0.86
CA LEU B 422 -26.86 12.47 -2.29
C LEU B 422 -25.83 13.34 -2.99
N VAL B 423 -25.48 12.97 -4.20
CA VAL B 423 -24.80 13.87 -5.16
C VAL B 423 -25.88 14.48 -6.07
N VAL B 424 -25.81 15.77 -6.28
CA VAL B 424 -26.74 16.47 -7.21
C VAL B 424 -25.86 17.20 -8.20
N THR B 425 -25.94 16.81 -9.47
CA THR B 425 -25.31 17.50 -10.62
C THR B 425 -26.39 18.13 -11.50
N LEU B 426 -26.33 19.44 -11.68
CA LEU B 426 -27.13 20.15 -12.71
C LEU B 426 -26.37 20.02 -14.05
N THR B 427 -26.94 19.31 -15.00
CA THR B 427 -26.18 18.77 -16.16
C THR B 427 -27.00 18.91 -17.44
N LYS B 428 -26.47 19.61 -18.43
CA LYS B 428 -27.19 19.83 -19.72
C LYS B 428 -27.15 18.56 -20.57
N THR B 429 -26.01 17.90 -20.66
CA THR B 429 -25.82 16.71 -21.53
C THR B 429 -25.63 15.43 -20.72
N GLY B 430 -25.51 15.52 -19.38
CA GLY B 430 -25.23 14.34 -18.56
C GLY B 430 -23.75 13.98 -18.48
N HIS B 431 -22.88 14.69 -19.20
CA HIS B 431 -21.41 14.47 -19.09
C HIS B 431 -21.01 14.43 -17.58
N THR B 432 -21.28 15.48 -16.80
CA THR B 432 -20.89 15.53 -15.38
C THR B 432 -21.45 14.32 -14.62
N ALA B 433 -22.70 13.96 -14.83
CA ALA B 433 -23.31 12.79 -14.16
C ALA B 433 -22.52 11.52 -14.52
N ARG B 434 -21.96 11.44 -15.71
CA ARG B 434 -21.23 10.21 -16.07
C ARG B 434 -19.90 10.19 -15.33
N LEU B 435 -19.16 11.29 -15.34
CA LEU B 435 -17.86 11.22 -14.63
C LEU B 435 -18.08 10.93 -13.16
N ILE B 436 -19.12 11.47 -12.56
CA ILE B 436 -19.35 11.17 -11.12
C ILE B 436 -19.62 9.67 -10.99
N SER B 437 -20.66 9.17 -11.64
CA SER B 437 -20.88 7.71 -11.74
C SER B 437 -19.56 6.97 -12.00
N LYS B 438 -18.71 7.48 -12.87
CA LYS B 438 -17.50 6.68 -13.16
C LYS B 438 -16.79 6.38 -11.86
N TYR B 439 -16.67 7.39 -11.00
CA TYR B 439 -15.88 7.34 -9.74
C TYR B 439 -16.62 6.51 -8.69
N ARG B 440 -17.90 6.22 -8.87
CA ARG B 440 -18.61 5.30 -7.92
C ARG B 440 -18.57 5.89 -6.51
N PRO B 441 -19.06 7.12 -6.23
CA PRO B 441 -19.08 7.60 -4.86
C PRO B 441 -20.00 6.70 -4.04
N ASN B 442 -19.93 6.84 -2.72
CA ASN B 442 -20.85 6.11 -1.82
C ASN B 442 -22.00 7.04 -1.48
N ALA B 443 -22.92 7.16 -2.42
CA ALA B 443 -24.05 8.10 -2.39
C ALA B 443 -24.80 7.94 -3.71
N ASP B 444 -26.10 8.11 -3.71
CA ASP B 444 -26.78 8.17 -5.02
C ASP B 444 -26.45 9.51 -5.69
N ILE B 445 -26.68 9.55 -7.00
CA ILE B 445 -26.44 10.74 -7.83
C ILE B 445 -27.74 11.16 -8.50
N LEU B 446 -28.33 12.22 -7.98
CA LEU B 446 -29.48 12.90 -8.61
C LEU B 446 -28.95 13.72 -9.77
N ALA B 447 -29.38 13.44 -10.99
CA ALA B 447 -29.00 14.24 -12.18
C ALA B 447 -30.14 15.18 -12.55
N LEU B 448 -29.89 16.47 -12.56
CA LEU B 448 -30.95 17.43 -12.86
C LEU B 448 -30.65 17.89 -14.27
N THR B 449 -31.51 17.50 -15.17
CA THR B 449 -31.29 17.69 -16.61
C THR B 449 -32.56 18.31 -17.19
N PHE B 450 -32.46 18.91 -18.36
CA PHE B 450 -33.53 19.81 -18.88
C PHE B 450 -34.19 19.28 -20.17
N ASP B 451 -33.95 18.04 -20.57
CA ASP B 451 -34.72 17.45 -21.69
C ASP B 451 -34.87 15.95 -21.50
N GLU B 452 -36.06 15.45 -21.83
CA GLU B 452 -36.40 14.01 -21.69
C GLU B 452 -35.33 13.12 -22.31
N LEU B 453 -34.66 13.57 -23.36
CA LEU B 453 -33.70 12.69 -24.06
C LEU B 453 -32.38 12.59 -23.31
N THR B 454 -31.91 13.66 -22.69
CA THR B 454 -30.73 13.52 -21.81
C THR B 454 -31.13 12.65 -20.61
N GLU B 455 -32.36 12.84 -20.14
CA GLU B 455 -32.92 12.13 -18.96
C GLU B 455 -32.81 10.64 -19.21
N ARG B 456 -33.57 10.13 -20.17
CA ARG B 456 -33.61 8.69 -20.48
C ARG B 456 -32.21 8.19 -20.79
N GLY B 457 -31.36 9.02 -21.38
CA GLY B 457 -30.01 8.58 -21.78
C GLY B 457 -29.10 8.35 -20.59
N LEU B 458 -29.59 8.61 -19.38
CA LEU B 458 -28.74 8.47 -18.17
C LEU B 458 -29.22 7.31 -17.29
N MET B 459 -30.17 6.50 -17.77
CA MET B 459 -30.87 5.51 -16.93
C MET B 459 -30.10 4.19 -16.78
N LEU B 460 -28.90 4.08 -17.29
CA LEU B 460 -28.11 2.83 -17.16
C LEU B 460 -26.75 3.11 -16.50
N ASN B 461 -26.41 4.38 -16.30
CA ASN B 461 -25.20 4.74 -15.52
C ASN B 461 -25.40 4.34 -14.06
N TRP B 462 -24.37 3.77 -13.46
CA TRP B 462 -24.43 3.27 -12.07
C TRP B 462 -24.87 4.42 -11.17
N GLY B 463 -25.92 4.19 -10.41
CA GLY B 463 -26.28 5.09 -9.30
C GLY B 463 -26.89 6.40 -9.76
N VAL B 464 -27.03 6.66 -11.06
CA VAL B 464 -27.62 7.97 -11.46
C VAL B 464 -29.14 7.86 -11.41
N ILE B 465 -29.80 8.83 -10.80
CA ILE B 465 -31.27 8.95 -10.84
C ILE B 465 -31.64 10.17 -11.68
N PRO B 466 -32.08 9.97 -12.93
CA PRO B 466 -32.39 11.09 -13.82
C PRO B 466 -33.72 11.77 -13.48
N MET B 467 -33.68 13.09 -13.36
CA MET B 467 -34.87 13.84 -12.94
C MET B 467 -34.97 15.12 -13.75
N LEU B 468 -36.03 15.22 -14.52
CA LEU B 468 -36.29 16.37 -15.42
C LEU B 468 -36.71 17.59 -14.59
N THR B 469 -36.09 18.73 -14.89
CA THR B 469 -36.35 20.01 -14.21
C THR B 469 -36.31 21.16 -15.22
N ASP B 470 -36.87 22.29 -14.85
CA ASP B 470 -36.80 23.50 -15.71
C ASP B 470 -35.37 24.00 -15.74
N ALA B 471 -34.92 24.40 -16.91
CA ALA B 471 -33.60 25.07 -17.06
C ALA B 471 -33.57 26.24 -16.10
N PRO B 472 -32.54 26.32 -15.24
CA PRO B 472 -32.46 27.40 -14.28
C PRO B 472 -32.28 28.73 -15.02
N SER B 473 -32.92 29.79 -14.55
CA SER B 473 -32.80 31.14 -15.15
C SER B 473 -31.45 31.72 -14.73
N SER B 474 -31.16 32.95 -15.09
CA SER B 474 -29.88 33.58 -14.74
C SER B 474 -29.96 34.11 -13.31
N THR B 475 -31.13 33.96 -12.70
CA THR B 475 -31.36 34.52 -11.35
C THR B 475 -31.65 33.37 -10.38
N ASP B 476 -32.20 32.28 -10.90
CA ASP B 476 -32.49 31.13 -10.02
C ASP B 476 -31.21 30.78 -9.25
N ASP B 477 -31.36 30.24 -8.05
CA ASP B 477 -30.23 29.78 -7.21
C ASP B 477 -30.12 28.29 -7.54
N MET B 478 -29.08 27.85 -8.25
CA MET B 478 -29.20 26.42 -8.61
C MET B 478 -28.89 25.54 -7.40
N PHE B 479 -28.24 26.05 -6.36
CA PHE B 479 -28.04 25.18 -5.19
C PHE B 479 -29.36 24.99 -4.45
N GLU B 480 -30.21 26.01 -4.50
CA GLU B 480 -31.58 25.87 -3.96
C GLU B 480 -32.35 24.88 -4.83
N ILE B 481 -32.32 25.06 -6.14
CA ILE B 481 -33.09 24.14 -7.02
C ILE B 481 -32.62 22.70 -6.74
N ALA B 482 -31.33 22.50 -6.53
CA ALA B 482 -30.79 21.17 -6.19
C ALA B 482 -31.47 20.66 -4.91
N GLU B 483 -31.51 21.46 -3.86
CA GLU B 483 -32.17 21.01 -2.60
C GLU B 483 -33.66 20.76 -2.87
N ARG B 484 -34.37 21.68 -3.52
CA ARG B 484 -35.84 21.50 -3.68
C ARG B 484 -36.13 20.26 -4.53
N LYS B 485 -35.41 20.04 -5.63
CA LYS B 485 -35.69 18.85 -6.45
C LYS B 485 -35.39 17.60 -5.62
N ALA B 486 -34.36 17.61 -4.79
CA ALA B 486 -34.02 16.42 -3.98
C ALA B 486 -35.10 16.17 -2.91
N VAL B 487 -35.57 17.21 -2.23
CA VAL B 487 -36.68 17.01 -1.25
C VAL B 487 -37.94 16.56 -1.98
N GLU B 488 -38.25 17.13 -3.15
CA GLU B 488 -39.40 16.62 -3.97
C GLU B 488 -39.21 15.13 -4.26
N ALA B 489 -37.98 14.72 -4.55
CA ALA B 489 -37.73 13.32 -4.94
C ALA B 489 -37.95 12.41 -3.73
N GLY B 490 -37.95 12.96 -2.52
CA GLY B 490 -37.93 12.15 -1.29
C GLY B 490 -36.58 11.46 -1.12
N LEU B 491 -35.51 12.01 -1.68
CA LEU B 491 -34.18 11.39 -1.48
C LEU B 491 -33.44 11.98 -0.30
N VAL B 492 -33.95 13.02 0.33
CA VAL B 492 -33.24 13.67 1.46
C VAL B 492 -34.28 14.17 2.45
N GLU B 493 -33.83 14.47 3.66
CA GLU B 493 -34.72 15.13 4.64
C GLU B 493 -33.87 16.01 5.56
N SER B 494 -34.52 16.88 6.30
CA SER B 494 -33.83 17.95 7.06
C SER B 494 -32.72 17.35 7.92
N GLY B 495 -31.51 17.89 7.81
CA GLY B 495 -30.35 17.31 8.50
C GLY B 495 -29.31 16.75 7.55
N ASP B 496 -29.70 16.06 6.47
CA ASP B 496 -28.80 15.44 5.50
C ASP B 496 -27.85 16.49 4.88
N ASP B 497 -26.59 16.10 4.73
CA ASP B 497 -25.60 16.84 3.92
C ASP B 497 -25.61 16.32 2.47
N ILE B 498 -25.56 17.21 1.49
CA ILE B 498 -25.49 16.78 0.06
C ILE B 498 -24.32 17.50 -0.59
N VAL B 499 -23.76 16.90 -1.62
CA VAL B 499 -22.79 17.60 -2.51
C VAL B 499 -23.54 18.02 -3.76
N ILE B 500 -23.33 19.24 -4.22
CA ILE B 500 -24.03 19.81 -5.40
C ILE B 500 -22.98 20.37 -6.34
N VAL B 501 -22.98 19.93 -7.59
CA VAL B 501 -21.99 20.43 -8.59
C VAL B 501 -22.76 21.11 -9.70
N ALA B 502 -22.17 22.13 -10.28
CA ALA B 502 -22.90 22.96 -11.26
C ALA B 502 -21.92 23.75 -12.11
N GLY B 503 -22.44 24.31 -13.18
CA GLY B 503 -21.68 25.27 -13.97
C GLY B 503 -22.16 26.65 -13.65
N VAL B 504 -21.36 27.41 -12.90
CA VAL B 504 -21.74 28.76 -12.42
C VAL B 504 -20.80 29.81 -13.01
N PRO B 505 -21.33 30.93 -13.48
CA PRO B 505 -22.77 31.19 -13.47
C PRO B 505 -23.41 30.45 -14.65
N VAL B 506 -24.69 30.17 -14.58
CA VAL B 506 -25.37 29.40 -15.65
C VAL B 506 -25.15 30.06 -17.01
N GLY B 507 -24.96 29.24 -18.04
CA GLY B 507 -24.77 29.71 -19.42
C GLY B 507 -23.35 30.14 -19.72
N GLU B 508 -22.78 31.01 -18.89
CA GLU B 508 -21.42 31.53 -19.15
C GLU B 508 -20.34 30.53 -18.77
N ALA B 509 -20.67 29.55 -17.92
CA ALA B 509 -19.66 28.58 -17.47
C ALA B 509 -19.49 27.53 -18.56
N VAL B 510 -18.28 27.23 -18.95
CA VAL B 510 -18.13 26.30 -20.10
C VAL B 510 -18.37 24.88 -19.59
N ARG B 511 -18.10 24.61 -18.32
CA ARG B 511 -18.24 23.24 -17.75
C ARG B 511 -18.59 23.33 -16.27
N THR B 512 -19.02 22.22 -15.69
CA THR B 512 -19.24 22.18 -14.23
C THR B 512 -17.95 22.70 -13.62
N ASN B 513 -18.01 23.68 -12.73
CA ASN B 513 -16.78 24.27 -12.18
C ASN B 513 -16.92 24.55 -10.70
N THR B 514 -18.09 24.30 -10.13
CA THR B 514 -18.35 24.66 -8.71
C THR B 514 -18.84 23.47 -7.91
N MET B 515 -18.25 23.22 -6.75
CA MET B 515 -18.78 22.21 -5.80
C MET B 515 -19.28 22.88 -4.52
N ARG B 516 -20.47 22.51 -4.09
CA ARG B 516 -20.98 23.08 -2.83
C ARG B 516 -21.30 21.96 -1.83
N ILE B 517 -20.96 22.15 -0.57
CA ILE B 517 -21.52 21.26 0.49
C ILE B 517 -22.65 22.01 1.19
N ARG B 518 -23.86 21.50 0.97
CA ARG B 518 -25.12 22.07 1.48
C ARG B 518 -25.79 21.10 2.45
N THR B 519 -26.09 21.56 3.66
CA THR B 519 -27.02 20.88 4.60
C THR B 519 -28.48 21.18 4.23
N VAL B 520 -29.30 20.15 4.14
CA VAL B 520 -30.74 20.27 3.80
C VAL B 520 -31.49 20.92 4.97
N ARG B 521 -32.28 21.95 4.68
CA ARG B 521 -33.04 22.68 5.73
C ARG B 521 -34.14 21.77 6.27
N MET C 21 22.96 -5.13 23.83
CA MET C 21 22.29 -4.76 22.54
C MET C 21 23.34 -4.22 21.55
N ASN C 22 23.59 -4.97 20.49
CA ASN C 22 24.72 -4.64 19.59
C ASN C 22 24.32 -3.58 18.57
N LYS C 23 25.32 -2.97 17.97
CA LYS C 23 25.15 -1.92 16.95
C LYS C 23 25.26 -2.52 15.56
N ARG C 24 24.34 -2.15 14.68
CA ARG C 24 24.29 -2.69 13.31
C ARG C 24 24.87 -1.70 12.30
N VAL C 25 24.77 -0.40 12.55
CA VAL C 25 25.30 0.58 11.57
C VAL C 25 26.78 0.81 11.83
N LYS C 26 27.60 0.53 10.82
CA LYS C 26 29.08 0.47 10.96
C LYS C 26 29.66 1.87 11.07
N ILE C 27 30.78 1.98 11.77
CA ILE C 27 31.47 3.28 11.89
C ILE C 27 32.83 3.18 11.21
N VAL C 28 33.12 4.19 10.39
CA VAL C 28 34.46 4.41 9.77
C VAL C 28 35.12 5.57 10.50
N ALA C 29 36.17 5.29 11.25
CA ALA C 29 36.90 6.32 12.03
C ALA C 29 38.19 6.66 11.31
N THR C 30 38.44 7.95 11.11
CA THR C 30 39.67 8.43 10.45
C THR C 30 40.74 8.68 11.51
N LEU C 31 41.85 7.97 11.40
CA LEU C 31 42.97 8.07 12.38
C LEU C 31 43.96 9.14 11.97
N GLY C 32 44.60 9.69 12.99
CA GLY C 32 45.38 10.91 12.86
C GLY C 32 46.22 11.09 14.11
N PRO C 33 46.87 12.24 14.26
CA PRO C 33 47.65 12.52 15.48
C PRO C 33 46.84 12.42 16.78
N ALA C 34 45.52 12.56 16.74
CA ALA C 34 44.69 12.90 17.92
C ALA C 34 44.74 11.79 18.98
N VAL C 35 44.95 10.55 18.60
CA VAL C 35 45.00 9.48 19.62
C VAL C 35 46.43 9.04 19.86
N GLU C 36 47.41 9.57 19.15
CA GLU C 36 48.72 8.95 19.40
C GLU C 36 49.62 9.81 20.26
N ILE C 37 50.29 9.07 21.12
CA ILE C 37 51.24 9.60 22.11
C ILE C 37 52.58 9.96 21.42
N LYS C 52 59.07 11.84 19.82
CA LYS C 52 59.08 10.85 18.74
C LYS C 52 57.75 10.12 18.82
N LEU C 53 57.20 9.57 17.74
CA LEU C 53 55.89 8.88 17.85
C LEU C 53 56.08 7.49 18.47
N ASP C 54 55.63 7.35 19.71
CA ASP C 54 55.50 6.01 20.33
C ASP C 54 54.42 5.23 19.59
N VAL C 55 54.21 3.98 19.98
CA VAL C 55 53.11 3.15 19.39
C VAL C 55 52.36 2.39 20.48
N GLU C 56 53.07 1.72 21.39
CA GLU C 56 52.38 0.93 22.46
C GLU C 56 51.47 1.86 23.27
N ALA C 57 51.74 3.16 23.31
CA ALA C 57 50.85 4.11 24.00
C ALA C 57 49.70 4.49 23.09
N SER C 58 49.98 4.72 21.81
CA SER C 58 48.93 4.98 20.80
C SER C 58 48.04 3.74 20.62
N ALA C 59 48.52 2.57 21.00
CA ALA C 59 47.78 1.31 20.79
C ALA C 59 46.58 1.26 21.74
N LYS C 60 46.65 1.89 22.90
CA LYS C 60 45.57 1.79 23.91
C LYS C 60 44.65 3.00 23.86
N ASN C 61 44.92 4.00 23.03
CA ASN C 61 43.87 4.97 22.64
C ASN C 61 42.98 4.34 21.57
N ILE C 62 43.61 3.91 20.48
CA ILE C 62 42.94 3.18 19.37
C ILE C 62 42.18 1.98 19.95
N ALA C 63 42.64 1.40 21.05
CA ALA C 63 42.07 0.14 21.58
C ALA C 63 40.66 0.39 22.12
N LYS C 64 40.43 1.51 22.80
CA LYS C 64 39.08 1.81 23.36
C LYS C 64 38.22 2.54 22.32
N LEU C 65 38.80 3.03 21.23
CA LEU C 65 37.99 3.43 20.06
C LEU C 65 37.21 2.21 19.56
N ILE C 66 37.85 1.05 19.55
CA ILE C 66 37.18 -0.20 19.11
C ILE C 66 36.12 -0.60 20.13
N GLU C 67 36.42 -0.44 21.41
CA GLU C 67 35.44 -0.73 22.49
C GLU C 67 34.27 0.26 22.41
N ALA C 68 34.50 1.48 21.91
CA ALA C 68 33.43 2.48 21.77
C ALA C 68 32.49 2.05 20.64
N GLY C 69 33.03 1.55 19.54
CA GLY C 69 32.22 1.07 18.41
C GLY C 69 32.91 1.25 17.07
N ALA C 70 34.10 1.83 17.02
CA ALA C 70 34.84 2.00 15.74
C ALA C 70 35.01 0.63 15.06
N ASN C 71 34.58 0.52 13.81
CA ASN C 71 34.53 -0.80 13.12
C ASN C 71 35.57 -0.86 12.01
N THR C 72 35.93 0.27 11.41
CA THR C 72 36.94 0.27 10.32
C THR C 72 37.72 1.58 10.42
N PHE C 73 39.05 1.47 10.44
CA PHE C 73 39.96 2.64 10.53
C PHE C 73 40.35 3.09 9.13
N ARG C 74 40.33 4.39 8.92
CA ARG C 74 40.62 5.01 7.60
C ARG C 74 41.95 5.74 7.67
N PHE C 75 42.85 5.41 6.75
CA PHE C 75 44.16 6.11 6.58
C PHE C 75 44.09 6.94 5.29
N ASN C 76 43.77 8.22 5.45
CA ASN C 76 43.64 9.17 4.33
C ASN C 76 45.06 9.44 3.80
N PHE C 77 45.47 8.74 2.76
CA PHE C 77 46.84 8.88 2.20
C PHE C 77 46.91 10.17 1.38
N SER C 78 46.65 11.31 2.03
CA SER C 78 47.04 12.64 1.50
C SER C 78 47.48 13.56 2.64
N HIS C 79 47.68 13.03 3.84
CA HIS C 79 48.14 13.82 5.01
C HIS C 79 49.21 13.01 5.73
N GLY C 80 50.16 12.47 4.97
CA GLY C 80 51.20 11.64 5.57
C GLY C 80 51.98 10.86 4.53
N ASP C 81 53.23 10.55 4.84
CA ASP C 81 54.09 9.79 3.93
C ASP C 81 53.91 8.28 4.15
N HIS C 82 54.54 7.49 3.28
CA HIS C 82 54.47 6.01 3.32
C HIS C 82 54.97 5.48 4.67
N GLN C 83 55.99 6.12 5.24
CA GLN C 83 56.59 5.62 6.51
C GLN C 83 55.60 5.78 7.65
N GLU C 84 55.20 7.01 7.97
CA GLU C 84 54.39 7.28 9.19
C GLU C 84 53.09 6.47 9.12
N GLN C 85 52.41 6.47 7.98
CA GLN C 85 51.13 5.72 7.87
C GLN C 85 51.39 4.22 7.94
N GLY C 86 52.61 3.77 7.64
CA GLY C 86 52.98 2.35 7.82
C GLY C 86 52.90 1.92 9.27
N GLU C 87 53.54 2.65 10.19
CA GLU C 87 53.64 2.21 11.61
C GLU C 87 52.28 2.41 12.30
N ARG C 88 51.42 3.30 11.80
CA ARG C 88 50.08 3.45 12.40
C ARG C 88 49.27 2.17 12.17
N MET C 89 49.37 1.58 10.99
CA MET C 89 48.69 0.30 10.71
C MET C 89 49.29 -0.78 11.62
N ALA C 90 50.59 -0.74 11.86
CA ALA C 90 51.23 -1.65 12.83
C ALA C 90 50.66 -1.36 14.23
N THR C 91 50.36 -0.11 14.55
CA THR C 91 49.91 0.28 15.91
C THR C 91 48.53 -0.31 16.19
N VAL C 92 47.63 -0.27 15.22
CA VAL C 92 46.20 -0.67 15.43
C VAL C 92 46.10 -2.19 15.60
N LYS C 93 46.95 -2.97 14.95
CA LYS C 93 46.78 -4.44 15.06
C LYS C 93 47.21 -4.94 16.44
N LEU C 94 47.98 -4.15 17.19
CA LEU C 94 48.18 -4.52 18.62
C LEU C 94 47.09 -3.86 19.45
N ALA C 95 46.58 -2.72 19.00
CA ALA C 95 45.31 -2.17 19.53
C ALA C 95 44.21 -3.24 19.40
N GLU C 96 44.17 -3.93 18.27
CA GLU C 96 43.18 -5.02 18.05
C GLU C 96 43.25 -6.02 19.19
N LYS C 97 44.47 -6.42 19.58
CA LYS C 97 44.67 -7.60 20.46
C LYS C 97 44.66 -7.19 21.94
N ILE C 98 44.65 -5.90 22.26
CA ILE C 98 44.36 -5.47 23.65
C ILE C 98 42.84 -5.26 23.79
N ALA C 99 42.18 -4.77 22.75
CA ALA C 99 40.71 -4.54 22.77
C ALA C 99 39.95 -5.87 22.67
N GLY C 100 40.58 -6.90 22.09
CA GLY C 100 39.97 -8.23 21.96
C GLY C 100 38.90 -8.24 20.87
N LYS C 101 39.04 -7.38 19.86
CA LYS C 101 38.17 -7.38 18.66
C LYS C 101 39.03 -6.94 17.48
N LYS C 102 38.87 -7.59 16.34
CA LYS C 102 39.56 -7.16 15.10
C LYS C 102 38.69 -6.16 14.35
N VAL C 103 39.33 -5.30 13.57
CA VAL C 103 38.63 -4.25 12.79
C VAL C 103 39.20 -4.21 11.38
N GLY C 104 38.81 -3.21 10.61
CA GLY C 104 39.09 -3.15 9.18
C GLY C 104 39.98 -1.98 8.85
N PHE C 105 40.59 -2.06 7.66
CA PHE C 105 41.64 -1.12 7.19
C PHE C 105 41.18 -0.52 5.87
N LEU C 106 40.87 0.77 5.89
CA LEU C 106 40.43 1.51 4.69
C LEU C 106 41.43 2.59 4.36
N LEU C 107 41.85 2.63 3.09
CA LEU C 107 42.75 3.68 2.61
C LEU C 107 42.06 4.53 1.56
N ASP C 108 42.08 5.83 1.81
CA ASP C 108 41.45 6.82 0.92
C ASP C 108 42.56 7.42 0.04
N THR C 109 42.46 7.22 -1.26
CA THR C 109 43.45 7.80 -2.21
C THR C 109 43.45 9.31 -2.07
N LYS C 110 44.55 9.95 -2.46
CA LYS C 110 44.54 11.42 -2.56
C LYS C 110 43.68 11.81 -3.76
N GLY C 111 43.82 11.04 -4.85
CA GLY C 111 42.99 11.23 -6.05
C GLY C 111 43.27 12.56 -6.72
N PRO C 112 42.62 12.79 -7.87
CA PRO C 112 42.78 14.02 -8.63
C PRO C 112 42.56 15.29 -7.81
N GLU C 113 43.13 16.38 -8.29
CA GLU C 113 43.25 17.64 -7.52
C GLU C 113 43.62 18.77 -8.48
N ILE C 114 43.22 19.98 -8.12
CA ILE C 114 43.79 21.24 -8.66
C ILE C 114 44.05 22.13 -7.45
N ARG C 115 45.32 22.29 -7.09
CA ARG C 115 45.74 23.34 -6.15
C ARG C 115 46.37 24.48 -6.95
N THR C 116 46.41 25.67 -6.37
CA THR C 116 46.88 26.86 -7.10
C THR C 116 48.39 27.06 -6.93
N LYS C 129 37.86 41.04 -3.76
CA LYS C 129 36.39 41.19 -3.56
C LYS C 129 35.74 41.67 -4.87
N THR C 130 34.42 41.53 -4.91
CA THR C 130 33.54 41.61 -6.10
C THR C 130 34.08 42.52 -7.21
N GLY C 131 33.84 42.12 -8.46
CA GLY C 131 34.06 42.96 -9.66
C GLY C 131 35.46 42.85 -10.22
N GLU C 132 36.46 42.56 -9.39
CA GLU C 132 37.86 42.50 -9.84
C GLU C 132 37.98 41.55 -11.05
N LYS C 133 38.36 42.09 -12.21
CA LYS C 133 38.49 41.27 -13.45
C LYS C 133 39.92 40.74 -13.54
N ILE C 134 40.20 39.75 -12.70
CA ILE C 134 41.53 39.08 -12.62
C ILE C 134 41.63 38.07 -13.76
N ARG C 135 42.80 37.43 -13.90
CA ARG C 135 43.03 36.33 -14.87
C ARG C 135 43.63 35.11 -14.16
N VAL C 136 43.50 33.94 -14.78
CA VAL C 136 44.09 32.65 -14.31
C VAL C 136 44.45 31.81 -15.53
N ALA C 137 45.57 31.09 -15.44
CA ALA C 137 46.23 30.50 -16.63
C ALA C 137 46.07 28.97 -16.66
N THR C 138 45.79 28.46 -17.84
CA THR C 138 45.82 27.01 -18.14
C THR C 138 47.27 26.54 -18.17
N LYS C 139 48.18 27.44 -18.51
CA LYS C 139 49.63 27.16 -18.60
C LYS C 139 50.09 26.40 -17.35
N GLN C 140 51.05 25.52 -17.53
CA GLN C 140 51.61 24.71 -16.41
C GLN C 140 53.07 25.05 -16.20
N GLY C 141 53.56 24.77 -14.99
CA GLY C 141 54.92 25.12 -14.54
C GLY C 141 55.16 26.62 -14.57
N ILE C 142 54.09 27.41 -14.58
CA ILE C 142 54.18 28.89 -14.58
C ILE C 142 53.99 29.45 -13.17
N ALA C 150 48.34 30.62 -11.77
CA ALA C 150 48.54 29.35 -12.50
C ALA C 150 48.01 28.19 -11.66
N LEU C 151 47.69 27.08 -12.32
CA LEU C 151 47.04 25.95 -11.63
C LEU C 151 47.97 24.75 -11.58
N ASN C 152 48.06 24.16 -10.39
CA ASN C 152 48.89 22.95 -10.11
C ASN C 152 48.06 21.71 -10.48
N VAL C 153 47.69 21.58 -11.74
CA VAL C 153 46.79 20.50 -12.19
C VAL C 153 47.48 19.16 -11.92
N ALA C 154 46.72 18.20 -11.41
CA ALA C 154 47.27 16.92 -10.89
C ALA C 154 47.94 16.14 -12.03
N GLY C 155 49.22 15.80 -11.81
CA GLY C 155 50.11 15.19 -12.82
C GLY C 155 50.33 16.08 -14.03
N ALA C 156 49.98 17.37 -13.95
CA ALA C 156 50.07 18.37 -15.04
C ALA C 156 49.12 18.04 -16.20
N LEU C 157 48.25 18.98 -16.56
CA LEU C 157 47.34 18.82 -17.72
C LEU C 157 47.04 20.22 -18.27
N ASP C 158 46.71 20.28 -19.55
CA ASP C 158 46.14 21.51 -20.14
C ASP C 158 44.64 21.43 -19.95
N ILE C 159 44.11 22.21 -19.02
CA ILE C 159 42.67 22.14 -18.69
C ILE C 159 41.92 23.17 -19.54
N TYR C 160 42.56 23.71 -20.57
CA TYR C 160 41.96 24.83 -21.35
C TYR C 160 40.69 24.36 -22.07
N ASP C 161 40.84 23.55 -23.12
CA ASP C 161 39.73 23.32 -24.09
C ASP C 161 38.66 22.42 -23.48
N ASP C 162 38.59 22.35 -22.16
CA ASP C 162 37.57 21.56 -21.45
C ASP C 162 36.71 22.47 -20.56
N VAL C 163 37.27 23.53 -20.01
CA VAL C 163 36.50 24.50 -19.18
C VAL C 163 35.96 25.57 -20.13
N GLU C 164 34.68 25.49 -20.46
CA GLU C 164 34.02 26.47 -21.36
C GLU C 164 33.76 27.78 -20.60
N VAL C 165 33.33 28.81 -21.32
CA VAL C 165 33.05 30.11 -20.69
C VAL C 165 31.67 30.07 -20.06
N GLY C 166 31.51 30.79 -18.95
CA GLY C 166 30.28 30.73 -18.14
C GLY C 166 30.39 29.66 -17.07
N ARG C 167 31.52 28.95 -17.01
CA ARG C 167 31.75 27.95 -15.93
C ARG C 167 32.02 28.70 -14.63
N GLN C 168 32.79 28.12 -13.73
CA GLN C 168 33.01 28.74 -12.40
C GLN C 168 34.25 28.10 -11.77
N VAL C 169 35.20 28.95 -11.41
CA VAL C 169 36.43 28.47 -10.76
C VAL C 169 36.30 28.83 -9.29
N LEU C 170 36.19 27.81 -8.45
CA LEU C 170 36.02 28.02 -6.99
C LEU C 170 37.36 27.73 -6.32
N VAL C 171 37.99 28.78 -5.83
CA VAL C 171 39.27 28.64 -5.10
C VAL C 171 38.96 28.50 -3.61
N ASP C 172 39.85 27.84 -2.88
CA ASP C 172 39.83 27.82 -1.40
C ASP C 172 38.52 27.21 -0.92
N ASP C 173 38.25 25.97 -1.31
CA ASP C 173 37.15 25.16 -0.71
C ASP C 173 35.80 25.74 -1.16
N GLY C 174 35.67 26.01 -2.44
CA GLY C 174 34.44 26.60 -3.00
C GLY C 174 34.08 27.90 -2.31
N LYS C 175 35.04 28.53 -1.64
CA LYS C 175 34.85 29.82 -0.93
C LYS C 175 34.55 30.91 -1.96
N LEU C 176 35.59 31.30 -2.70
CA LEU C 176 35.55 32.39 -3.69
C LEU C 176 34.99 31.83 -5.01
N GLY C 177 34.36 32.68 -5.78
CA GLY C 177 33.82 32.28 -7.10
C GLY C 177 34.33 33.16 -8.22
N LEU C 178 34.90 32.55 -9.26
CA LEU C 178 35.45 33.30 -10.40
C LEU C 178 34.68 32.89 -11.66
N ARG C 179 33.67 33.66 -12.02
CA ARG C 179 32.82 33.37 -13.20
C ARG C 179 33.65 33.65 -14.46
N VAL C 180 34.13 32.60 -15.10
CA VAL C 180 34.86 32.71 -16.40
C VAL C 180 34.00 33.54 -17.35
N VAL C 181 34.56 34.61 -17.87
CA VAL C 181 33.80 35.53 -18.76
C VAL C 181 34.34 35.48 -20.18
N ALA C 182 35.63 35.28 -20.40
CA ALA C 182 36.19 35.25 -21.77
C ALA C 182 37.37 34.28 -21.87
N LYS C 183 37.55 33.68 -23.05
CA LYS C 183 38.64 32.71 -23.32
C LYS C 183 39.64 33.36 -24.29
N ASP C 184 40.93 33.32 -23.97
CA ASP C 184 42.00 33.90 -24.84
C ASP C 184 42.58 32.79 -25.71
N ASP C 185 41.72 32.19 -26.54
CA ASP C 185 42.04 31.09 -27.48
C ASP C 185 43.50 31.12 -27.91
N ALA C 186 44.10 32.30 -28.06
CA ALA C 186 45.49 32.45 -28.53
C ALA C 186 46.48 32.23 -27.39
N THR C 187 46.26 32.87 -26.25
CA THR C 187 47.15 32.75 -25.07
C THR C 187 46.95 31.38 -24.44
N ARG C 188 45.68 31.02 -24.20
CA ARG C 188 45.20 29.76 -23.58
C ARG C 188 44.87 30.00 -22.11
N GLU C 189 45.12 31.21 -21.59
CA GLU C 189 44.78 31.56 -20.18
C GLU C 189 43.26 31.78 -20.07
N PHE C 190 42.77 32.26 -18.92
CA PHE C 190 41.33 32.49 -18.68
C PHE C 190 41.10 33.94 -18.24
N GLU C 191 40.01 34.55 -18.72
CA GLU C 191 39.61 35.89 -18.25
C GLU C 191 38.39 35.69 -17.35
N VAL C 192 38.53 35.99 -16.07
CA VAL C 192 37.42 35.77 -15.09
C VAL C 192 37.00 37.12 -14.49
N GLU C 193 36.09 37.07 -13.53
CA GLU C 193 35.57 38.27 -12.85
C GLU C 193 35.05 37.84 -11.48
N VAL C 194 35.62 38.40 -10.43
CA VAL C 194 35.39 37.88 -9.05
C VAL C 194 33.92 38.06 -8.66
N GLU C 195 33.35 37.06 -8.00
CA GLU C 195 31.94 37.10 -7.53
C GLU C 195 31.89 37.51 -6.06
N ASN C 196 31.55 36.58 -5.17
CA ASN C 196 31.51 36.86 -3.71
C ASN C 196 32.92 37.24 -3.23
N GLY C 205 43.36 24.69 -2.86
CA GLY C 205 42.26 23.87 -3.44
C GLY C 205 41.56 24.64 -4.55
N VAL C 206 41.10 23.94 -5.59
CA VAL C 206 40.35 24.57 -6.70
C VAL C 206 39.40 23.53 -7.26
N ASN C 207 38.12 23.82 -7.23
CA ASN C 207 37.07 22.95 -7.81
C ASN C 207 36.44 23.71 -8.96
N ILE C 208 36.25 23.04 -10.09
CA ILE C 208 35.57 23.64 -11.27
C ILE C 208 34.39 22.76 -11.60
N PRO C 209 33.17 23.15 -11.20
CA PRO C 209 32.04 22.24 -11.27
C PRO C 209 31.47 22.06 -12.69
N ASN C 210 30.97 20.85 -12.93
CA ASN C 210 30.17 20.50 -14.13
C ASN C 210 31.04 20.57 -15.38
N THR C 211 32.27 20.08 -15.27
CA THR C 211 33.15 19.93 -16.46
C THR C 211 33.87 18.58 -16.41
N LYS C 212 34.15 18.06 -17.59
CA LYS C 212 34.76 16.72 -17.76
C LYS C 212 36.26 16.87 -17.98
N ILE C 213 36.99 17.36 -16.97
CA ILE C 213 38.47 17.44 -17.04
C ILE C 213 39.01 16.02 -17.07
N PRO C 214 39.77 15.61 -18.10
CA PRO C 214 40.27 14.23 -18.15
C PRO C 214 41.36 14.01 -17.10
N PHE C 215 40.96 14.01 -15.83
CA PHE C 215 41.87 13.76 -14.70
C PHE C 215 42.47 12.37 -14.83
N PRO C 216 43.74 12.18 -14.39
CA PRO C 216 44.40 10.88 -14.54
C PRO C 216 43.54 9.74 -13.99
N ALA C 217 42.92 8.99 -14.90
CA ALA C 217 42.06 7.84 -14.55
C ALA C 217 42.87 6.88 -13.67
N LEU C 218 44.20 6.89 -13.82
CA LEU C 218 45.11 6.22 -12.86
C LEU C 218 46.44 6.98 -12.82
N ALA C 219 46.50 8.03 -12.02
CA ALA C 219 47.79 8.71 -11.75
C ALA C 219 48.72 7.70 -11.08
N GLU C 220 50.02 7.87 -11.28
CA GLU C 220 51.00 6.98 -10.61
C GLU C 220 51.17 7.42 -9.15
N ARG C 221 50.90 8.68 -8.81
CA ARG C 221 50.81 9.08 -7.39
C ARG C 221 49.71 8.24 -6.72
N ASP C 222 48.56 8.09 -7.40
CA ASP C 222 47.51 7.14 -6.98
C ASP C 222 48.08 5.72 -7.05
N ASN C 223 48.64 5.33 -8.20
CA ASN C 223 49.20 3.97 -8.41
C ASN C 223 50.19 3.64 -7.29
N ASP C 224 50.98 4.61 -6.84
CA ASP C 224 52.06 4.38 -5.84
C ASP C 224 51.43 3.83 -4.55
N ASP C 225 50.58 4.62 -3.91
CA ASP C 225 50.14 4.35 -2.51
C ASP C 225 49.18 3.16 -2.45
N ILE C 226 48.44 2.89 -3.51
CA ILE C 226 47.57 1.68 -3.56
C ILE C 226 48.45 0.45 -3.30
N ARG C 227 49.66 0.44 -3.88
CA ARG C 227 50.53 -0.76 -3.80
C ARG C 227 51.18 -0.87 -2.40
N PHE C 228 51.47 0.24 -1.73
CA PHE C 228 52.06 0.19 -0.37
C PHE C 228 51.02 -0.37 0.61
N GLY C 229 49.76 0.01 0.43
CA GLY C 229 48.66 -0.51 1.27
C GLY C 229 48.50 -2.01 1.08
N LEU C 230 48.40 -2.46 -0.16
CA LEU C 230 48.19 -3.91 -0.47
C LEU C 230 49.36 -4.71 0.11
N GLU C 231 50.54 -4.12 0.22
CA GLU C 231 51.67 -4.86 0.84
C GLU C 231 51.46 -4.92 2.36
N GLN C 232 50.90 -3.86 2.95
CA GLN C 232 50.86 -3.68 4.43
C GLN C 232 49.63 -4.33 5.06
N GLY C 233 48.76 -4.95 4.28
CA GLY C 233 47.55 -5.63 4.82
C GLY C 233 46.43 -4.64 5.05
N ILE C 234 45.70 -4.30 4.00
CA ILE C 234 44.48 -3.47 4.11
C ILE C 234 43.27 -4.29 3.67
N ASN C 235 42.11 -3.64 3.61
CA ASN C 235 40.84 -4.31 3.24
C ASN C 235 40.09 -3.50 2.20
N PHE C 236 40.05 -2.18 2.33
CA PHE C 236 39.22 -1.34 1.42
C PHE C 236 40.06 -0.21 0.87
N ILE C 237 39.70 0.22 -0.33
CA ILE C 237 40.24 1.47 -0.90
C ILE C 237 39.07 2.33 -1.33
N ALA C 238 38.91 3.46 -0.66
CA ALA C 238 38.03 4.53 -1.17
C ALA C 238 38.80 5.25 -2.28
N ILE C 239 38.16 5.43 -3.42
CA ILE C 239 38.79 5.98 -4.64
C ILE C 239 38.23 7.37 -4.87
N SER C 240 39.04 8.40 -4.76
CA SER C 240 38.54 9.80 -4.73
C SER C 240 38.20 10.28 -6.15
N PHE C 241 37.17 11.10 -6.24
CA PHE C 241 36.77 11.82 -7.48
C PHE C 241 36.47 10.83 -8.60
N VAL C 242 35.93 9.67 -8.25
CA VAL C 242 35.45 8.73 -9.29
C VAL C 242 34.40 9.42 -10.15
N ARG C 243 34.56 9.33 -11.47
CA ARG C 243 33.65 9.99 -12.43
C ARG C 243 33.17 9.02 -13.52
N THR C 244 33.80 7.86 -13.67
CA THR C 244 33.31 6.82 -14.62
C THR C 244 33.69 5.47 -14.02
N ALA C 245 33.17 4.40 -14.61
CA ALA C 245 33.50 3.02 -14.17
C ALA C 245 35.03 2.82 -14.23
N LYS C 246 35.71 3.41 -15.21
CA LYS C 246 37.15 3.12 -15.44
C LYS C 246 37.98 3.53 -14.22
N ASP C 247 37.54 4.52 -13.46
CA ASP C 247 38.26 4.97 -12.24
C ASP C 247 38.25 3.90 -11.15
N VAL C 248 37.43 2.86 -11.27
CA VAL C 248 37.55 1.71 -10.32
C VAL C 248 38.28 0.55 -11.01
N ASN C 249 38.22 0.44 -12.34
CA ASN C 249 38.82 -0.71 -13.05
C ASN C 249 40.35 -0.66 -12.93
N GLU C 250 40.95 0.46 -13.28
CA GLU C 250 42.41 0.57 -13.22
C GLU C 250 42.88 0.72 -11.77
N VAL C 251 42.00 0.54 -10.78
CA VAL C 251 42.44 0.33 -9.37
C VAL C 251 42.10 -1.11 -8.94
N ARG C 252 41.06 -1.70 -9.52
CA ARG C 252 40.78 -3.14 -9.29
C ARG C 252 41.82 -3.97 -10.04
N ALA C 253 42.28 -3.49 -11.20
CA ALA C 253 43.33 -4.17 -11.98
C ALA C 253 44.67 -4.12 -11.23
N ILE C 254 44.85 -3.19 -10.30
CA ILE C 254 46.03 -3.24 -9.40
C ILE C 254 45.81 -4.33 -8.36
N CYS C 255 44.60 -4.44 -7.83
CA CYS C 255 44.32 -5.39 -6.71
C CYS C 255 44.44 -6.84 -7.19
N GLU C 256 43.80 -7.18 -8.29
CA GLU C 256 43.91 -8.54 -8.88
C GLU C 256 45.37 -8.85 -9.20
N GLU C 257 46.11 -7.87 -9.74
CA GLU C 257 47.57 -7.96 -10.07
C GLU C 257 48.35 -8.47 -8.86
N THR C 258 48.38 -7.67 -7.80
CA THR C 258 49.11 -7.89 -6.53
C THR C 258 48.73 -9.22 -5.86
N GLY C 259 47.67 -9.89 -6.33
CA GLY C 259 47.07 -10.99 -5.56
C GLY C 259 46.27 -10.45 -4.38
N ASN C 260 45.49 -9.39 -4.63
CA ASN C 260 44.64 -8.80 -3.56
C ASN C 260 43.23 -8.53 -4.10
N GLY C 261 42.73 -9.37 -5.01
CA GLY C 261 41.34 -9.33 -5.50
C GLY C 261 40.31 -9.34 -4.38
N HIS C 262 40.69 -9.78 -3.18
CA HIS C 262 39.80 -9.84 -2.00
C HIS C 262 39.48 -8.44 -1.47
N VAL C 263 40.34 -7.46 -1.73
CA VAL C 263 40.10 -6.06 -1.28
C VAL C 263 38.89 -5.47 -2.03
N GLN C 264 38.15 -4.59 -1.38
CA GLN C 264 36.93 -4.00 -1.97
C GLN C 264 37.11 -2.50 -2.20
N LEU C 265 36.53 -2.01 -3.29
CA LEU C 265 36.70 -0.60 -3.68
C LEU C 265 35.40 0.16 -3.47
N PHE C 266 35.53 1.33 -2.86
CA PHE C 266 34.41 2.27 -2.68
C PHE C 266 34.65 3.47 -3.56
N ALA C 267 33.82 3.65 -4.57
CA ALA C 267 33.82 4.91 -5.35
C ALA C 267 33.43 6.06 -4.43
N LYS C 268 34.34 6.99 -4.20
CA LYS C 268 33.98 8.29 -3.60
C LYS C 268 33.34 9.13 -4.69
N ILE C 269 32.06 9.44 -4.55
CA ILE C 269 31.37 10.37 -5.49
C ILE C 269 31.54 11.79 -4.95
N GLU C 270 32.40 12.57 -5.60
CA GLU C 270 32.74 13.94 -5.15
C GLU C 270 32.18 14.98 -6.14
N ASN C 271 31.81 14.59 -7.35
CA ASN C 271 31.51 15.61 -8.39
C ASN C 271 30.23 15.25 -9.13
N GLN C 272 29.96 15.94 -10.23
CA GLN C 272 28.69 15.76 -10.98
C GLN C 272 28.82 14.61 -11.98
N GLN C 273 29.95 14.46 -12.67
CA GLN C 273 30.12 13.32 -13.61
C GLN C 273 29.79 12.02 -12.86
N GLY C 274 30.35 11.86 -11.65
CA GLY C 274 30.11 10.71 -10.78
C GLY C 274 28.65 10.55 -10.39
N ILE C 275 27.86 11.61 -10.47
CA ILE C 275 26.40 11.50 -10.16
C ILE C 275 25.65 11.16 -11.44
N ASP C 276 26.08 11.69 -12.58
CA ASP C 276 25.50 11.33 -13.89
C ASP C 276 25.84 9.87 -14.21
N ASN C 277 26.95 9.36 -13.66
CA ASN C 277 27.46 8.01 -14.01
C ASN C 277 27.27 7.06 -12.83
N LEU C 278 26.32 7.35 -11.94
CA LEU C 278 26.17 6.59 -10.67
C LEU C 278 25.98 5.10 -10.97
N ASP C 279 25.10 4.78 -11.91
CA ASP C 279 24.68 3.37 -12.14
C ASP C 279 25.90 2.52 -12.52
N GLU C 280 26.64 2.90 -13.57
CA GLU C 280 27.74 2.07 -14.09
C GLU C 280 28.91 2.03 -13.09
N ILE C 281 29.04 3.03 -12.21
CA ILE C 281 30.09 2.99 -11.16
C ILE C 281 29.70 2.00 -10.06
N ILE C 282 28.49 2.11 -9.54
CA ILE C 282 27.93 1.12 -8.57
C ILE C 282 28.14 -0.29 -9.13
N GLU C 283 27.83 -0.49 -10.41
CA GLU C 283 28.05 -1.78 -11.11
C GLU C 283 29.51 -2.22 -10.97
N ALA C 284 30.44 -1.27 -11.10
CA ALA C 284 31.88 -1.56 -11.15
C ALA C 284 32.49 -1.58 -9.75
N ALA C 285 32.02 -0.74 -8.82
CA ALA C 285 32.62 -0.65 -7.48
C ALA C 285 32.03 -1.72 -6.55
N ASP C 286 32.49 -1.73 -5.30
CA ASP C 286 31.93 -2.59 -4.23
C ASP C 286 31.08 -1.76 -3.26
N GLY C 287 31.18 -0.44 -3.34
CA GLY C 287 30.42 0.45 -2.45
C GLY C 287 30.61 1.88 -2.89
N ILE C 288 29.83 2.76 -2.29
CA ILE C 288 30.03 4.22 -2.46
C ILE C 288 30.36 4.83 -1.10
N MET C 289 31.35 5.71 -1.10
CA MET C 289 31.53 6.67 0.00
C MET C 289 30.98 8.00 -0.50
N ILE C 290 29.94 8.51 0.13
CA ILE C 290 29.35 9.81 -0.28
C ILE C 290 30.19 10.93 0.34
N ALA C 291 31.15 11.44 -0.42
CA ALA C 291 32.09 12.48 0.04
C ALA C 291 31.36 13.81 -0.01
N ARG C 292 30.50 14.04 0.97
CA ARG C 292 29.66 15.26 0.95
C ARG C 292 30.54 16.50 1.07
N GLY C 293 31.82 16.36 1.40
CA GLY C 293 32.73 17.52 1.44
C GLY C 293 32.79 18.18 0.07
N ASP C 294 33.45 17.49 -0.85
CA ASP C 294 33.66 18.01 -2.22
C ASP C 294 32.33 18.06 -2.97
N MET C 295 31.42 17.16 -2.64
CA MET C 295 30.16 17.07 -3.40
C MET C 295 29.34 18.36 -3.23
N GLY C 296 29.37 18.95 -2.04
CA GLY C 296 28.63 20.19 -1.74
C GLY C 296 29.14 21.34 -2.58
N ILE C 297 30.39 21.28 -3.01
CA ILE C 297 30.97 22.36 -3.87
C ILE C 297 30.79 22.02 -5.35
N GLU C 298 30.87 20.75 -5.73
CA GLU C 298 30.71 20.39 -7.15
C GLU C 298 29.25 20.49 -7.58
N VAL C 299 28.31 20.14 -6.71
CA VAL C 299 26.86 20.26 -7.06
C VAL C 299 26.23 21.31 -6.15
N PRO C 300 25.12 21.95 -6.59
CA PRO C 300 24.32 22.82 -5.71
C PRO C 300 24.10 22.27 -4.29
N PHE C 301 24.66 22.92 -3.28
CA PHE C 301 24.71 22.41 -1.88
C PHE C 301 23.33 21.95 -1.39
N GLU C 302 22.25 22.49 -1.93
CA GLU C 302 20.88 22.15 -1.48
C GLU C 302 20.41 20.82 -2.06
N MET C 303 21.22 20.11 -2.86
CA MET C 303 20.76 18.81 -3.43
C MET C 303 21.56 17.63 -2.87
N VAL C 304 22.57 17.88 -2.04
CA VAL C 304 23.35 16.74 -1.50
C VAL C 304 22.47 15.92 -0.55
N PRO C 305 21.46 16.48 0.15
CA PRO C 305 20.50 15.61 0.83
C PRO C 305 19.59 14.81 -0.12
N VAL C 306 19.23 15.37 -1.27
CA VAL C 306 18.48 14.61 -2.31
C VAL C 306 19.35 13.43 -2.74
N TYR C 307 20.54 13.75 -3.27
CA TYR C 307 21.44 12.77 -3.90
C TYR C 307 21.89 11.73 -2.86
N GLN C 308 22.05 12.12 -1.61
CA GLN C 308 22.40 11.16 -0.52
C GLN C 308 21.29 10.13 -0.40
N LYS C 309 20.05 10.58 -0.28
CA LYS C 309 18.91 9.65 -0.13
C LYS C 309 18.86 8.71 -1.33
N MET C 310 19.00 9.24 -2.53
CA MET C 310 18.83 8.41 -3.75
C MET C 310 20.08 7.52 -3.94
N ILE C 311 21.25 7.99 -3.52
CA ILE C 311 22.48 7.14 -3.61
C ILE C 311 22.25 5.88 -2.78
N ILE C 312 21.98 6.05 -1.48
CA ILE C 312 21.83 4.91 -0.53
C ILE C 312 20.79 3.92 -1.07
N LYS C 313 19.73 4.41 -1.70
CA LYS C 313 18.70 3.50 -2.25
C LYS C 313 19.32 2.67 -3.38
N LYS C 314 19.92 3.32 -4.37
CA LYS C 314 20.47 2.60 -5.54
C LYS C 314 21.59 1.66 -5.09
N VAL C 315 22.33 2.03 -4.06
CA VAL C 315 23.50 1.24 -3.61
C VAL C 315 23.00 0.02 -2.85
N ASN C 316 21.91 0.15 -2.11
CA ASN C 316 21.46 -0.97 -1.28
C ASN C 316 20.63 -1.94 -2.13
N ALA C 317 19.91 -1.44 -3.13
CA ALA C 317 19.29 -2.30 -4.15
C ALA C 317 20.39 -3.11 -4.85
N ALA C 318 21.58 -2.56 -5.03
CA ALA C 318 22.68 -3.25 -5.74
C ALA C 318 23.30 -4.34 -4.85
N GLY C 319 23.04 -4.33 -3.55
CA GLY C 319 23.62 -5.30 -2.62
C GLY C 319 25.00 -4.90 -2.14
N LYS C 320 25.36 -3.63 -2.31
CA LYS C 320 26.73 -3.15 -1.99
C LYS C 320 26.70 -2.22 -0.78
N VAL C 321 27.88 -1.85 -0.29
CA VAL C 321 27.99 -1.04 0.94
C VAL C 321 27.91 0.44 0.57
N VAL C 322 27.47 1.26 1.51
CA VAL C 322 27.37 2.74 1.33
C VAL C 322 27.82 3.42 2.64
N ILE C 323 28.64 4.45 2.51
CA ILE C 323 29.17 5.18 3.69
C ILE C 323 28.76 6.64 3.57
N THR C 324 28.14 7.14 4.62
CA THR C 324 27.90 8.59 4.76
C THR C 324 29.09 9.19 5.51
N ALA C 325 29.80 10.09 4.83
CA ALA C 325 30.99 10.80 5.35
C ALA C 325 30.70 12.30 5.36
N THR C 326 31.64 13.06 5.92
CA THR C 326 31.69 14.54 5.89
C THR C 326 30.90 15.19 7.03
N ASN C 327 31.57 16.10 7.73
CA ASN C 327 30.96 17.14 8.58
C ASN C 327 29.95 16.53 9.57
N MET C 328 30.02 15.24 9.85
CA MET C 328 28.87 14.57 10.52
C MET C 328 28.83 14.88 12.01
N LEU C 329 29.92 14.73 12.73
CA LEU C 329 29.96 15.20 14.14
C LEU C 329 31.00 16.32 14.20
N GLU C 330 30.85 17.30 13.32
CA GLU C 330 31.98 18.21 12.98
C GLU C 330 32.36 19.10 14.16
N THR C 331 31.41 19.74 14.84
CA THR C 331 31.76 20.61 15.98
C THR C 331 32.50 19.80 17.05
N MET C 332 32.34 18.48 17.06
CA MET C 332 32.99 17.64 18.09
C MET C 332 34.50 17.55 17.80
N THR C 333 35.05 18.50 17.06
CA THR C 333 36.53 18.58 16.94
C THR C 333 37.06 19.45 18.08
N GLU C 334 36.54 20.66 18.23
CA GLU C 334 37.08 21.61 19.23
C GLU C 334 36.11 21.80 20.41
N LYS C 335 34.87 21.31 20.32
CA LYS C 335 33.89 21.36 21.43
C LYS C 335 33.51 19.94 21.83
N PRO C 336 33.04 19.71 23.08
CA PRO C 336 32.91 18.35 23.59
C PRO C 336 31.52 17.70 23.38
N ARG C 337 30.53 18.46 22.91
CA ARG C 337 29.19 17.92 22.62
C ARG C 337 28.73 18.42 21.26
N ALA C 338 27.90 17.63 20.60
CA ALA C 338 27.52 17.84 19.19
C ALA C 338 26.37 18.83 19.08
N THR C 339 26.35 19.59 18.00
CA THR C 339 25.18 20.43 17.65
C THR C 339 23.96 19.51 17.45
N ARG C 340 22.79 20.09 17.55
CA ARG C 340 21.58 19.27 17.35
C ARG C 340 21.27 19.07 15.87
N SER C 341 21.87 19.86 14.99
CA SER C 341 21.83 19.64 13.52
C SER C 341 22.80 18.53 13.14
N GLU C 342 23.86 18.32 13.91
CA GLU C 342 24.82 17.22 13.62
C GLU C 342 24.17 15.87 13.98
N VAL C 343 23.60 15.77 15.17
CA VAL C 343 23.00 14.47 15.61
C VAL C 343 21.84 14.12 14.69
N SER C 344 21.04 15.11 14.31
CA SER C 344 19.94 14.84 13.34
C SER C 344 20.56 14.34 12.03
N ASP C 345 21.72 14.85 11.66
CA ASP C 345 22.35 14.43 10.39
C ASP C 345 22.74 12.94 10.49
N VAL C 346 23.55 12.61 11.49
CA VAL C 346 23.95 11.21 11.75
C VAL C 346 22.67 10.36 11.80
N PHE C 347 21.67 10.81 12.53
CA PHE C 347 20.43 10.02 12.77
C PHE C 347 19.76 9.71 11.43
N ASN C 348 19.63 10.73 10.59
CA ASN C 348 18.85 10.64 9.34
C ASN C 348 19.51 9.69 8.35
N ALA C 349 20.82 9.76 8.20
CA ALA C 349 21.56 8.85 7.30
C ALA C 349 21.33 7.40 7.73
N VAL C 350 21.01 7.16 8.99
CA VAL C 350 20.70 5.77 9.45
C VAL C 350 19.29 5.38 9.01
N ILE C 351 18.34 6.31 9.05
CA ILE C 351 16.94 6.08 8.55
C ILE C 351 16.97 5.97 7.02
N ASP C 352 17.78 6.79 6.38
CA ASP C 352 18.02 6.71 4.92
C ASP C 352 18.42 5.28 4.51
N GLY C 353 19.06 4.53 5.41
CA GLY C 353 19.47 3.14 5.15
C GLY C 353 20.95 3.00 4.85
N THR C 354 21.79 3.91 5.35
CA THR C 354 23.25 3.83 5.14
C THR C 354 23.80 2.61 5.89
N ASP C 355 24.84 2.01 5.34
CA ASP C 355 25.51 0.87 6.03
C ASP C 355 26.48 1.42 7.09
N ALA C 356 27.15 2.53 6.80
CA ALA C 356 28.18 3.04 7.73
C ALA C 356 28.18 4.56 7.73
N THR C 357 28.66 5.11 8.84
CA THR C 357 28.77 6.56 9.09
C THR C 357 30.22 6.89 9.41
N MET C 358 30.72 8.04 8.96
CA MET C 358 32.16 8.36 9.00
C MET C 358 32.50 9.59 9.85
N LEU C 359 33.49 9.43 10.73
CA LEU C 359 34.17 10.56 11.41
C LEU C 359 35.49 10.80 10.69
N SER C 360 35.73 12.03 10.24
CA SER C 360 37.04 12.44 9.66
C SER C 360 37.89 13.12 10.74
N GLY C 361 37.99 14.44 10.67
CA GLY C 361 38.81 15.22 11.62
C GLY C 361 38.32 15.07 13.05
N GLU C 362 37.08 14.63 13.24
CA GLU C 362 36.49 14.47 14.60
C GLU C 362 37.29 13.42 15.38
N SER C 363 37.95 12.50 14.67
CA SER C 363 38.81 11.47 15.32
C SER C 363 40.24 11.49 14.78
N ALA C 364 40.52 12.23 13.70
CA ALA C 364 41.89 12.30 13.10
C ALA C 364 42.70 13.45 13.71
N ASN C 365 42.05 14.47 14.27
CA ASN C 365 42.76 15.68 14.76
C ASN C 365 41.80 16.58 15.52
N GLY C 366 40.95 15.97 16.35
CA GLY C 366 40.06 16.69 17.26
C GLY C 366 40.50 16.51 18.70
N LYS C 367 39.91 17.31 19.58
CA LYS C 367 40.23 17.25 21.03
C LYS C 367 39.55 16.04 21.66
N TYR C 368 38.51 15.48 21.05
CA TYR C 368 37.67 14.44 21.68
C TYR C 368 37.46 13.27 20.73
N PRO C 369 38.54 12.55 20.34
CA PRO C 369 38.38 11.48 19.36
C PRO C 369 37.57 10.30 19.91
N LEU C 370 37.83 9.88 21.16
CA LEU C 370 37.08 8.76 21.77
C LEU C 370 35.62 9.16 21.93
N GLU C 371 35.35 10.42 22.26
CA GLU C 371 33.95 10.82 22.52
C GLU C 371 33.19 10.91 21.20
N SER C 372 33.81 11.38 20.11
CA SER C 372 33.17 11.40 18.77
C SER C 372 32.70 9.99 18.40
N VAL C 373 33.47 8.97 18.74
CA VAL C 373 33.08 7.60 18.32
C VAL C 373 31.97 7.10 19.23
N THR C 374 32.03 7.39 20.53
CA THR C 374 31.01 6.90 21.48
C THR C 374 29.68 7.61 21.22
N THR C 375 29.69 8.88 20.86
CA THR C 375 28.43 9.61 20.56
C THR C 375 27.85 9.06 19.25
N MET C 376 28.65 9.06 18.18
CA MET C 376 28.20 8.48 16.89
C MET C 376 27.65 7.07 17.15
N ALA C 377 28.25 6.31 18.07
CA ALA C 377 27.79 4.95 18.39
C ALA C 377 26.45 5.01 19.11
N THR C 378 26.17 6.11 19.81
CA THR C 378 24.90 6.21 20.56
C THR C 378 23.77 6.54 19.57
N ILE C 379 23.99 7.52 18.71
CA ILE C 379 23.00 7.94 17.69
C ILE C 379 22.72 6.77 16.75
N ASP C 380 23.73 5.99 16.39
CA ASP C 380 23.52 4.86 15.44
C ASP C 380 22.64 3.80 16.08
N LYS C 381 22.79 3.57 17.38
CA LYS C 381 22.02 2.49 18.04
C LYS C 381 20.62 2.99 18.42
N ASN C 382 20.35 4.29 18.38
CA ASN C 382 18.95 4.76 18.57
C ASN C 382 18.23 4.76 17.23
N ALA C 383 18.86 5.30 16.19
CA ALA C 383 18.22 5.37 14.86
C ALA C 383 17.93 3.95 14.37
N GLN C 384 18.81 2.99 14.64
CA GLN C 384 18.64 1.62 14.11
C GLN C 384 17.33 1.05 14.68
N ALA C 385 16.92 1.47 15.87
CA ALA C 385 15.71 0.90 16.50
C ALA C 385 14.43 1.52 15.93
N LEU C 386 14.55 2.56 15.10
CA LEU C 386 13.38 3.23 14.45
C LEU C 386 13.36 2.88 12.95
N LEU C 387 13.99 1.78 12.55
CA LEU C 387 14.11 1.47 11.10
C LEU C 387 12.84 0.78 10.60
N ASN C 388 12.17 -0.01 11.43
CA ASN C 388 10.93 -0.71 11.00
C ASN C 388 9.79 0.31 10.84
N GLU C 389 9.90 1.48 11.45
CA GLU C 389 8.84 2.52 11.40
C GLU C 389 9.20 3.58 10.35
N TYR C 390 10.30 4.30 10.51
CA TYR C 390 10.63 5.46 9.65
C TYR C 390 11.51 5.05 8.46
N GLY C 391 11.97 3.80 8.39
CA GLY C 391 13.03 3.41 7.42
C GLY C 391 12.62 3.69 5.98
N ARG C 392 13.51 4.31 5.21
CA ARG C 392 13.26 4.65 3.78
C ARG C 392 13.51 3.43 2.87
N LEU C 393 14.33 2.46 3.29
CA LEU C 393 14.61 1.25 2.47
C LEU C 393 13.41 0.31 2.50
N ASP C 394 13.11 -0.31 1.37
CA ASP C 394 11.93 -1.21 1.25
C ASP C 394 12.34 -2.45 0.45
N SER C 395 12.68 -3.53 1.15
CA SER C 395 13.17 -4.78 0.50
C SER C 395 12.06 -5.49 -0.28
N ASP C 396 10.79 -5.17 -0.05
CA ASP C 396 9.67 -5.89 -0.71
C ASP C 396 9.66 -5.65 -2.22
N SER C 397 10.43 -4.71 -2.74
CA SER C 397 10.40 -4.36 -4.18
C SER C 397 11.57 -4.98 -4.95
N PHE C 398 12.61 -5.47 -4.27
CA PHE C 398 13.77 -6.06 -4.96
C PHE C 398 13.33 -7.26 -5.78
N GLU C 399 13.87 -7.37 -6.98
CA GLU C 399 13.80 -8.65 -7.70
C GLU C 399 14.82 -9.60 -7.09
N ARG C 400 14.44 -10.85 -6.97
CA ARG C 400 15.33 -11.87 -6.36
C ARG C 400 15.95 -12.64 -7.52
N ASN C 401 17.22 -12.36 -7.78
CA ASN C 401 17.88 -12.73 -9.05
C ASN C 401 18.54 -14.10 -8.90
N SER C 402 19.26 -14.32 -7.80
CA SER C 402 19.95 -15.59 -7.52
C SER C 402 19.15 -16.45 -6.53
N LYS C 403 19.53 -17.71 -6.41
CA LYS C 403 18.93 -18.60 -5.41
C LYS C 403 19.49 -18.27 -4.03
N THR C 404 20.53 -17.46 -3.92
CA THR C 404 21.02 -17.02 -2.60
C THR C 404 20.24 -15.77 -2.19
N GLU C 405 19.92 -14.89 -3.13
CA GLU C 405 19.00 -13.75 -2.85
C GLU C 405 17.71 -14.32 -2.24
N VAL C 406 17.17 -15.37 -2.82
CA VAL C 406 15.80 -15.83 -2.43
C VAL C 406 15.89 -16.49 -1.07
N MET C 407 16.99 -17.14 -0.77
CA MET C 407 17.14 -17.69 0.60
C MET C 407 17.30 -16.51 1.58
N ALA C 408 17.96 -15.42 1.21
CA ALA C 408 18.13 -14.25 2.10
C ALA C 408 16.75 -13.64 2.37
N SER C 409 15.87 -13.71 1.37
CA SER C 409 14.52 -13.10 1.39
C SER C 409 13.65 -13.84 2.43
N ALA C 410 13.86 -15.14 2.57
CA ALA C 410 13.11 -15.98 3.54
C ALA C 410 13.64 -15.69 4.94
N VAL C 411 14.93 -15.43 5.07
CA VAL C 411 15.50 -15.09 6.39
C VAL C 411 14.83 -13.81 6.86
N LYS C 412 14.69 -12.84 5.97
CA LYS C 412 13.98 -11.56 6.28
C LYS C 412 12.60 -11.92 6.83
N ASP C 413 11.83 -12.71 6.06
CA ASP C 413 10.49 -13.21 6.42
C ASP C 413 10.46 -13.73 7.86
N ALA C 414 11.36 -14.63 8.24
CA ALA C 414 11.36 -15.22 9.61
C ALA C 414 11.55 -14.11 10.65
N THR C 415 12.33 -13.09 10.34
CA THR C 415 12.58 -12.06 11.37
C THR C 415 11.36 -11.19 11.52
N SER C 416 10.49 -11.15 10.52
CA SER C 416 9.19 -10.42 10.63
C SER C 416 8.04 -11.35 11.05
N SER C 417 8.17 -12.68 11.00
CA SER C 417 7.12 -13.60 11.48
C SER C 417 7.29 -13.86 12.98
N MET C 418 8.51 -13.78 13.49
CA MET C 418 8.70 -14.07 14.92
C MET C 418 9.94 -13.36 15.41
N ASP C 419 10.07 -13.34 16.74
CA ASP C 419 11.21 -12.81 17.49
C ASP C 419 12.46 -13.62 17.15
N ILE C 420 13.32 -13.09 16.30
CA ILE C 420 14.59 -13.78 15.94
C ILE C 420 15.75 -12.97 16.51
N LYS C 421 16.38 -13.51 17.55
CA LYS C 421 17.50 -12.81 18.26
C LYS C 421 18.71 -12.70 17.33
N LEU C 422 18.94 -13.69 16.49
CA LEU C 422 20.19 -13.74 15.70
C LEU C 422 19.95 -14.51 14.40
N VAL C 423 20.47 -13.99 13.31
CA VAL C 423 20.61 -14.80 12.08
C VAL C 423 22.10 -15.13 11.94
N VAL C 424 22.39 -16.39 11.66
CA VAL C 424 23.78 -16.90 11.52
C VAL C 424 23.95 -17.41 10.09
N THR C 425 24.98 -16.94 9.40
CA THR C 425 25.35 -17.49 8.08
C THR C 425 26.70 -18.17 8.17
N LEU C 426 26.74 -19.42 7.69
CA LEU C 426 28.00 -20.16 7.44
C LEU C 426 28.41 -19.85 5.99
N THR C 427 29.31 -18.90 5.82
CA THR C 427 29.67 -18.29 4.51
C THR C 427 31.18 -18.33 4.33
N LYS C 428 31.67 -18.45 3.10
CA LYS C 428 33.13 -18.36 2.85
C LYS C 428 33.47 -17.12 2.01
N THR C 429 32.79 -16.90 0.91
CA THR C 429 32.94 -15.65 0.11
C THR C 429 32.50 -14.47 0.97
N GLY C 430 31.53 -14.68 1.86
CA GLY C 430 30.80 -13.59 2.52
C GLY C 430 29.59 -13.15 1.70
N HIS C 431 29.33 -13.79 0.57
CA HIS C 431 28.16 -13.49 -0.29
C HIS C 431 26.86 -13.54 0.53
N THR C 432 26.55 -14.70 1.10
CA THR C 432 25.29 -14.92 1.82
C THR C 432 25.09 -13.82 2.87
N ALA C 433 26.15 -13.42 3.57
CA ALA C 433 26.04 -12.38 4.63
C ALA C 433 25.71 -11.04 3.99
N ARG C 434 26.11 -10.82 2.74
CA ARG C 434 25.86 -9.55 2.03
C ARG C 434 24.44 -9.54 1.49
N LEU C 435 23.93 -10.69 1.06
CA LEU C 435 22.52 -10.79 0.61
C LEU C 435 21.59 -10.63 1.80
N ILE C 436 21.94 -11.22 2.95
CA ILE C 436 21.10 -11.09 4.17
C ILE C 436 21.09 -9.64 4.61
N SER C 437 22.24 -8.97 4.60
CA SER C 437 22.40 -7.58 5.10
C SER C 437 21.57 -6.63 4.23
N LYS C 438 21.57 -6.88 2.91
CA LYS C 438 20.80 -6.09 1.93
C LYS C 438 19.32 -6.03 2.35
N TYR C 439 18.78 -7.14 2.80
CA TYR C 439 17.33 -7.23 3.13
C TYR C 439 17.07 -6.69 4.53
N ARG C 440 18.12 -6.34 5.29
CA ARG C 440 17.97 -5.65 6.59
C ARG C 440 16.96 -6.39 7.45
N PRO C 441 17.28 -7.60 7.93
CA PRO C 441 16.39 -8.31 8.83
C PRO C 441 16.39 -7.66 10.23
N ASN C 442 15.36 -7.94 11.00
CA ASN C 442 15.24 -7.34 12.35
C ASN C 442 15.99 -8.23 13.33
N ALA C 443 17.30 -8.09 13.34
CA ALA C 443 18.22 -8.97 14.08
C ALA C 443 19.66 -8.68 13.66
N ASP C 444 20.62 -9.09 14.47
CA ASP C 444 22.04 -9.00 14.06
C ASP C 444 22.44 -10.20 13.22
N ILE C 445 23.46 -10.01 12.40
CA ILE C 445 23.94 -11.09 11.49
C ILE C 445 25.30 -11.55 11.98
N LEU C 446 25.37 -12.79 12.47
CA LEU C 446 26.65 -13.45 12.78
C LEU C 446 27.17 -14.18 11.54
N ALA C 447 28.13 -13.59 10.85
CA ALA C 447 28.73 -14.22 9.65
C ALA C 447 29.94 -15.05 10.08
N LEU C 448 29.80 -16.37 10.05
CA LEU C 448 30.94 -17.31 10.22
C LEU C 448 31.65 -17.49 8.88
N THR C 449 32.87 -16.97 8.76
CA THR C 449 33.76 -17.31 7.62
C THR C 449 35.18 -17.65 8.09
N PHE C 450 35.91 -18.37 7.26
CA PHE C 450 37.04 -19.23 7.68
C PHE C 450 38.39 -18.66 7.23
N ASP C 451 38.51 -17.33 7.20
CA ASP C 451 39.82 -16.66 6.98
C ASP C 451 39.66 -15.17 7.29
N GLU C 452 40.65 -14.60 7.96
CA GLU C 452 40.69 -13.16 8.32
C GLU C 452 40.77 -12.27 7.07
N LEU C 453 40.62 -12.79 5.86
CA LEU C 453 40.76 -11.94 4.64
C LEU C 453 39.41 -11.69 3.98
N THR C 454 38.39 -12.46 4.32
CA THR C 454 36.98 -12.08 4.09
C THR C 454 36.32 -11.65 5.39
N GLU C 455 36.71 -12.22 6.53
CA GLU C 455 36.24 -11.75 7.86
C GLU C 455 36.44 -10.23 7.97
N ARG C 456 37.56 -9.71 7.47
CA ARG C 456 37.81 -8.26 7.59
C ARG C 456 36.88 -7.48 6.67
N GLY C 457 36.59 -8.01 5.48
CA GLY C 457 35.85 -7.30 4.42
C GLY C 457 34.37 -7.14 4.74
N LEU C 458 33.81 -8.04 5.54
CA LEU C 458 32.39 -7.90 5.94
C LEU C 458 32.21 -6.74 6.93
N MET C 459 33.26 -6.06 7.36
CA MET C 459 33.11 -5.26 8.60
C MET C 459 32.44 -3.92 8.33
N LEU C 460 32.14 -3.62 7.08
CA LEU C 460 31.37 -2.40 6.74
C LEU C 460 29.94 -2.71 6.29
N ASN C 461 29.51 -3.96 6.36
CA ASN C 461 28.14 -4.34 5.94
C ASN C 461 27.18 -4.15 7.11
N TRP C 462 25.98 -3.68 6.80
CA TRP C 462 24.96 -3.36 7.83
C TRP C 462 24.68 -4.60 8.66
N GLY C 463 24.86 -4.48 9.97
CA GLY C 463 24.32 -5.45 10.93
C GLY C 463 25.21 -6.67 11.15
N VAL C 464 26.18 -6.93 10.29
CA VAL C 464 26.92 -8.22 10.30
C VAL C 464 28.05 -8.18 11.35
N ILE C 465 28.06 -9.17 12.22
CA ILE C 465 29.15 -9.35 13.21
C ILE C 465 30.07 -10.44 12.68
N PRO C 466 31.21 -10.09 12.06
CA PRO C 466 32.07 -11.11 11.47
C PRO C 466 32.84 -11.87 12.55
N MET C 467 32.85 -13.18 12.42
CA MET C 467 33.56 -14.07 13.36
C MET C 467 34.16 -15.23 12.60
N LEU C 468 35.40 -15.54 12.93
CA LEU C 468 36.22 -16.57 12.23
C LEU C 468 36.21 -17.87 13.04
N THR C 469 36.11 -19.00 12.35
CA THR C 469 36.39 -20.32 12.94
C THR C 469 36.79 -21.30 11.83
N ASP C 470 37.29 -22.46 12.24
CA ASP C 470 37.81 -23.52 11.36
C ASP C 470 36.70 -23.97 10.40
N ALA C 471 37.06 -24.13 9.14
CA ALA C 471 36.10 -24.57 8.10
C ALA C 471 35.53 -25.91 8.52
N PRO C 472 34.26 -26.19 8.20
CA PRO C 472 33.62 -27.40 8.69
C PRO C 472 33.89 -28.60 7.79
N SER C 473 33.78 -29.79 8.40
CA SER C 473 34.01 -31.08 7.71
C SER C 473 32.71 -31.58 7.11
N SER C 474 32.80 -32.40 6.07
CA SER C 474 31.60 -32.99 5.41
C SER C 474 30.89 -33.96 6.36
N THR C 475 31.40 -34.16 7.57
CA THR C 475 30.79 -35.09 8.56
C THR C 475 30.44 -34.28 9.80
N ASP C 476 29.62 -33.25 9.63
CA ASP C 476 29.27 -32.38 10.77
C ASP C 476 27.97 -31.64 10.49
N ASP C 477 27.32 -31.12 11.53
CA ASP C 477 26.12 -30.28 11.36
C ASP C 477 26.56 -28.84 11.65
N MET C 478 26.87 -28.11 10.58
CA MET C 478 27.26 -26.69 10.66
C MET C 478 26.36 -25.99 11.69
N PHE C 479 25.12 -26.44 11.81
CA PHE C 479 24.13 -25.83 12.74
C PHE C 479 24.67 -25.89 14.16
N GLU C 480 25.13 -27.06 14.61
CA GLU C 480 25.59 -27.14 16.02
C GLU C 480 26.70 -26.10 16.21
N ILE C 481 27.70 -26.09 15.33
CA ILE C 481 28.84 -25.15 15.52
C ILE C 481 28.31 -23.71 15.42
N ALA C 482 27.25 -23.49 14.65
CA ALA C 482 26.62 -22.14 14.54
C ALA C 482 26.08 -21.72 15.91
N GLU C 483 25.28 -22.57 16.53
CA GLU C 483 24.76 -22.30 17.90
C GLU C 483 25.94 -22.14 18.86
N ARG C 484 27.06 -22.79 18.60
CA ARG C 484 28.16 -22.86 19.60
C ARG C 484 28.98 -21.57 19.54
N LYS C 485 29.28 -21.05 18.35
CA LYS C 485 30.00 -19.76 18.23
C LYS C 485 29.18 -18.67 18.92
N ALA C 486 27.92 -18.54 18.54
CA ALA C 486 27.04 -17.46 19.00
C ALA C 486 26.93 -17.47 20.54
N VAL C 487 26.93 -18.65 21.15
CA VAL C 487 26.83 -18.74 22.63
C VAL C 487 28.17 -18.29 23.23
N GLU C 488 29.28 -18.76 22.66
CA GLU C 488 30.62 -18.28 23.09
C GLU C 488 30.73 -16.77 22.83
N ALA C 489 30.19 -16.30 21.70
CA ALA C 489 30.31 -14.88 21.31
C ALA C 489 29.50 -13.99 22.27
N GLY C 490 28.64 -14.56 23.11
CA GLY C 490 27.83 -13.78 24.08
C GLY C 490 26.69 -13.04 23.41
N LEU C 491 26.14 -13.59 22.33
CA LEU C 491 25.01 -12.96 21.59
C LEU C 491 23.68 -13.63 21.93
N VAL C 492 23.70 -14.86 22.44
CA VAL C 492 22.44 -15.61 22.71
C VAL C 492 22.58 -16.39 24.01
N GLU C 493 21.43 -16.69 24.60
CA GLU C 493 21.32 -17.53 25.80
C GLU C 493 20.21 -18.55 25.56
N SER C 494 20.02 -19.47 26.49
CA SER C 494 19.07 -20.59 26.30
C SER C 494 17.66 -20.04 26.09
N GLY C 495 16.95 -20.57 25.10
CA GLY C 495 15.59 -20.14 24.73
C GLY C 495 15.57 -19.20 23.54
N ASP C 496 16.69 -18.56 23.21
CA ASP C 496 16.73 -17.64 22.04
C ASP C 496 16.45 -18.41 20.77
N ASP C 497 15.59 -17.85 19.92
CA ASP C 497 15.29 -18.42 18.58
C ASP C 497 16.27 -17.80 17.60
N ILE C 498 16.87 -18.62 16.75
CA ILE C 498 17.91 -18.13 15.79
C ILE C 498 17.66 -18.74 14.42
N VAL C 499 18.09 -18.03 13.40
CA VAL C 499 17.90 -18.45 11.98
C VAL C 499 19.28 -18.76 11.41
N ILE C 500 19.49 -20.03 11.05
CA ILE C 500 20.81 -20.52 10.54
C ILE C 500 20.67 -20.81 9.06
N VAL C 501 21.58 -20.25 8.28
CA VAL C 501 21.62 -20.51 6.83
C VAL C 501 23.02 -20.98 6.49
N ALA C 502 23.11 -21.83 5.47
CA ALA C 502 24.32 -22.62 5.15
C ALA C 502 24.14 -23.29 3.80
N GLY C 503 25.21 -23.94 3.33
CA GLY C 503 25.14 -24.78 2.13
C GLY C 503 25.39 -26.22 2.53
N VAL C 504 24.44 -27.12 2.35
CA VAL C 504 24.63 -28.51 2.84
C VAL C 504 24.29 -29.46 1.70
N PRO C 505 24.96 -30.63 1.62
CA PRO C 505 26.04 -30.96 2.53
C PRO C 505 27.35 -30.29 2.10
N VAL C 506 28.10 -29.82 3.09
CA VAL C 506 29.44 -29.23 2.84
C VAL C 506 30.25 -30.23 2.01
N GLY C 507 30.91 -29.73 0.97
CA GLY C 507 31.76 -30.54 0.09
C GLY C 507 31.01 -31.03 -1.13
N GLU C 508 29.69 -30.86 -1.20
CA GLU C 508 28.94 -31.11 -2.47
C GLU C 508 27.64 -30.31 -2.45
N ALA C 509 27.74 -29.00 -2.65
CA ALA C 509 26.61 -28.04 -2.65
C ALA C 509 27.16 -26.67 -3.09
N VAL C 510 26.59 -26.12 -4.15
CA VAL C 510 27.17 -24.94 -4.85
C VAL C 510 26.97 -23.69 -4.00
N ARG C 511 25.71 -23.34 -3.71
CA ARG C 511 25.34 -22.07 -3.06
C ARG C 511 24.82 -22.33 -1.66
N THR C 512 24.51 -21.26 -0.95
CA THR C 512 23.83 -21.38 0.35
C THR C 512 22.46 -22.01 0.11
N ASN C 513 22.21 -23.10 0.82
CA ASN C 513 21.30 -24.21 0.42
C ASN C 513 20.08 -24.32 1.34
N THR C 514 20.27 -24.22 2.65
CA THR C 514 19.22 -24.56 3.63
C THR C 514 19.09 -23.48 4.71
N MET C 515 17.92 -23.48 5.34
CA MET C 515 17.59 -22.53 6.41
C MET C 515 16.99 -23.32 7.55
N ARG C 516 17.43 -23.04 8.76
CA ARG C 516 16.92 -23.79 9.91
C ARG C 516 16.55 -22.79 11.00
N ILE C 517 15.49 -23.10 11.71
CA ILE C 517 15.13 -22.33 12.91
C ILE C 517 15.47 -23.21 14.10
N ARG C 518 16.24 -22.65 15.03
CA ARG C 518 16.60 -23.39 16.26
C ARG C 518 16.44 -22.51 17.49
N THR C 519 16.03 -23.12 18.58
CA THR C 519 16.01 -22.46 19.90
C THR C 519 17.26 -22.88 20.67
N VAL C 520 17.98 -21.89 21.19
CA VAL C 520 19.36 -22.07 21.73
C VAL C 520 19.31 -23.06 22.90
N ARG C 521 20.08 -24.15 22.78
CA ARG C 521 20.06 -25.30 23.71
C ARG C 521 20.23 -24.82 25.16
N MET D 21 8.14 30.91 -8.35
CA MET D 21 8.24 29.70 -7.47
C MET D 21 8.42 30.12 -6.00
N ASN D 22 7.37 29.97 -5.18
CA ASN D 22 7.36 30.56 -3.81
C ASN D 22 7.79 29.56 -2.75
N LYS D 23 8.39 30.07 -1.68
CA LYS D 23 8.87 29.25 -0.56
C LYS D 23 7.67 28.99 0.35
N ARG D 24 7.47 27.74 0.72
CA ARG D 24 6.26 27.36 1.47
C ARG D 24 6.57 27.11 2.94
N VAL D 25 7.73 26.57 3.25
CA VAL D 25 8.19 26.53 4.66
C VAL D 25 8.46 27.97 5.10
N LYS D 26 7.84 28.38 6.19
CA LYS D 26 8.09 29.75 6.69
C LYS D 26 9.42 29.79 7.40
N ILE D 27 10.04 30.97 7.39
CA ILE D 27 11.28 31.19 8.18
C ILE D 27 10.94 32.08 9.36
N VAL D 28 11.34 31.64 10.55
CA VAL D 28 11.41 32.51 11.75
C VAL D 28 12.86 32.88 11.94
N ALA D 29 13.17 34.14 11.74
CA ALA D 29 14.55 34.67 11.89
C ALA D 29 14.60 35.51 13.16
N THR D 30 15.44 35.12 14.10
CA THR D 30 15.71 35.95 15.29
C THR D 30 16.43 37.23 14.85
N LEU D 31 16.16 38.32 15.55
CA LEU D 31 16.89 39.58 15.33
C LEU D 31 17.83 39.83 16.50
N GLY D 32 18.78 40.74 16.29
CA GLY D 32 19.79 41.06 17.29
C GLY D 32 20.61 42.28 16.87
N PRO D 33 21.86 42.36 17.32
CA PRO D 33 22.72 43.45 16.90
C PRO D 33 23.28 43.34 15.47
N ALA D 34 23.41 42.12 14.94
CA ALA D 34 24.11 41.86 13.67
C ALA D 34 23.59 42.81 12.57
N VAL D 35 22.29 43.03 12.52
CA VAL D 35 21.69 43.87 11.46
C VAL D 35 21.67 45.33 11.91
N GLU D 36 21.83 45.60 13.20
CA GLU D 36 21.70 46.96 13.76
C GLU D 36 23.01 47.71 13.56
N ILE D 37 23.04 48.61 12.58
CA ILE D 37 24.29 49.29 12.15
C ILE D 37 24.42 50.58 12.95
N ARG D 38 25.25 50.55 13.98
CA ARG D 38 25.33 51.63 14.99
C ARG D 38 26.29 52.71 14.50
N GLY D 39 25.74 53.86 14.09
CA GLY D 39 26.53 55.02 13.61
C GLY D 39 27.59 54.62 12.60
N GLY D 40 27.26 53.71 11.69
CA GLY D 40 28.14 53.31 10.58
C GLY D 40 28.89 52.03 10.87
N LYS D 41 28.93 51.55 12.11
CA LYS D 41 29.74 50.35 12.47
C LYS D 41 28.87 49.09 12.51
N ASP D 54 20.89 53.69 15.00
CA ASP D 54 20.66 54.22 13.63
C ASP D 54 19.49 53.47 12.98
N VAL D 55 18.32 54.08 12.97
CA VAL D 55 17.07 53.42 12.52
C VAL D 55 17.15 53.14 11.02
N GLU D 56 16.92 54.15 10.18
CA GLU D 56 16.55 53.94 8.76
C GLU D 56 17.67 53.19 8.02
N ALA D 57 18.89 53.15 8.55
CA ALA D 57 19.94 52.35 7.88
C ALA D 57 19.70 50.86 8.18
N SER D 58 19.59 50.49 9.46
CA SER D 58 19.44 49.06 9.83
C SER D 58 18.00 48.59 9.57
N ALA D 59 17.04 49.49 9.41
CA ALA D 59 15.70 49.07 8.92
C ALA D 59 15.80 48.69 7.44
N LYS D 60 16.56 49.45 6.66
CA LYS D 60 16.86 49.07 5.26
C LYS D 60 17.69 47.78 5.23
N ASN D 61 18.26 47.35 6.36
CA ASN D 61 19.07 46.10 6.35
C ASN D 61 18.21 44.91 6.78
N ILE D 62 17.32 45.10 7.74
CA ILE D 62 16.40 44.00 8.08
C ILE D 62 15.31 43.88 7.00
N ALA D 63 14.99 44.95 6.27
CA ALA D 63 14.07 44.84 5.12
C ALA D 63 14.69 43.94 4.05
N LYS D 64 15.96 43.60 4.18
CA LYS D 64 16.63 42.66 3.25
C LYS D 64 16.46 41.22 3.72
N LEU D 65 16.43 40.96 5.02
CA LEU D 65 16.07 39.60 5.50
C LEU D 65 14.61 39.32 5.14
N ILE D 66 13.77 40.35 5.05
CA ILE D 66 12.35 40.16 4.64
C ILE D 66 12.33 39.70 3.18
N GLU D 67 12.96 40.46 2.28
CA GLU D 67 12.97 40.08 0.85
C GLU D 67 13.71 38.76 0.66
N ALA D 68 14.53 38.34 1.62
CA ALA D 68 15.38 37.14 1.46
C ALA D 68 14.57 35.87 1.71
N GLY D 69 13.51 35.96 2.52
CA GLY D 69 12.63 34.81 2.81
C GLY D 69 12.23 34.71 4.28
N ALA D 70 12.45 35.75 5.07
CA ALA D 70 11.99 35.75 6.48
C ALA D 70 10.50 36.09 6.47
N ASN D 71 9.73 35.35 7.27
CA ASN D 71 8.27 35.57 7.42
C ASN D 71 7.94 36.04 8.83
N THR D 72 8.82 35.82 9.80
CA THR D 72 8.55 36.26 11.18
C THR D 72 9.88 36.50 11.87
N PHE D 73 10.06 37.67 12.46
CA PHE D 73 11.24 37.95 13.30
C PHE D 73 10.94 37.55 14.74
N ARG D 74 11.92 36.94 15.39
CA ARG D 74 11.84 36.58 16.82
C ARG D 74 12.57 37.65 17.65
N PHE D 75 11.93 38.09 18.72
CA PHE D 75 12.53 38.99 19.72
C PHE D 75 12.70 38.17 20.99
N ASN D 76 13.93 37.72 21.27
CA ASN D 76 14.23 36.93 22.48
C ASN D 76 14.41 37.89 23.65
N PHE D 77 13.39 38.03 24.49
CA PHE D 77 13.46 38.91 25.68
C PHE D 77 14.23 38.19 26.78
N SER D 78 15.16 37.32 26.40
CA SER D 78 16.17 36.75 27.32
C SER D 78 17.52 37.42 27.07
N HIS D 79 17.65 38.26 26.04
CA HIS D 79 18.94 38.89 25.67
C HIS D 79 18.66 40.30 25.18
N GLY D 80 17.99 41.07 26.01
CA GLY D 80 17.69 42.48 25.78
C GLY D 80 16.83 43.01 26.90
N ASP D 81 16.56 44.31 26.89
CA ASP D 81 15.60 44.92 27.84
C ASP D 81 14.50 45.60 27.04
N HIS D 82 13.42 45.95 27.73
CA HIS D 82 12.21 46.53 27.10
C HIS D 82 12.58 47.75 26.26
N GLN D 83 13.49 48.60 26.75
CA GLN D 83 13.94 49.77 25.97
C GLN D 83 14.58 49.29 24.67
N GLU D 84 15.41 48.26 24.73
CA GLU D 84 16.09 47.74 23.52
C GLU D 84 15.08 47.00 22.64
N GLN D 85 14.15 46.26 23.24
CA GLN D 85 13.13 45.50 22.45
C GLN D 85 12.15 46.49 21.81
N GLY D 86 11.54 47.35 22.62
CA GLY D 86 10.58 48.36 22.14
C GLY D 86 11.11 49.14 20.95
N GLU D 87 12.42 49.40 20.94
CA GLU D 87 13.07 50.10 19.80
C GLU D 87 13.14 49.17 18.61
N ARG D 88 13.72 47.98 18.79
CA ARG D 88 13.98 47.08 17.65
C ARG D 88 12.66 46.61 17.02
N MET D 89 11.50 46.97 17.59
CA MET D 89 10.20 46.64 16.96
C MET D 89 9.74 47.79 16.07
N ALA D 90 9.82 49.02 16.54
CA ALA D 90 9.49 50.17 15.69
C ALA D 90 10.43 50.19 14.47
N THR D 91 11.62 49.63 14.56
CA THR D 91 12.53 49.67 13.38
C THR D 91 12.18 48.57 12.38
N VAL D 92 11.52 47.49 12.80
CA VAL D 92 11.11 46.45 11.83
C VAL D 92 9.81 46.90 11.15
N LYS D 93 8.94 47.58 11.88
CA LYS D 93 7.72 48.18 11.27
C LYS D 93 8.18 49.14 10.17
N LEU D 94 9.37 49.70 10.30
CA LEU D 94 10.00 50.55 9.26
C LEU D 94 10.38 49.68 8.06
N ALA D 95 10.94 48.50 8.30
CA ALA D 95 11.44 47.62 7.21
C ALA D 95 10.28 47.06 6.39
N GLU D 96 9.17 46.71 7.04
CA GLU D 96 7.98 46.22 6.32
C GLU D 96 7.59 47.25 5.26
N LYS D 97 7.63 48.54 5.61
CA LYS D 97 7.22 49.59 4.65
C LYS D 97 8.34 49.84 3.64
N ILE D 98 9.60 49.63 4.02
CA ILE D 98 10.69 49.65 3.00
C ILE D 98 10.40 48.54 1.98
N ALA D 99 10.30 47.30 2.45
CA ALA D 99 10.28 46.10 1.58
C ALA D 99 8.91 45.89 0.91
N GLY D 100 7.84 46.53 1.39
CA GLY D 100 6.46 46.33 0.88
C GLY D 100 5.76 45.15 1.54
N LYS D 101 6.52 44.16 2.02
CA LYS D 101 5.96 42.93 2.63
C LYS D 101 5.80 43.16 4.13
N LYS D 102 4.74 42.59 4.70
CA LYS D 102 4.61 42.51 6.18
C LYS D 102 5.22 41.19 6.69
N VAL D 103 5.56 41.17 7.97
CA VAL D 103 6.03 39.95 8.66
C VAL D 103 5.38 39.84 10.03
N GLY D 104 5.49 38.67 10.62
CA GLY D 104 4.96 38.42 11.96
C GLY D 104 5.97 38.83 13.00
N PHE D 105 5.47 39.20 14.18
CA PHE D 105 6.30 39.58 15.34
C PHE D 105 6.12 38.54 16.44
N LEU D 106 7.20 37.86 16.80
CA LEU D 106 7.15 36.79 17.82
C LEU D 106 8.02 37.18 19.02
N LEU D 107 7.41 37.21 20.20
CA LEU D 107 8.16 37.36 21.47
C LEU D 107 8.45 35.98 22.04
N ASP D 108 9.72 35.71 22.26
CA ASP D 108 10.17 34.52 23.02
C ASP D 108 10.40 34.97 24.46
N THR D 109 9.77 34.30 25.41
CA THR D 109 9.95 34.65 26.83
C THR D 109 11.32 34.17 27.32
N LYS D 110 11.67 34.56 28.53
CA LYS D 110 12.91 34.04 29.16
C LYS D 110 12.58 32.76 29.91
N GLY D 111 11.60 32.82 30.80
CA GLY D 111 11.12 31.63 31.52
C GLY D 111 12.18 31.04 32.43
N PRO D 112 11.81 30.01 33.20
CA PRO D 112 12.71 29.41 34.18
C PRO D 112 14.18 29.29 33.76
N GLU D 113 15.05 29.93 34.53
CA GLU D 113 16.52 29.84 34.31
C GLU D 113 17.19 29.38 35.61
N ILE D 114 18.27 28.64 35.48
CA ILE D 114 19.22 28.37 36.60
C ILE D 114 20.64 28.51 36.05
N TYR D 126 37.08 27.74 36.86
CA TYR D 126 37.95 26.68 37.44
C TYR D 126 37.67 25.37 36.70
N SER D 127 38.71 24.75 36.16
CA SER D 127 38.61 23.50 35.36
C SER D 127 38.85 22.30 36.27
N TYR D 128 38.01 21.28 36.14
CA TYR D 128 38.04 20.09 37.02
C TYR D 128 38.39 18.85 36.22
N LYS D 129 38.54 17.74 36.94
CA LYS D 129 38.75 16.40 36.37
C LYS D 129 37.92 15.39 37.15
N THR D 130 37.67 14.25 36.53
CA THR D 130 36.77 13.17 37.01
C THR D 130 36.93 12.92 38.52
N GLY D 131 35.86 12.48 39.18
CA GLY D 131 35.90 11.99 40.58
C GLY D 131 35.92 13.10 41.62
N GLU D 132 36.44 14.28 41.30
CA GLU D 132 36.52 15.46 42.23
C GLU D 132 35.18 15.70 42.93
N LYS D 133 34.93 15.03 44.04
CA LYS D 133 33.66 15.16 44.79
C LYS D 133 33.55 16.57 45.37
N ILE D 134 32.63 17.38 44.87
CA ILE D 134 32.38 18.73 45.42
C ILE D 134 30.88 18.88 45.74
N ARG D 135 30.40 20.11 45.84
CA ARG D 135 28.98 20.39 46.19
C ARG D 135 28.55 21.71 45.54
N VAL D 136 27.27 22.05 45.68
CA VAL D 136 26.68 23.26 45.04
C VAL D 136 25.48 23.74 45.87
N ALA D 137 25.19 25.05 45.81
CA ALA D 137 24.42 25.79 46.82
C ALA D 137 22.94 25.90 46.44
N ALA D 156 14.38 32.90 42.52
CA ALA D 156 15.00 32.47 43.80
C ALA D 156 14.09 31.47 44.53
N LEU D 157 14.27 30.19 44.24
CA LEU D 157 13.54 29.09 44.94
C LEU D 157 14.57 28.10 45.47
N ASP D 158 14.31 27.50 46.63
CA ASP D 158 15.27 26.54 47.21
C ASP D 158 14.93 25.16 46.68
N ILE D 159 15.65 24.78 45.62
CA ILE D 159 15.40 23.57 44.81
C ILE D 159 15.93 22.35 45.57
N TYR D 160 16.23 22.53 46.86
CA TYR D 160 16.90 21.50 47.67
C TYR D 160 16.10 20.19 47.60
N ASP D 161 14.88 20.19 48.14
CA ASP D 161 14.10 18.94 48.31
C ASP D 161 13.48 18.47 47.00
N ASP D 162 13.65 19.19 45.89
CA ASP D 162 12.97 18.84 44.61
C ASP D 162 13.92 18.12 43.66
N VAL D 163 15.23 18.20 43.91
CA VAL D 163 16.23 17.34 43.23
C VAL D 163 16.59 16.21 44.18
N GLU D 164 16.64 14.99 43.67
CA GLU D 164 16.90 13.81 44.52
C GLU D 164 18.22 13.17 44.10
N VAL D 165 18.62 12.13 44.80
CA VAL D 165 19.91 11.42 44.56
C VAL D 165 19.80 10.61 43.28
N GLY D 166 20.91 10.57 42.55
CA GLY D 166 20.98 9.91 41.23
C GLY D 166 20.69 10.88 40.10
N ARG D 167 20.26 12.10 40.39
CA ARG D 167 20.06 13.10 39.32
C ARG D 167 21.41 13.52 38.75
N GLN D 168 21.35 14.40 37.77
CA GLN D 168 22.53 14.93 37.05
C GLN D 168 22.41 16.44 37.02
N VAL D 169 23.45 17.16 37.39
CA VAL D 169 23.40 18.64 37.26
C VAL D 169 24.40 19.04 36.17
N LEU D 170 23.92 19.76 35.17
CA LEU D 170 24.68 20.05 33.94
C LEU D 170 24.98 21.52 33.83
N VAL D 171 26.21 21.85 33.46
CA VAL D 171 26.59 23.28 33.33
C VAL D 171 27.07 23.56 31.90
N ASP D 172 26.67 24.70 31.35
CA ASP D 172 27.08 25.15 29.99
C ASP D 172 26.73 24.11 28.93
N ASP D 173 25.70 24.39 28.13
CA ASP D 173 25.26 23.49 27.03
C ASP D 173 25.36 22.05 27.51
N GLY D 174 25.19 21.83 28.82
CA GLY D 174 25.28 20.46 29.38
C GLY D 174 26.64 19.83 29.11
N LYS D 175 27.73 20.57 29.37
CA LYS D 175 29.09 20.13 28.99
C LYS D 175 29.87 19.55 30.19
N LEU D 176 29.37 19.71 31.40
CA LEU D 176 30.00 19.09 32.59
C LEU D 176 28.93 18.47 33.48
N GLY D 177 29.09 17.18 33.77
CA GLY D 177 28.13 16.43 34.60
C GLY D 177 28.59 16.30 36.03
N LEU D 178 27.67 16.54 36.97
CA LEU D 178 27.90 16.35 38.43
C LEU D 178 26.76 15.49 38.99
N ARG D 179 26.88 14.17 38.87
CA ARG D 179 25.94 13.21 39.50
C ARG D 179 25.82 13.53 41.00
N VAL D 180 24.60 13.63 41.49
CA VAL D 180 24.36 13.87 42.94
C VAL D 180 24.36 12.52 43.63
N VAL D 181 25.38 12.28 44.45
CA VAL D 181 25.56 10.98 45.15
C VAL D 181 25.01 11.04 46.57
N ALA D 182 24.96 12.21 47.21
CA ALA D 182 24.57 12.26 48.63
C ALA D 182 23.72 13.50 48.93
N LYS D 183 22.79 13.35 49.87
CA LYS D 183 21.89 14.44 50.31
C LYS D 183 22.51 15.08 51.56
N ASP D 184 23.50 15.94 51.40
CA ASP D 184 23.95 16.75 52.55
C ASP D 184 22.83 17.71 52.94
N ASP D 185 22.46 17.73 54.21
CA ASP D 185 21.28 18.49 54.69
C ASP D 185 21.69 19.69 55.55
N ALA D 186 22.96 19.81 55.92
CA ALA D 186 23.48 20.92 56.75
C ALA D 186 23.13 22.26 56.09
N THR D 187 24.03 22.72 55.22
CA THR D 187 23.94 24.03 54.55
C THR D 187 23.00 23.93 53.35
N ARG D 188 22.09 22.95 53.35
CA ARG D 188 21.22 22.64 52.19
C ARG D 188 22.08 22.56 50.92
N GLU D 189 22.90 21.52 50.82
CA GLU D 189 23.82 21.35 49.68
C GLU D 189 23.63 19.96 49.07
N PHE D 190 24.03 19.82 47.82
CA PHE D 190 24.08 18.51 47.15
C PHE D 190 25.51 18.02 47.20
N GLU D 191 25.73 16.84 47.78
CA GLU D 191 27.05 16.19 47.69
C GLU D 191 27.15 15.51 46.32
N VAL D 192 27.77 16.19 45.38
CA VAL D 192 27.85 15.68 43.99
C VAL D 192 29.29 15.28 43.71
N GLU D 193 29.54 14.77 42.50
CA GLU D 193 30.91 14.45 42.05
C GLU D 193 30.96 14.67 40.54
N VAL D 194 32.15 14.73 39.99
CA VAL D 194 32.31 15.08 38.56
C VAL D 194 32.49 13.80 37.74
N GLU D 195 31.98 13.82 36.51
CA GLU D 195 31.94 12.65 35.59
C GLU D 195 32.88 12.84 34.41
N ASN D 196 33.45 14.03 34.24
CA ASN D 196 34.30 14.35 33.07
C ASN D 196 34.99 15.69 33.35
N ASP D 197 36.16 15.89 32.76
CA ASP D 197 36.94 17.13 33.01
C ASP D 197 36.18 18.29 32.38
N GLY D 198 36.14 19.44 33.05
CA GLY D 198 35.53 20.62 32.43
C GLY D 198 35.40 21.82 33.34
N ILE D 199 34.70 22.82 32.83
CA ILE D 199 34.74 24.22 33.31
C ILE D 199 33.49 24.47 34.17
N ILE D 200 33.50 25.55 34.94
CA ILE D 200 32.26 26.26 35.29
C ILE D 200 32.56 27.75 35.15
N ALA D 201 31.96 28.39 34.16
CA ALA D 201 32.17 29.84 33.94
C ALA D 201 31.07 30.64 34.61
N LYS D 202 31.41 31.86 34.98
CA LYS D 202 30.46 32.87 35.53
C LYS D 202 29.20 32.89 34.66
N GLN D 203 28.04 32.64 35.28
CA GLN D 203 26.71 32.82 34.60
C GLN D 203 26.61 31.95 33.34
N LYS D 204 26.50 30.63 33.49
CA LYS D 204 26.10 29.76 32.35
C LYS D 204 24.99 28.82 32.81
N GLY D 205 24.21 28.34 31.83
CA GLY D 205 22.98 27.58 32.04
C GLY D 205 23.19 26.33 32.88
N VAL D 206 22.33 26.11 33.86
CA VAL D 206 22.31 24.85 34.62
C VAL D 206 20.95 24.19 34.43
N ASN D 207 20.97 22.93 34.04
CA ASN D 207 19.77 22.10 33.82
C ASN D 207 19.86 20.89 34.75
N ILE D 208 18.81 20.60 35.50
CA ILE D 208 18.78 19.34 36.29
C ILE D 208 17.69 18.47 35.68
N PRO D 209 18.06 17.58 34.73
CA PRO D 209 17.07 16.81 33.99
C PRO D 209 16.26 15.83 34.84
N ASN D 210 15.04 15.59 34.37
CA ASN D 210 14.08 14.60 34.93
C ASN D 210 13.54 15.08 36.29
N THR D 211 13.92 16.25 36.75
CA THR D 211 13.39 16.79 38.02
C THR D 211 12.15 17.60 37.74
N LYS D 212 11.28 17.70 38.72
CA LYS D 212 10.05 18.50 38.55
C LYS D 212 10.04 19.59 39.59
N ILE D 213 10.89 20.57 39.36
CA ILE D 213 11.15 21.66 40.32
C ILE D 213 9.99 22.64 40.24
N PRO D 214 9.35 22.98 41.37
CA PRO D 214 8.14 23.80 41.32
C PRO D 214 8.39 25.22 40.82
N PHE D 215 8.65 25.33 39.53
CA PHE D 215 8.71 26.65 38.84
C PHE D 215 7.30 27.12 38.60
N PRO D 216 7.07 28.45 38.70
CA PRO D 216 5.74 29.00 38.52
C PRO D 216 5.19 28.60 37.15
N ALA D 217 3.89 28.40 37.07
CA ALA D 217 3.19 28.25 35.77
C ALA D 217 3.58 29.45 34.89
N LEU D 218 3.70 30.62 35.50
CA LEU D 218 4.14 31.83 34.78
C LEU D 218 4.93 32.69 35.75
N ALA D 219 6.25 32.77 35.56
CA ALA D 219 7.14 33.67 36.35
C ALA D 219 6.82 35.12 35.99
N GLU D 220 6.76 36.01 36.97
CA GLU D 220 6.28 37.40 36.72
C GLU D 220 7.34 38.21 35.98
N ARG D 221 8.60 37.84 36.07
CA ARG D 221 9.62 38.32 35.12
C ARG D 221 9.02 38.16 33.70
N ASP D 222 8.56 36.96 33.39
CA ASP D 222 7.91 36.64 32.09
C ASP D 222 6.62 37.45 31.95
N ASN D 223 5.76 37.44 32.97
CA ASN D 223 4.45 38.13 32.91
C ASN D 223 4.63 39.58 32.41
N ASP D 224 5.58 40.30 32.99
CA ASP D 224 5.82 41.71 32.60
C ASP D 224 6.29 41.74 31.14
N ASP D 225 7.13 40.80 30.73
CA ASP D 225 7.76 40.81 29.38
C ASP D 225 6.67 40.76 28.30
N ILE D 226 5.82 39.74 28.35
CA ILE D 226 4.73 39.55 27.36
C ILE D 226 3.79 40.76 27.42
N ARG D 227 3.51 41.28 28.61
CA ARG D 227 2.58 42.43 28.75
C ARG D 227 3.14 43.62 27.97
N PHE D 228 4.45 43.77 27.93
CA PHE D 228 5.07 44.88 27.18
C PHE D 228 4.95 44.59 25.68
N GLY D 229 5.15 43.33 25.29
CA GLY D 229 4.97 42.90 23.89
C GLY D 229 3.54 43.12 23.41
N LEU D 230 2.58 42.70 24.22
CA LEU D 230 1.14 42.83 23.86
C LEU D 230 0.79 44.30 23.63
N GLU D 231 1.62 45.24 24.07
CA GLU D 231 1.27 46.67 23.92
C GLU D 231 2.07 47.33 22.82
N GLN D 232 3.20 46.77 22.44
CA GLN D 232 3.92 47.25 21.23
C GLN D 232 3.22 46.74 19.97
N GLY D 233 2.63 45.54 20.01
CA GLY D 233 1.94 44.94 18.85
C GLY D 233 2.66 43.71 18.33
N ILE D 234 2.44 42.58 19.00
CA ILE D 234 3.04 41.29 18.57
C ILE D 234 1.93 40.33 18.12
N ASN D 235 2.34 39.26 17.45
CA ASN D 235 1.40 38.28 16.86
C ASN D 235 1.56 36.90 17.49
N PHE D 236 2.75 36.55 17.99
CA PHE D 236 2.98 35.23 18.61
C PHE D 236 3.80 35.38 19.88
N ILE D 237 3.60 34.46 20.81
CA ILE D 237 4.46 34.34 22.01
C ILE D 237 4.97 32.91 22.06
N ALA D 238 6.27 32.73 21.98
CA ALA D 238 6.90 31.43 22.28
C ALA D 238 7.14 31.38 23.79
N ILE D 239 6.44 30.49 24.47
CA ILE D 239 6.56 30.34 25.95
C ILE D 239 7.66 29.31 26.20
N SER D 240 8.73 29.74 26.85
CA SER D 240 9.88 28.87 27.16
C SER D 240 9.56 27.96 28.35
N PHE D 241 9.98 26.70 28.25
CA PHE D 241 9.85 25.70 29.34
C PHE D 241 8.39 25.45 29.67
N VAL D 242 7.64 25.03 28.66
CA VAL D 242 6.24 24.58 28.89
C VAL D 242 6.29 23.15 29.37
N ARG D 243 5.83 22.94 30.59
CA ARG D 243 5.86 21.60 31.22
C ARG D 243 4.45 21.05 31.35
N THR D 244 3.43 21.91 31.34
CA THR D 244 2.03 21.46 31.44
C THR D 244 1.17 22.39 30.60
N ALA D 245 -0.07 21.99 30.36
CA ALA D 245 -1.06 22.87 29.71
C ALA D 245 -1.16 24.20 30.49
N LYS D 246 -1.00 24.17 31.81
CA LYS D 246 -1.22 25.39 32.65
C LYS D 246 -0.23 26.49 32.26
N ASP D 247 1.02 26.15 32.00
CA ASP D 247 2.01 27.15 31.57
C ASP D 247 1.49 27.87 30.33
N VAL D 248 0.64 27.23 29.53
CA VAL D 248 0.04 27.88 28.34
C VAL D 248 -1.17 28.71 28.79
N ASN D 249 -2.05 28.10 29.59
CA ASN D 249 -3.35 28.70 29.95
C ASN D 249 -3.17 30.10 30.56
N GLU D 250 -2.17 30.28 31.40
CA GLU D 250 -2.02 31.57 32.11
C GLU D 250 -1.57 32.67 31.15
N VAL D 251 -0.67 32.38 30.22
CA VAL D 251 -0.32 33.38 29.17
C VAL D 251 -1.55 33.63 28.31
N ARG D 252 -2.36 32.61 28.06
CA ARG D 252 -3.65 32.78 27.36
C ARG D 252 -4.50 33.80 28.13
N ALA D 253 -4.63 33.66 29.45
CA ALA D 253 -5.54 34.50 30.27
C ALA D 253 -5.11 35.96 30.19
N ILE D 254 -3.83 36.23 29.99
CA ILE D 254 -3.37 37.62 29.77
C ILE D 254 -3.84 38.09 28.39
N CYS D 255 -3.71 37.27 27.37
CA CYS D 255 -4.01 37.77 26.01
C CYS D 255 -5.49 38.15 25.96
N GLU D 256 -6.35 37.43 26.67
CA GLU D 256 -7.80 37.77 26.63
C GLU D 256 -8.09 38.92 27.58
N GLU D 257 -7.52 38.91 28.78
CA GLU D 257 -7.67 40.01 29.76
C GLU D 257 -7.36 41.35 29.07
N THR D 258 -6.23 41.42 28.39
CA THR D 258 -5.71 42.67 27.79
C THR D 258 -6.33 42.91 26.42
N GLY D 259 -7.18 42.00 25.94
CA GLY D 259 -7.96 42.19 24.69
C GLY D 259 -7.20 41.81 23.43
N ASN D 260 -6.39 40.75 23.49
CA ASN D 260 -5.52 40.30 22.37
C ASN D 260 -5.73 38.81 22.07
N GLY D 261 -6.98 38.39 21.92
CA GLY D 261 -7.31 36.99 21.60
C GLY D 261 -6.63 36.53 20.33
N HIS D 262 -6.22 37.47 19.49
CA HIS D 262 -5.64 37.17 18.16
C HIS D 262 -4.26 36.56 18.31
N VAL D 263 -3.56 36.85 19.40
CA VAL D 263 -2.17 36.37 19.56
C VAL D 263 -2.18 34.84 19.58
N GLN D 264 -1.14 34.24 19.01
CA GLN D 264 -1.05 32.76 18.91
C GLN D 264 0.10 32.30 19.81
N LEU D 265 -0.11 31.23 20.55
CA LEU D 265 0.90 30.75 21.52
C LEU D 265 1.60 29.50 20.99
N PHE D 266 2.88 29.60 20.76
CA PHE D 266 3.73 28.42 20.53
C PHE D 266 4.33 28.02 21.86
N ALA D 267 3.99 26.84 22.34
CA ALA D 267 4.68 26.26 23.51
C ALA D 267 6.03 25.75 23.06
N LYS D 268 7.07 26.11 23.79
CA LYS D 268 8.40 25.54 23.58
C LYS D 268 8.51 24.32 24.47
N ILE D 269 8.96 23.22 23.89
CA ILE D 269 9.10 21.93 24.62
C ILE D 269 10.59 21.74 24.87
N GLU D 270 10.99 21.79 26.13
CA GLU D 270 12.42 21.89 26.46
C GLU D 270 12.86 20.74 27.37
N ASN D 271 11.94 20.00 27.99
CA ASN D 271 12.33 18.97 28.97
C ASN D 271 11.37 17.79 28.88
N GLN D 272 11.49 16.85 29.80
CA GLN D 272 10.70 15.58 29.75
C GLN D 272 9.28 15.85 30.24
N GLN D 273 9.09 16.74 31.21
CA GLN D 273 7.74 17.14 31.67
C GLN D 273 6.90 17.57 30.47
N GLY D 274 7.48 18.38 29.57
CA GLY D 274 6.76 18.88 28.38
C GLY D 274 6.53 17.79 27.33
N ILE D 275 7.37 16.76 27.26
CA ILE D 275 7.14 15.68 26.27
C ILE D 275 6.08 14.74 26.82
N ASP D 276 6.18 14.39 28.10
CA ASP D 276 5.15 13.51 28.70
C ASP D 276 3.80 14.22 28.75
N ASN D 277 3.72 15.50 28.37
CA ASN D 277 2.45 16.25 28.38
C ASN D 277 2.14 16.80 26.99
N LEU D 278 2.85 16.33 25.97
CA LEU D 278 2.80 16.94 24.62
C LEU D 278 1.36 17.06 24.15
N ASP D 279 0.54 16.04 24.35
CA ASP D 279 -0.89 16.10 23.96
C ASP D 279 -1.57 17.29 24.63
N GLU D 280 -1.68 17.28 25.96
CA GLU D 280 -2.50 18.33 26.62
C GLU D 280 -1.90 19.71 26.33
N ILE D 281 -0.60 19.79 26.07
CA ILE D 281 0.02 21.09 25.70
C ILE D 281 -0.38 21.46 24.27
N ILE D 282 -0.34 20.51 23.35
CA ILE D 282 -0.75 20.77 21.93
C ILE D 282 -2.21 21.25 21.97
N GLU D 283 -3.03 20.61 22.79
CA GLU D 283 -4.46 20.99 22.91
C GLU D 283 -4.56 22.46 23.35
N ALA D 284 -3.74 22.90 24.30
CA ALA D 284 -3.91 24.24 24.92
C ALA D 284 -3.25 25.33 24.09
N ALA D 285 -2.15 25.00 23.41
CA ALA D 285 -1.34 25.94 22.60
C ALA D 285 -1.93 26.08 21.18
N ASP D 286 -1.41 27.04 20.43
CA ASP D 286 -1.73 27.27 19.00
C ASP D 286 -0.63 26.68 18.13
N GLY D 287 0.54 26.41 18.71
CA GLY D 287 1.66 25.78 18.01
C GLY D 287 2.64 25.16 18.97
N ILE D 288 3.62 24.48 18.42
CA ILE D 288 4.76 23.97 19.21
C ILE D 288 6.04 24.52 18.57
N MET D 289 6.89 25.11 19.38
CA MET D 289 8.28 25.41 18.98
C MET D 289 9.17 24.32 19.57
N ILE D 290 9.91 23.64 18.73
CA ILE D 290 10.81 22.54 19.18
C ILE D 290 12.15 23.16 19.51
N ALA D 291 12.28 23.66 20.73
CA ALA D 291 13.53 24.25 21.26
C ALA D 291 14.49 23.10 21.55
N ARG D 292 15.30 22.74 20.55
CA ARG D 292 16.11 21.51 20.61
C ARG D 292 17.27 21.70 21.59
N GLY D 293 17.80 22.92 21.74
CA GLY D 293 18.92 23.21 22.66
C GLY D 293 18.68 22.61 24.04
N ASP D 294 17.74 23.19 24.76
CA ASP D 294 17.38 22.75 26.14
C ASP D 294 16.92 21.29 26.12
N MET D 295 16.17 20.88 25.10
CA MET D 295 15.67 19.49 25.01
C MET D 295 16.87 18.54 24.83
N GLY D 296 17.92 18.97 24.14
CA GLY D 296 19.12 18.18 23.85
C GLY D 296 20.12 18.16 24.99
N ILE D 297 19.82 18.88 26.06
CA ILE D 297 20.49 18.69 27.38
C ILE D 297 19.53 17.92 28.29
N GLU D 298 18.25 18.29 28.28
CA GLU D 298 17.29 17.85 29.31
C GLU D 298 16.76 16.43 29.06
N VAL D 299 16.84 15.94 27.83
CA VAL D 299 16.51 14.52 27.52
C VAL D 299 17.64 13.98 26.66
N PRO D 300 17.80 12.63 26.57
CA PRO D 300 18.89 12.05 25.78
C PRO D 300 19.01 12.66 24.38
N PHE D 301 20.22 13.08 24.02
CA PHE D 301 20.46 13.94 22.85
C PHE D 301 20.18 13.18 21.56
N GLU D 302 20.16 11.84 21.61
CA GLU D 302 19.84 11.02 20.42
C GLU D 302 18.33 10.78 20.34
N MET D 303 17.54 11.38 21.22
CA MET D 303 16.06 11.22 21.18
C MET D 303 15.37 12.44 20.58
N VAL D 304 16.08 13.55 20.36
CA VAL D 304 15.39 14.74 19.80
C VAL D 304 15.11 14.54 18.32
N PRO D 305 15.88 13.74 17.53
CA PRO D 305 15.41 13.43 16.18
C PRO D 305 14.06 12.68 16.17
N VAL D 306 13.87 11.73 17.07
CA VAL D 306 12.58 10.97 17.09
C VAL D 306 11.49 11.87 17.68
N TYR D 307 11.79 12.60 18.75
CA TYR D 307 10.79 13.52 19.36
C TYR D 307 10.42 14.61 18.36
N GLN D 308 11.33 15.00 17.48
CA GLN D 308 11.01 16.04 16.48
C GLN D 308 10.10 15.46 15.38
N LYS D 309 10.38 14.25 14.92
CA LYS D 309 9.53 13.63 13.88
C LYS D 309 8.12 13.47 14.46
N MET D 310 8.03 13.10 15.73
CA MET D 310 6.73 12.76 16.36
C MET D 310 5.98 14.04 16.74
N ILE D 311 6.70 15.11 17.07
CA ILE D 311 6.04 16.40 17.36
C ILE D 311 5.46 16.97 16.07
N ILE D 312 6.23 16.99 15.00
CA ILE D 312 5.72 17.54 13.71
C ILE D 312 4.47 16.76 13.27
N LYS D 313 4.41 15.46 13.52
CA LYS D 313 3.26 14.66 13.04
C LYS D 313 2.04 14.98 13.90
N LYS D 314 2.20 14.91 15.22
CA LYS D 314 1.10 15.21 16.17
C LYS D 314 0.59 16.63 15.92
N VAL D 315 1.49 17.59 15.75
CA VAL D 315 1.04 19.01 15.69
C VAL D 315 0.33 19.25 14.36
N ASN D 316 0.84 18.68 13.28
CA ASN D 316 0.14 18.71 11.98
C ASN D 316 -1.23 18.05 12.17
N ALA D 317 -1.30 16.90 12.84
CA ALA D 317 -2.60 16.22 13.03
C ALA D 317 -3.59 17.16 13.70
N ALA D 318 -3.13 18.06 14.56
CA ALA D 318 -4.05 18.94 15.31
C ALA D 318 -4.40 20.18 14.50
N GLY D 319 -3.84 20.37 13.30
CA GLY D 319 -4.13 21.55 12.47
C GLY D 319 -3.48 22.81 13.00
N LYS D 320 -2.34 22.68 13.69
CA LYS D 320 -1.60 23.82 14.28
C LYS D 320 -0.23 23.93 13.63
N VAL D 321 0.56 24.90 14.07
CA VAL D 321 1.87 25.18 13.44
C VAL D 321 3.01 24.66 14.33
N VAL D 322 4.00 24.04 13.71
CA VAL D 322 5.22 23.63 14.44
C VAL D 322 6.41 24.36 13.84
N ILE D 323 7.32 24.83 14.68
CA ILE D 323 8.58 25.45 14.21
C ILE D 323 9.76 24.64 14.75
N THR D 324 10.65 24.27 13.85
CA THR D 324 11.87 23.50 14.17
C THR D 324 13.00 24.48 14.45
N ALA D 325 13.57 24.43 15.64
CA ALA D 325 14.47 25.50 16.14
C ALA D 325 15.86 24.98 16.51
N THR D 326 16.77 25.95 16.68
CA THR D 326 18.12 25.88 17.34
C THR D 326 19.11 25.01 16.54
N ASN D 327 20.25 25.62 16.18
CA ASN D 327 21.49 25.00 15.64
C ASN D 327 21.35 24.69 14.15
N MET D 328 20.32 25.21 13.48
CA MET D 328 20.01 24.80 12.09
C MET D 328 21.17 25.18 11.16
N LEU D 329 21.69 26.39 11.25
CA LEU D 329 22.88 26.79 10.44
C LEU D 329 23.99 27.33 11.34
N GLU D 330 24.31 26.68 12.45
CA GLU D 330 25.03 27.36 13.56
C GLU D 330 26.44 27.78 13.13
N THR D 331 27.12 26.99 12.30
CA THR D 331 28.45 27.37 11.77
C THR D 331 28.39 28.79 11.19
N MET D 332 27.29 29.10 10.50
CA MET D 332 27.20 30.35 9.71
C MET D 332 27.04 31.55 10.65
N THR D 333 27.07 31.33 11.96
CA THR D 333 27.27 32.44 12.91
C THR D 333 28.65 33.06 12.68
N GLU D 334 29.64 32.22 12.40
CA GLU D 334 31.08 32.64 12.31
C GLU D 334 31.55 32.58 10.86
N LYS D 335 31.60 31.38 10.27
CA LYS D 335 32.07 31.16 8.87
C LYS D 335 30.95 31.52 7.89
N PRO D 336 31.28 31.74 6.60
CA PRO D 336 30.26 32.14 5.63
C PRO D 336 29.54 31.01 4.88
N ARG D 337 29.77 29.76 5.27
CA ARG D 337 29.20 28.56 4.61
C ARG D 337 28.78 27.56 5.69
N ALA D 338 27.72 26.79 5.44
CA ALA D 338 27.18 25.83 6.42
C ALA D 338 27.74 24.44 6.15
N THR D 339 28.00 23.68 7.20
CA THR D 339 28.37 22.26 7.05
C THR D 339 27.25 21.53 6.32
N ARG D 340 27.57 20.39 5.75
CA ARG D 340 26.50 19.59 5.12
C ARG D 340 25.75 18.75 6.15
N SER D 341 26.20 18.66 7.39
CA SER D 341 25.35 18.17 8.50
C SER D 341 24.20 19.16 8.72
N GLU D 342 24.44 20.46 8.54
CA GLU D 342 23.38 21.47 8.75
C GLU D 342 22.45 21.57 7.53
N VAL D 343 22.97 21.42 6.33
CA VAL D 343 22.02 21.49 5.18
C VAL D 343 21.17 20.23 5.22
N SER D 344 21.71 19.15 5.74
CA SER D 344 20.94 17.90 5.91
C SER D 344 19.81 18.17 6.91
N ASP D 345 20.12 18.82 8.02
CA ASP D 345 19.16 19.03 9.12
C ASP D 345 17.96 19.85 8.63
N VAL D 346 18.21 21.03 8.08
CA VAL D 346 17.04 21.91 7.74
C VAL D 346 16.28 21.22 6.61
N PHE D 347 16.97 20.48 5.76
CA PHE D 347 16.29 19.72 4.69
C PHE D 347 15.36 18.69 5.32
N ASN D 348 15.87 17.94 6.28
CA ASN D 348 15.07 16.83 6.84
C ASN D 348 13.87 17.38 7.62
N ALA D 349 14.00 18.54 8.26
CA ALA D 349 12.86 19.18 8.96
C ALA D 349 11.75 19.43 7.94
N VAL D 350 12.10 19.79 6.72
CA VAL D 350 11.05 20.03 5.71
C VAL D 350 10.39 18.70 5.34
N ILE D 351 11.13 17.60 5.32
CA ILE D 351 10.48 16.34 4.89
C ILE D 351 9.71 15.76 6.08
N ASP D 352 10.15 16.02 7.31
CA ASP D 352 9.39 15.54 8.50
C ASP D 352 8.06 16.30 8.61
N GLY D 353 7.91 17.44 7.93
CA GLY D 353 6.60 18.14 7.82
C GLY D 353 6.59 19.51 8.46
N THR D 354 7.73 20.10 8.79
CA THR D 354 7.72 21.30 9.64
C THR D 354 6.98 22.42 8.92
N ASP D 355 6.32 23.28 9.69
CA ASP D 355 5.65 24.49 9.13
C ASP D 355 6.74 25.50 8.81
N ALA D 356 7.74 25.58 9.66
CA ALA D 356 8.70 26.68 9.66
C ALA D 356 10.05 26.21 10.21
N THR D 357 11.11 26.78 9.66
CA THR D 357 12.49 26.64 10.19
C THR D 357 12.94 27.95 10.82
N MET D 358 13.79 27.82 11.83
CA MET D 358 14.15 28.99 12.64
C MET D 358 15.66 29.18 12.69
N LEU D 359 16.05 30.43 12.61
CA LEU D 359 17.44 30.88 12.85
C LEU D 359 17.47 31.51 14.23
N SER D 360 18.37 31.05 15.10
CA SER D 360 18.65 31.70 16.41
C SER D 360 19.88 32.61 16.29
N GLY D 361 21.03 32.10 16.69
CA GLY D 361 22.29 32.86 16.72
C GLY D 361 22.67 33.32 15.32
N GLU D 362 22.37 32.50 14.32
CA GLU D 362 22.80 32.73 12.91
C GLU D 362 22.30 34.10 12.43
N SER D 363 21.13 34.53 12.90
CA SER D 363 20.51 35.78 12.40
C SER D 363 20.69 36.92 13.40
N ALA D 364 20.89 36.63 14.68
CA ALA D 364 20.84 37.66 15.74
C ALA D 364 22.22 38.31 15.93
N ASN D 365 23.23 37.50 16.18
CA ASN D 365 24.58 37.97 16.57
C ASN D 365 25.61 37.11 15.84
N GLY D 366 25.47 37.04 14.52
CA GLY D 366 26.42 36.35 13.64
C GLY D 366 27.03 37.33 12.67
N LYS D 367 28.05 36.91 11.95
CA LYS D 367 28.67 37.81 10.95
C LYS D 367 27.82 37.84 9.68
N TYR D 368 27.06 36.79 9.38
CA TYR D 368 26.32 36.67 8.10
C TYR D 368 24.84 36.50 8.40
N PRO D 369 24.12 37.57 8.77
CA PRO D 369 22.68 37.48 8.99
C PRO D 369 21.90 37.31 7.67
N LEU D 370 22.19 38.14 6.68
CA LEU D 370 21.52 38.00 5.37
C LEU D 370 21.84 36.63 4.77
N GLU D 371 23.05 36.12 5.01
CA GLU D 371 23.52 34.90 4.30
C GLU D 371 22.74 33.68 4.82
N SER D 372 22.44 33.64 6.10
CA SER D 372 21.80 32.46 6.72
C SER D 372 20.28 32.49 6.49
N VAL D 373 19.70 33.62 6.14
CA VAL D 373 18.28 33.61 5.70
C VAL D 373 18.23 33.02 4.28
N THR D 374 18.95 33.63 3.36
CA THR D 374 18.96 33.18 1.94
C THR D 374 19.33 31.69 1.87
N THR D 375 20.25 31.25 2.72
CA THR D 375 20.67 29.83 2.75
C THR D 375 19.46 28.95 3.08
N MET D 376 18.92 29.11 4.28
CA MET D 376 17.71 28.38 4.73
C MET D 376 16.66 28.48 3.62
N ALA D 377 16.35 29.69 3.18
CA ALA D 377 15.39 29.92 2.09
C ALA D 377 15.66 28.92 0.96
N THR D 378 16.88 28.80 0.48
CA THR D 378 17.11 28.00 -0.75
C THR D 378 17.03 26.51 -0.40
N ILE D 379 17.59 26.10 0.73
CA ILE D 379 17.40 24.68 1.17
C ILE D 379 15.91 24.40 1.30
N ASP D 380 15.19 25.23 2.05
CA ASP D 380 13.73 25.06 2.24
C ASP D 380 13.05 24.98 0.88
N LYS D 381 13.31 25.96 0.02
CA LYS D 381 12.66 26.05 -1.32
C LYS D 381 12.80 24.71 -2.04
N ASN D 382 13.97 24.09 -2.01
CA ASN D 382 14.23 22.85 -2.80
C ASN D 382 13.56 21.66 -2.12
N ALA D 383 13.77 21.53 -0.81
CA ALA D 383 13.22 20.42 0.00
C ALA D 383 11.70 20.36 -0.15
N GLN D 384 11.06 21.48 -0.50
CA GLN D 384 9.60 21.46 -0.75
C GLN D 384 9.32 20.66 -2.02
N ALA D 385 10.23 20.69 -2.98
CA ALA D 385 10.01 20.00 -4.28
C ALA D 385 9.95 18.48 -4.07
N LEU D 386 10.38 17.95 -2.93
CA LEU D 386 10.46 16.47 -2.80
C LEU D 386 9.51 15.93 -1.73
N LEU D 387 8.55 16.74 -1.29
CA LEU D 387 7.57 16.25 -0.28
C LEU D 387 6.60 15.24 -0.89
N ASN D 388 6.23 15.39 -2.16
CA ASN D 388 5.45 14.33 -2.87
C ASN D 388 6.16 12.98 -2.74
N GLU D 389 7.38 12.90 -3.26
CA GLU D 389 8.16 11.64 -3.22
C GLU D 389 8.38 11.20 -1.77
N TYR D 390 9.02 12.03 -0.96
CA TYR D 390 9.61 11.56 0.33
C TYR D 390 8.80 12.03 1.54
N GLY D 391 7.74 12.80 1.37
CA GLY D 391 7.09 13.48 2.51
C GLY D 391 6.67 12.51 3.60
N ARG D 392 6.78 12.93 4.84
CA ARG D 392 6.43 12.04 5.99
C ARG D 392 5.01 12.29 6.48
N LEU D 393 4.49 13.52 6.40
CA LEU D 393 3.07 13.78 6.70
C LEU D 393 2.19 12.99 5.73
N ASP D 394 1.03 12.62 6.24
CA ASP D 394 0.08 11.76 5.50
C ASP D 394 -1.33 12.28 5.80
N SER D 395 -1.85 13.17 4.97
CA SER D 395 -3.18 13.77 5.17
C SER D 395 -4.27 12.69 5.04
N ASP D 396 -4.08 11.71 4.14
CA ASP D 396 -5.06 10.61 3.87
C ASP D 396 -5.41 9.83 5.15
N SER D 397 -4.76 10.03 6.28
CA SER D 397 -5.13 9.28 7.51
C SER D 397 -5.97 10.12 8.45
N PHE D 398 -6.10 11.42 8.21
CA PHE D 398 -6.80 12.31 9.16
C PHE D 398 -8.29 12.04 9.11
N GLU D 399 -8.95 12.03 10.27
CA GLU D 399 -10.43 12.17 10.30
C GLU D 399 -10.73 13.62 9.94
N ARG D 400 -11.60 13.79 8.96
CA ARG D 400 -12.15 15.09 8.55
C ARG D 400 -13.27 15.43 9.52
N ASN D 401 -12.97 16.30 10.48
CA ASN D 401 -13.84 16.50 11.66
C ASN D 401 -14.73 17.73 11.49
N SER D 402 -14.79 18.32 10.31
CA SER D 402 -15.75 19.41 10.09
C SER D 402 -15.95 19.66 8.61
N LYS D 403 -17.06 20.29 8.28
CA LYS D 403 -17.41 20.61 6.89
C LYS D 403 -16.30 21.44 6.24
N THR D 404 -15.71 22.37 6.96
CA THR D 404 -14.60 23.17 6.36
C THR D 404 -13.41 22.24 6.12
N GLU D 405 -13.22 21.24 6.98
CA GLU D 405 -12.06 20.34 6.82
C GLU D 405 -12.27 19.39 5.62
N VAL D 406 -13.45 18.81 5.46
CA VAL D 406 -13.72 17.96 4.28
C VAL D 406 -13.49 18.83 3.04
N MET D 407 -13.84 20.10 3.13
CA MET D 407 -13.63 21.00 1.98
C MET D 407 -12.12 21.10 1.75
N ALA D 408 -11.35 21.34 2.80
CA ALA D 408 -9.88 21.42 2.70
C ALA D 408 -9.34 20.14 2.04
N SER D 409 -9.88 18.97 2.39
CA SER D 409 -9.51 17.67 1.79
C SER D 409 -9.80 17.71 0.29
N ALA D 410 -11.02 18.08 -0.09
CA ALA D 410 -11.45 18.18 -1.50
C ALA D 410 -10.51 19.09 -2.28
N VAL D 411 -9.91 20.08 -1.62
CA VAL D 411 -8.97 20.98 -2.34
C VAL D 411 -7.66 20.23 -2.56
N LYS D 412 -7.21 19.46 -1.57
CA LYS D 412 -5.98 18.67 -1.73
C LYS D 412 -6.17 17.69 -2.90
N ASP D 413 -7.31 17.04 -2.94
CA ASP D 413 -7.67 16.16 -4.07
C ASP D 413 -7.55 16.93 -5.40
N ALA D 414 -8.02 18.16 -5.48
CA ALA D 414 -7.97 18.89 -6.76
C ALA D 414 -6.52 19.11 -7.16
N THR D 415 -5.67 19.50 -6.24
CA THR D 415 -4.25 19.74 -6.58
C THR D 415 -3.52 18.44 -6.89
N SER D 416 -4.01 17.31 -6.44
CA SER D 416 -3.38 16.00 -6.75
C SER D 416 -3.80 15.54 -8.14
N SER D 417 -4.99 15.94 -8.58
CA SER D 417 -5.61 15.51 -9.84
C SER D 417 -5.05 16.29 -11.03
N MET D 418 -4.63 17.53 -10.79
CA MET D 418 -4.33 18.52 -11.84
C MET D 418 -3.05 19.25 -11.51
N ASP D 419 -2.67 20.16 -12.41
CA ASP D 419 -1.65 21.17 -12.10
C ASP D 419 -2.37 22.44 -11.67
N ILE D 420 -2.63 22.55 -10.39
CA ILE D 420 -3.16 23.81 -9.80
C ILE D 420 -1.97 24.70 -9.47
N LYS D 421 -1.96 25.93 -9.99
CA LYS D 421 -0.90 26.92 -9.68
C LYS D 421 -1.07 27.43 -8.26
N LEU D 422 -2.33 27.61 -7.83
CA LEU D 422 -2.65 28.40 -6.63
C LEU D 422 -4.02 27.98 -6.09
N VAL D 423 -4.08 27.87 -4.78
CA VAL D 423 -5.35 27.83 -4.02
C VAL D 423 -5.58 29.22 -3.43
N VAL D 424 -6.77 29.77 -3.66
CA VAL D 424 -7.22 31.02 -2.98
C VAL D 424 -8.36 30.68 -2.02
N THR D 425 -8.26 31.18 -0.80
CA THR D 425 -9.35 31.10 0.19
C THR D 425 -9.75 32.53 0.59
N LEU D 426 -11.03 32.82 0.58
CA LEU D 426 -11.53 34.07 1.18
C LEU D 426 -12.00 33.77 2.59
N THR D 427 -11.25 34.24 3.58
CA THR D 427 -11.33 33.72 4.97
C THR D 427 -11.36 34.92 5.93
N LYS D 428 -12.30 34.91 6.88
CA LYS D 428 -12.45 36.03 7.83
C LYS D 428 -11.41 35.89 8.94
N THR D 429 -11.23 34.69 9.47
CA THR D 429 -10.39 34.44 10.68
C THR D 429 -9.16 33.59 10.37
N GLY D 430 -8.96 33.21 9.10
CA GLY D 430 -7.86 32.31 8.71
C GLY D 430 -8.13 30.83 9.02
N HIS D 431 -9.35 30.46 9.36
CA HIS D 431 -9.67 29.04 9.67
C HIS D 431 -9.46 28.14 8.45
N THR D 432 -10.09 28.44 7.30
CA THR D 432 -9.98 27.50 6.17
C THR D 432 -8.55 27.51 5.64
N ALA D 433 -7.83 28.63 5.79
CA ALA D 433 -6.41 28.74 5.41
C ALA D 433 -5.57 27.81 6.29
N ARG D 434 -5.81 27.79 7.60
CA ARG D 434 -5.08 26.85 8.48
C ARG D 434 -5.41 25.42 8.06
N LEU D 435 -6.66 25.18 7.71
CA LEU D 435 -7.12 23.78 7.49
C LEU D 435 -6.57 23.32 6.14
N ILE D 436 -6.69 24.11 5.07
CA ILE D 436 -6.01 23.83 3.77
C ILE D 436 -4.51 23.61 4.00
N SER D 437 -3.86 24.50 4.71
CA SER D 437 -2.42 24.36 5.06
C SER D 437 -2.19 23.02 5.74
N LYS D 438 -3.16 22.55 6.50
CA LYS D 438 -2.96 21.29 7.26
C LYS D 438 -2.67 20.17 6.26
N TYR D 439 -3.41 20.16 5.17
CA TYR D 439 -3.47 19.03 4.22
C TYR D 439 -2.27 19.10 3.29
N ARG D 440 -1.49 20.18 3.39
CA ARG D 440 -0.24 20.36 2.62
C ARG D 440 -0.53 20.11 1.15
N PRO D 441 -1.33 20.94 0.47
CA PRO D 441 -1.55 20.76 -0.95
C PRO D 441 -0.28 21.09 -1.76
N ASN D 442 -0.15 20.47 -2.92
CA ASN D 442 0.97 20.81 -3.82
C ASN D 442 0.50 21.98 -4.67
N ALA D 443 0.41 23.13 -4.03
CA ALA D 443 0.03 24.43 -4.63
C ALA D 443 0.21 25.47 -3.52
N ASP D 444 0.43 26.72 -3.87
CA ASP D 444 0.53 27.76 -2.82
C ASP D 444 -0.88 28.20 -2.49
N ILE D 445 -1.03 28.73 -1.28
CA ILE D 445 -2.35 29.08 -0.70
C ILE D 445 -2.36 30.59 -0.49
N LEU D 446 -3.00 31.33 -1.39
CA LEU D 446 -3.22 32.78 -1.13
C LEU D 446 -4.45 32.92 -0.23
N ALA D 447 -4.26 33.45 0.97
CA ALA D 447 -5.36 33.65 1.94
C ALA D 447 -5.76 35.12 1.95
N LEU D 448 -6.79 35.47 1.20
CA LEU D 448 -7.40 36.80 1.29
C LEU D 448 -8.18 36.92 2.60
N THR D 449 -7.67 37.73 3.52
CA THR D 449 -8.34 38.09 4.79
C THR D 449 -8.49 39.61 4.85
N PHE D 450 -9.30 40.09 5.78
CA PHE D 450 -9.81 41.49 5.78
C PHE D 450 -9.46 42.22 7.07
N ASP D 451 -8.35 41.90 7.71
CA ASP D 451 -7.91 42.65 8.90
C ASP D 451 -6.46 42.26 9.19
N GLU D 452 -5.59 43.25 9.36
CA GLU D 452 -4.13 43.01 9.37
C GLU D 452 -3.79 41.99 10.45
N LEU D 453 -4.50 41.98 11.57
CA LEU D 453 -4.14 41.05 12.67
C LEU D 453 -4.27 39.59 12.22
N THR D 454 -5.35 39.26 11.53
CA THR D 454 -5.53 37.91 10.96
C THR D 454 -4.47 37.67 9.88
N GLU D 455 -4.20 38.67 9.06
CA GLU D 455 -3.16 38.56 8.00
C GLU D 455 -1.82 38.17 8.63
N ARG D 456 -1.36 38.97 9.59
CA ARG D 456 -0.05 38.71 10.24
C ARG D 456 -0.14 37.36 10.95
N GLY D 457 -1.32 37.02 11.48
CA GLY D 457 -1.51 35.78 12.27
C GLY D 457 -1.32 34.52 11.46
N LEU D 458 -1.30 34.62 10.13
CA LEU D 458 -1.22 33.43 9.23
C LEU D 458 0.21 33.24 8.65
N MET D 459 1.20 34.02 9.07
CA MET D 459 2.49 34.06 8.32
C MET D 459 3.42 32.92 8.72
N LEU D 460 3.04 32.02 9.61
CA LEU D 460 3.89 30.84 9.90
C LEU D 460 3.23 29.54 9.43
N ASN D 461 2.15 29.62 8.66
CA ASN D 461 1.40 28.42 8.25
C ASN D 461 1.97 27.95 6.92
N TRP D 462 2.32 26.68 6.84
CA TRP D 462 2.93 26.11 5.62
C TRP D 462 2.15 26.55 4.39
N GLY D 463 2.80 27.28 3.49
CA GLY D 463 2.26 27.57 2.15
C GLY D 463 1.38 28.79 2.10
N VAL D 464 0.98 29.34 3.24
CA VAL D 464 -0.03 30.44 3.24
C VAL D 464 0.65 31.75 2.83
N ILE D 465 0.01 32.48 1.93
CA ILE D 465 0.43 33.86 1.56
C ILE D 465 -0.70 34.82 1.90
N PRO D 466 -0.68 35.47 3.08
CA PRO D 466 -1.81 36.28 3.49
C PRO D 466 -1.77 37.63 2.76
N MET D 467 -2.96 38.22 2.61
CA MET D 467 -3.13 39.42 1.77
C MET D 467 -4.44 40.12 2.14
N LEU D 468 -4.34 41.40 2.45
CA LEU D 468 -5.49 42.23 2.89
C LEU D 468 -6.32 42.59 1.67
N THR D 469 -7.64 42.46 1.80
CA THR D 469 -8.61 43.01 0.83
C THR D 469 -9.89 43.36 1.56
N ASP D 470 -10.70 44.21 0.96
CA ASP D 470 -11.98 44.66 1.54
C ASP D 470 -12.86 43.44 1.79
N ALA D 471 -13.50 43.37 2.95
CA ALA D 471 -14.53 42.33 3.17
C ALA D 471 -15.51 42.45 2.01
N PRO D 472 -15.88 41.34 1.33
CA PRO D 472 -16.79 41.42 0.21
C PRO D 472 -18.26 41.64 0.60
N SER D 473 -18.93 42.52 -0.13
CA SER D 473 -20.39 42.75 -0.03
C SER D 473 -21.18 41.56 -0.62
N SER D 474 -22.49 41.59 -0.45
CA SER D 474 -23.40 40.52 -0.94
C SER D 474 -23.40 40.49 -2.47
N THR D 475 -22.80 41.48 -3.14
CA THR D 475 -22.98 41.69 -4.60
C THR D 475 -21.64 41.91 -5.28
N ASP D 476 -20.72 40.96 -5.16
CA ASP D 476 -19.44 41.06 -5.93
C ASP D 476 -18.84 39.67 -6.04
N ASP D 477 -18.69 39.17 -7.28
CA ASP D 477 -18.08 37.85 -7.55
C ASP D 477 -16.83 37.73 -6.70
N MET D 478 -16.89 36.94 -5.63
CA MET D 478 -15.71 36.69 -4.79
C MET D 478 -14.69 35.93 -5.63
N PHE D 479 -15.18 35.31 -6.70
CA PHE D 479 -14.31 34.53 -7.60
C PHE D 479 -13.52 35.45 -8.54
N GLU D 480 -14.09 36.54 -9.02
CA GLU D 480 -13.30 37.55 -9.76
C GLU D 480 -12.34 38.24 -8.80
N ILE D 481 -12.79 38.59 -7.60
CA ILE D 481 -11.90 39.24 -6.59
C ILE D 481 -10.69 38.33 -6.41
N ALA D 482 -10.93 37.03 -6.23
CA ALA D 482 -9.88 36.03 -6.03
C ALA D 482 -8.91 36.03 -7.22
N GLU D 483 -9.43 36.02 -8.44
CA GLU D 483 -8.53 36.07 -9.60
C GLU D 483 -7.77 37.40 -9.56
N ARG D 484 -8.47 38.51 -9.40
CA ARG D 484 -7.85 39.86 -9.46
C ARG D 484 -6.70 39.97 -8.46
N LYS D 485 -6.94 39.62 -7.19
CA LYS D 485 -5.91 39.78 -6.13
C LYS D 485 -4.72 38.85 -6.40
N ALA D 486 -4.95 37.69 -7.01
CA ALA D 486 -3.83 36.77 -7.28
C ALA D 486 -2.96 37.40 -8.37
N VAL D 487 -3.58 37.84 -9.43
CA VAL D 487 -2.84 38.42 -10.58
C VAL D 487 -2.10 39.67 -10.10
N GLU D 488 -2.77 40.54 -9.36
CA GLU D 488 -2.09 41.73 -8.81
C GLU D 488 -0.81 41.27 -8.11
N ALA D 489 -0.88 40.17 -7.39
CA ALA D 489 0.31 39.64 -6.69
C ALA D 489 1.24 38.97 -7.70
N GLY D 490 0.87 38.89 -8.98
CA GLY D 490 1.70 38.17 -9.96
C GLY D 490 2.07 36.79 -9.44
N LEU D 491 1.08 36.03 -8.98
CA LEU D 491 1.26 34.60 -8.63
C LEU D 491 0.70 33.72 -9.74
N VAL D 492 -0.08 34.28 -10.65
CA VAL D 492 -0.67 33.52 -11.78
C VAL D 492 -0.60 34.41 -13.02
N GLU D 493 -0.30 33.78 -14.14
CA GLU D 493 -0.32 34.42 -15.47
C GLU D 493 -1.46 33.75 -16.22
N SER D 494 -1.90 34.35 -17.32
CA SER D 494 -3.06 33.84 -18.10
C SER D 494 -2.95 32.34 -18.32
N GLY D 495 -4.09 31.66 -18.25
CA GLY D 495 -4.19 30.23 -18.59
C GLY D 495 -3.82 29.33 -17.44
N ASP D 496 -3.17 29.86 -16.41
CA ASP D 496 -3.03 29.17 -15.11
C ASP D 496 -4.39 28.70 -14.59
N ASP D 497 -4.41 27.56 -13.92
CA ASP D 497 -5.63 27.05 -13.24
C ASP D 497 -5.49 27.28 -11.74
N ILE D 498 -6.52 27.86 -11.13
CA ILE D 498 -6.54 28.04 -9.66
C ILE D 498 -7.78 27.40 -9.06
N VAL D 499 -7.65 27.05 -7.80
CA VAL D 499 -8.76 26.57 -6.94
C VAL D 499 -9.11 27.70 -5.99
N ILE D 500 -10.31 28.23 -6.12
CA ILE D 500 -10.83 29.24 -5.18
C ILE D 500 -11.88 28.58 -4.29
N VAL D 501 -11.83 28.88 -3.00
CA VAL D 501 -12.87 28.46 -2.03
C VAL D 501 -13.41 29.68 -1.30
N ALA D 502 -14.67 29.61 -0.91
CA ALA D 502 -15.29 30.70 -0.12
C ALA D 502 -16.57 30.18 0.51
N GLY D 503 -17.10 30.98 1.41
CA GLY D 503 -18.49 30.80 1.87
C GLY D 503 -19.42 31.68 1.07
N VAL D 504 -20.30 31.09 0.26
CA VAL D 504 -21.16 31.87 -0.67
C VAL D 504 -22.59 31.41 -0.46
N PRO D 505 -23.59 32.29 -0.61
CA PRO D 505 -23.38 33.72 -0.82
C PRO D 505 -22.97 34.37 0.51
N VAL D 506 -22.07 35.34 0.45
CA VAL D 506 -21.76 36.15 1.64
C VAL D 506 -23.08 36.73 2.15
N GLY D 507 -23.36 36.52 3.41
CA GLY D 507 -24.71 36.75 3.95
C GLY D 507 -25.26 35.50 4.61
N GLU D 508 -25.49 34.43 3.87
CA GLU D 508 -26.14 33.22 4.44
C GLU D 508 -25.15 32.09 4.65
N ALA D 509 -23.85 32.26 4.39
CA ALA D 509 -22.94 31.10 4.22
C ALA D 509 -22.53 30.47 5.55
N VAL D 510 -22.03 31.22 6.52
CA VAL D 510 -21.69 30.62 7.85
C VAL D 510 -20.40 29.77 7.84
N ARG D 511 -20.00 29.18 6.72
CA ARG D 511 -18.62 28.63 6.64
C ARG D 511 -18.21 28.48 5.19
N THR D 512 -16.96 28.18 4.98
CA THR D 512 -16.50 27.83 3.62
C THR D 512 -17.34 26.64 3.16
N ASN D 513 -17.91 26.76 1.96
CA ASN D 513 -18.91 25.78 1.47
C ASN D 513 -18.81 25.58 -0.04
N THR D 514 -17.90 26.25 -0.72
CA THR D 514 -17.92 26.31 -2.20
C THR D 514 -16.48 26.17 -2.70
N MET D 515 -16.28 25.27 -3.64
CA MET D 515 -14.96 25.09 -4.25
C MET D 515 -15.16 25.35 -5.73
N ARG D 516 -14.24 26.10 -6.31
CA ARG D 516 -14.36 26.48 -7.72
C ARG D 516 -13.02 26.27 -8.39
N ILE D 517 -13.03 25.66 -9.56
CA ILE D 517 -11.82 25.57 -10.43
C ILE D 517 -11.98 26.60 -11.53
N ARG D 518 -11.01 27.50 -11.67
CA ARG D 518 -11.10 28.64 -12.60
C ARG D 518 -9.78 28.85 -13.32
N THR D 519 -9.85 29.15 -14.61
CA THR D 519 -8.65 29.45 -15.43
C THR D 519 -8.54 30.96 -15.61
N VAL D 520 -7.39 31.50 -15.32
CA VAL D 520 -7.23 32.97 -15.23
C VAL D 520 -7.32 33.55 -16.63
N ARG D 521 -8.03 34.66 -16.77
CA ARG D 521 -8.27 35.29 -18.09
C ARG D 521 -6.94 35.91 -18.51
P1 FBP E . 4.18 -32.96 10.90
O1P FBP E . 5.44 -33.78 10.80
O2P FBP E . 4.06 -31.97 9.79
O3P FBP E . 2.94 -33.80 11.08
O1 FBP E . 4.23 -32.07 12.25
C1 FBP E . 3.44 -32.35 13.43
C2 FBP E . 4.37 -31.73 14.45
O2 FBP E . 5.65 -31.87 13.81
C3 FBP E . 4.41 -32.31 15.86
O3 FBP E . 5.43 -33.28 16.05
C4 FBP E . 4.71 -31.08 16.70
O4 FBP E . 4.38 -31.28 18.06
C5 FBP E . 3.87 -30.04 15.99
O5 FBP E . 4.00 -30.37 14.62
C6 FBP E . 4.40 -28.66 16.24
O6 FBP E . 3.73 -27.74 15.38
P2 FBP E . 3.84 -26.17 15.70
O4P FBP E . 5.15 -25.78 15.04
O5P FBP E . 3.88 -25.85 17.18
O6P FBP E . 2.52 -25.63 15.15
P1 FBP F . -22.79 18.72 -18.64
O1P FBP F . -23.70 18.25 -19.75
O2P FBP F . -23.21 20.00 -17.93
O3P FBP F . -22.52 17.50 -17.78
O1 FBP F . -21.36 19.05 -19.28
C1 FBP F . -21.27 19.49 -20.63
C2 FBP F . -19.87 20.03 -20.77
O2 FBP F . -19.50 20.55 -19.48
C3 FBP F . -19.72 21.11 -21.82
O3 FBP F . -20.22 22.32 -21.30
C4 FBP F . -18.23 21.13 -22.04
O4 FBP F . -17.88 21.32 -23.40
C5 FBP F . -17.75 19.75 -21.63
O5 FBP F . -18.92 19.05 -21.19
C6 FBP F . -16.70 19.91 -20.57
O6 FBP F . -15.95 18.70 -20.48
P2 FBP F . -14.50 18.53 -19.82
O4P FBP F . -13.46 18.98 -20.80
O5P FBP F . -14.45 17.04 -19.62
O6P FBP F . -14.50 19.39 -18.56
P1 FBP G . 29.11 -18.09 0.58
O1P FBP G . 30.57 -17.80 0.47
O2P FBP G . 28.80 -19.30 1.44
O3P FBP G . 28.29 -16.89 0.98
O1 FBP G . 28.68 -18.39 -0.95
C1 FBP G . 29.56 -18.33 -2.07
C2 FBP G . 28.69 -18.78 -3.22
O2 FBP G . 27.78 -19.76 -2.68
C3 FBP G . 29.35 -19.35 -4.47
O3 FBP G . 29.45 -20.76 -4.45
C4 FBP G . 28.38 -18.99 -5.57
O4 FBP G . 29.04 -18.58 -6.77
C5 FBP G . 27.56 -17.84 -5.01
O5 FBP G . 28.01 -17.63 -3.67
C6 FBP G . 26.09 -18.19 -4.98
O6 FBP G . 25.60 -17.81 -6.26
P2 FBP G . 24.17 -17.08 -6.32
O4P FBP G . 23.73 -17.10 -7.78
O5P FBP G . 24.41 -15.69 -5.75
O6P FBP G . 23.40 -18.03 -5.43
P1 FBP H . -13.03 31.38 7.92
O1P FBP H . -12.15 30.38 7.21
O2P FBP H . -13.76 32.21 6.90
O3P FBP H . -12.34 32.13 9.04
O1 FBP H . -14.07 30.46 8.72
C1 FBP H . -14.60 30.91 9.97
C2 FBP H . -15.74 29.96 10.21
O2 FBP H . -16.32 29.73 8.95
C3 FBP H . -16.83 30.40 11.14
O3 FBP H . -17.83 31.18 10.57
C4 FBP H . -17.50 29.08 11.37
O4 FBP H . -18.27 29.14 12.56
C5 FBP H . -16.36 28.09 11.40
O5 FBP H . -15.26 28.73 10.75
C6 FBP H . -16.76 26.82 10.70
O6 FBP H . -15.71 25.86 10.83
P2 FBP H . -16.06 24.30 10.75
O4P FBP H . -16.34 23.98 9.28
O5P FBP H . -17.32 24.13 11.58
O6P FBP H . -14.84 23.68 11.34
#